data_6XNZ
#
_entry.id   6XNZ
#
_cell.length_a   1.00
_cell.length_b   1.00
_cell.length_c   1.00
_cell.angle_alpha   90.00
_cell.angle_beta   90.00
_cell.angle_gamma   90.00
#
_symmetry.space_group_name_H-M   'P 1'
#
loop_
_entity.id
_entity.type
_entity.pdbx_description
1 polymer 'V(D)J recombination-activating protein 1'
2 polymer 'V(D)J recombination-activating protein 2'
3 polymer 'Target DNA top strand (37-mer)'
4 polymer 'Target DNA bottom strand (37-mer)'
5 polymer '12RSS integration strand (34-mer)'
6 polymer '12RSS non-integration strand (34-mer)'
7 polymer '23RSS integration strand (45-mer)'
8 polymer '23RSS non-integration strand (45-mer)'
9 non-polymer 'ZINC ION'
#
loop_
_entity_poly.entity_id
_entity_poly.type
_entity_poly.pdbx_seq_one_letter_code
_entity_poly.pdbx_strand_id
1 'polypeptide(L)'
;GPKKISNCSKIHLSTKLLAVDFPAHFVKSISCQICEHILADPVETSCKHLFCRICILRCLKVMGSYCPSCRYPCFPTDLE
SPVKSFLNILNSLMVKCPAQDCNEEVSLEKYNHHVSSHKESKETLVHINKGGRPRQHLLSLTRRAQKHRLRELKIQVKEF
ADKEEGGDVKAVCLTLFLLALRARNEHRQADELEAIMQGRGSGLQPAVCLAIRVNTFLSCSQYHKMYRTVKAITGRQIFQ
PLHALRNAEKVLLPGYHPFEWQPPLKNVSSRTDVGIIDGLSGLASSVDEYPVDTIAKRFRYDSALVSALMDMEEDILEGM
RSQDLDDYLNGPFTVVVKESCDGMGDVSEKHGSGPAVPEKAVRFSFTVMRITIEHGSQNVKVFEEPKPNSVLCCKPLCLM
LADESDHETLTAILSPLIAEREAMKSSELTLEMGGIPRTFKFIFRGTGYDEKLVREVEGLEASGSVYICTLCDTTRLEAS
QNLVFHSITRSHAENLQRYEVWRSNPYHESVEELRDRVKGVSAKPFIETVPSIDALHCDIGNAAEFYKIFQLEIGEVYKH
PNASKEERKRWQATLDKHLRKRMNLKPIMMMNGNFARKLMTQETVDAVCELIPSEERHEALRELMDLYLKMKPVWRSSCP
AKECPESLCQYSFNSQRFAELLSTKFKYRYEGKITNYFHKTLAHVPEIIERDGSIGAWASEGNESGNKLFRRFRKMNARQ
SKCYEMEDVLKHHWLYTSKYLQKFMNAHNA
;
A,C
2 'polypeptide(L)'
;GPMALQMVTVGHNIALIQPGFSLMNFDGQVFFFGQKGWPKRSCPTGVFHFDIKQNHLKLKPAIFSKDSCYLPPLRYPATC
SYKGSIDSDKHQYIIHGGKTPNNELSDKIYIMSVACKNNKKVTFRCTEKDLVGDVPEPRYGHSIDVVYSRGKSMGVLFGG
RSYMPSTQRTTEKWNSVADCLPHVFLIDFEFGCATSYILPELQDGLSFHVSIARNDTVYILGGHSLASNIRPANLYRIRV
DLPLGTPAVNCTVLPGGISVSSAILTQTNNDEFVIVGGYQLENQKRMVCSLVSLGDNTIEISEMETPDWTSDIKHSKIWF
GSNMGNGTIFLGIPGDNKQAMSEAFYFYTLRCSEEDLSEDQKI
;
B,D
3 'polydeoxyribonucleotide'
;(DC)(DT)(DC)(DA)(DG)(DG)(DA)(DT)(DA)(DG)(DG)(DG)(DC)(DT)(DA)(DC)(DC)(DG)(DC)(DC)
(DG)(DG)(DT)(DA)(DG)(DC)(DC)(DC)(DT)(DA)(DT)(DC)(DC)(DT)(DG)(DA)(DG)
;
I
4 'polydeoxyribonucleotide'
;(DC)(DT)(DC)(DA)(DG)(DG)(DA)(DT)(DA)(DG)(DG)(DG)(DC)(DT)(DA)(DC)(DC)(DG)(DG)(DC)
(DG)(DG)(DT)(DA)(DG)(DC)(DC)(DC)(DT)(DA)(DT)(DC)(DC)(DT)(DG)(DA)(DG)
;
J
5 'polydeoxyribonucleotide'
;(DG)(DG)(DT)(DC)(DG)(DA)(DG)(DG)(DT)(DT)(DT)(DT)(DT)(DG)(DT)(DA)(DC)(DA)(DG)(DC)
(DC)(DT)(DA)(DC)(DT)(DA)(DC)(DC)(DA)(DC)(DT)(DG)(DT)(DG)
;
x
6 'polydeoxyribonucleotide'
;(DC)(DA)(DC)(DA)(DG)(DT)(DG)(DG)(DT)(DA)(DG)(DT)(DA)(DG)(DG)(DC)(DT)(DG)(DT)(DA)
(DC)(DA)(DA)(DA)(DA)(DA)(DC)(DC)(DT)(DC)(DG)(DA)(DC)(DC)
;
M
7 'polydeoxyribonucleotide'
;(DG)(DG)(DT)(DC)(DG)(DA)(DG)(DG)(DT)(DT)(DT)(DT)(DT)(DG)(DT)(DA)(DC)(DA)(DG)(DC)
(DC)(DA)(DG)(DA)(DC)(DA)(DA)(DC)(DA)(DG)(DC)(DC)(DT)(DA)(DC)(DT)(DA)(DC)(DC)(DA)
(DC)(DT)(DG)(DT)(DG)
;
y
8 'polydeoxyribonucleotide'
;(DC)(DA)(DC)(DA)(DG)(DT)(DG)(DG)(DT)(DA)(DG)(DT)(DA)(DG)(DG)(DC)(DT)(DG)(DT)(DT)
(DG)(DT)(DC)(DT)(DG)(DG)(DC)(DT)(DG)(DT)(DA)(DC)(DA)(DA)(DA)(DA)(DA)(DC)(DC)(DT)
(DC)(DG)(DA)(DC)(DC)
;
L
#
loop_
_chem_comp.id
_chem_comp.type
_chem_comp.name
_chem_comp.formula
DA DNA linking 2'-DEOXYADENOSINE-5'-MONOPHOSPHATE 'C10 H14 N5 O6 P'
DC DNA linking 2'-DEOXYCYTIDINE-5'-MONOPHOSPHATE 'C9 H14 N3 O7 P'
DG DNA linking 2'-DEOXYGUANOSINE-5'-MONOPHOSPHATE 'C10 H14 N5 O7 P'
DT DNA linking THYMIDINE-5'-MONOPHOSPHATE 'C10 H15 N2 O8 P'
ZN non-polymer 'ZINC ION' 'Zn 2'
#
# COMPACT_ATOMS: atom_id res chain seq x y z
N GLY A 201 -31.29 31.84 -21.70
CA GLY A 201 -31.05 30.40 -21.63
C GLY A 201 -29.62 30.04 -22.00
N SER A 202 -28.92 29.38 -21.08
CA SER A 202 -27.54 28.95 -21.29
C SER A 202 -27.39 27.49 -20.91
N GLY A 203 -28.46 26.71 -21.09
CA GLY A 203 -28.43 25.29 -20.81
C GLY A 203 -27.57 24.57 -21.82
N LEU A 204 -26.48 23.99 -21.34
CA LEU A 204 -25.58 23.24 -22.22
C LEU A 204 -26.30 22.06 -22.84
N GLN A 205 -25.73 21.55 -23.92
CA GLN A 205 -26.15 20.27 -24.45
C GLN A 205 -25.71 19.17 -23.49
N PRO A 206 -26.60 18.26 -23.11
CA PRO A 206 -26.22 17.26 -22.10
C PRO A 206 -24.97 16.49 -22.45
N ALA A 207 -24.70 16.24 -23.74
CA ALA A 207 -23.48 15.58 -24.14
C ALA A 207 -22.29 16.53 -24.23
N VAL A 208 -22.52 17.84 -24.23
CA VAL A 208 -21.43 18.78 -23.98
C VAL A 208 -20.92 18.60 -22.56
N CYS A 209 -21.83 18.49 -21.61
CA CYS A 209 -21.46 17.86 -20.36
C CYS A 209 -21.40 16.35 -20.59
N LEU A 210 -20.99 15.62 -19.55
CA LEU A 210 -20.51 14.25 -19.69
C LEU A 210 -19.12 14.27 -20.30
N ALA A 211 -18.66 15.46 -20.70
CA ALA A 211 -17.30 15.70 -21.10
C ALA A 211 -16.66 16.79 -20.24
N ILE A 212 -17.46 17.46 -19.43
CA ILE A 212 -16.97 18.23 -18.30
C ILE A 212 -17.16 17.45 -17.00
N ARG A 213 -17.40 16.15 -17.10
CA ARG A 213 -17.44 15.25 -15.95
C ARG A 213 -16.45 14.12 -16.09
N VAL A 214 -16.41 13.45 -17.23
CA VAL A 214 -15.56 12.27 -17.41
C VAL A 214 -14.26 12.73 -18.07
N ASN A 215 -14.02 14.03 -18.07
CA ASN A 215 -12.75 14.58 -18.51
C ASN A 215 -12.20 15.59 -17.52
N THR A 216 -12.97 15.97 -16.51
CA THR A 216 -12.47 16.62 -15.31
C THR A 216 -12.54 15.69 -14.11
N PHE A 217 -12.82 14.41 -14.34
CA PHE A 217 -12.78 13.36 -13.33
C PHE A 217 -13.88 13.49 -12.29
N LEU A 218 -14.85 14.38 -12.50
CA LEU A 218 -15.91 14.55 -11.52
C LEU A 218 -16.68 13.25 -11.33
N SER A 219 -17.40 13.19 -10.22
CA SER A 219 -18.23 12.05 -9.87
C SER A 219 -19.70 12.44 -9.94
N CYS A 220 -20.52 11.54 -10.46
CA CYS A 220 -21.93 11.82 -10.71
C CYS A 220 -22.58 12.62 -9.59
N SER A 221 -22.47 12.13 -8.35
CA SER A 221 -23.09 12.85 -7.24
C SER A 221 -22.40 14.19 -7.02
N GLN A 222 -21.10 14.26 -7.28
CA GLN A 222 -20.40 15.53 -7.14
C GLN A 222 -20.83 16.49 -8.25
N TYR A 223 -21.01 15.97 -9.45
CA TYR A 223 -21.52 16.86 -10.51
C TYR A 223 -22.95 17.31 -10.18
N HIS A 224 -23.77 16.47 -9.52
CA HIS A 224 -25.10 16.92 -9.13
C HIS A 224 -25.03 17.97 -8.03
N LYS A 225 -24.02 17.89 -7.16
CA LYS A 225 -23.78 18.99 -6.23
C LYS A 225 -23.51 20.28 -7.00
N MET A 226 -22.53 20.25 -7.89
CA MET A 226 -22.24 21.40 -8.74
C MET A 226 -23.51 21.92 -9.40
N TYR A 227 -24.32 21.00 -9.91
CA TYR A 227 -25.53 21.35 -10.63
C TYR A 227 -26.51 22.10 -9.74
N ARG A 228 -26.96 21.44 -8.66
CA ARG A 228 -27.82 22.10 -7.68
C ARG A 228 -27.28 23.48 -7.33
N THR A 229 -25.97 23.58 -7.09
CA THR A 229 -25.41 24.79 -6.53
C THR A 229 -25.46 25.93 -7.54
N VAL A 230 -24.80 25.75 -8.68
CA VAL A 230 -24.84 26.78 -9.72
C VAL A 230 -26.28 27.12 -10.09
N LYS A 231 -27.16 26.11 -10.09
CA LYS A 231 -28.54 26.32 -10.51
C LYS A 231 -29.26 27.26 -9.55
N ALA A 232 -29.29 26.91 -8.27
CA ALA A 232 -29.99 27.76 -7.30
C ALA A 232 -29.19 28.99 -6.92
N ILE A 233 -27.99 29.16 -7.45
CA ILE A 233 -27.27 30.42 -7.29
C ILE A 233 -27.61 31.41 -8.39
N THR A 234 -27.53 30.97 -9.65
CA THR A 234 -27.83 31.81 -10.80
C THR A 234 -29.21 31.52 -11.39
N GLY A 235 -29.91 30.53 -10.86
CA GLY A 235 -31.25 30.22 -11.34
C GLY A 235 -31.27 29.37 -12.58
N ARG A 236 -30.30 29.58 -13.46
CA ARG A 236 -30.33 28.94 -14.78
C ARG A 236 -29.81 27.52 -14.71
N GLN A 237 -30.45 26.63 -15.46
CA GLN A 237 -29.99 25.24 -15.60
C GLN A 237 -28.90 25.23 -16.65
N ILE A 238 -27.75 25.82 -16.29
CA ILE A 238 -26.63 25.89 -17.21
C ILE A 238 -26.17 24.48 -17.59
N PHE A 239 -25.73 23.72 -16.61
CA PHE A 239 -25.41 22.32 -16.83
C PHE A 239 -26.71 21.53 -16.96
N GLN A 240 -26.58 20.23 -17.21
CA GLN A 240 -27.74 19.39 -17.41
C GLN A 240 -27.84 18.36 -16.30
N PRO A 241 -29.03 18.14 -15.73
CA PRO A 241 -29.12 17.32 -14.52
C PRO A 241 -28.56 15.93 -14.74
N LEU A 242 -28.28 15.26 -13.62
CA LEU A 242 -27.60 13.97 -13.67
C LEU A 242 -28.28 13.01 -14.64
N HIS A 243 -29.62 12.95 -14.58
CA HIS A 243 -30.34 12.02 -15.45
C HIS A 243 -30.14 12.39 -16.91
N ALA A 244 -29.89 13.67 -17.19
CA ALA A 244 -29.58 14.06 -18.57
C ALA A 244 -28.27 13.42 -19.02
N LEU A 245 -27.23 13.52 -18.19
CA LEU A 245 -25.96 12.87 -18.51
C LEU A 245 -26.16 11.38 -18.68
N ARG A 246 -26.95 10.76 -17.82
CA ARG A 246 -27.18 9.33 -17.91
C ARG A 246 -27.83 8.97 -19.25
N ASN A 247 -28.94 9.65 -19.57
CA ASN A 247 -29.64 9.39 -20.83
C ASN A 247 -28.77 9.69 -22.02
N ALA A 248 -27.80 10.60 -21.89
CA ALA A 248 -26.89 10.89 -22.99
C ALA A 248 -25.88 9.76 -23.15
N GLU A 249 -25.09 9.51 -22.10
CA GLU A 249 -24.09 8.44 -22.17
C GLU A 249 -24.71 7.12 -22.60
N LYS A 250 -25.98 6.89 -22.32
CA LYS A 250 -26.61 5.65 -22.77
C LYS A 250 -26.41 5.43 -24.27
N VAL A 251 -26.09 6.48 -25.02
CA VAL A 251 -25.82 6.33 -26.45
C VAL A 251 -24.33 6.17 -26.73
N LEU A 252 -23.46 6.83 -25.96
CA LEU A 252 -22.03 6.69 -26.14
C LEU A 252 -21.53 5.31 -25.76
N LEU A 253 -22.17 4.68 -24.77
CA LEU A 253 -21.81 3.34 -24.39
C LEU A 253 -21.98 2.39 -25.56
N PRO A 254 -21.47 1.17 -25.43
CA PRO A 254 -21.69 0.17 -26.47
C PRO A 254 -23.14 -0.29 -26.50
N GLY A 255 -23.53 -0.85 -27.64
CA GLY A 255 -24.86 -1.36 -27.82
C GLY A 255 -25.89 -0.27 -28.00
N TYR A 256 -25.60 0.69 -28.87
CA TYR A 256 -26.58 1.69 -29.28
C TYR A 256 -26.59 1.96 -30.76
N HIS A 257 -25.50 1.67 -31.48
CA HIS A 257 -25.40 1.96 -32.89
C HIS A 257 -25.35 0.65 -33.66
N PRO A 258 -26.44 0.24 -34.32
CA PRO A 258 -26.49 -1.11 -34.89
C PRO A 258 -25.45 -1.30 -35.98
N PHE A 259 -25.33 -2.55 -36.40
CA PHE A 259 -24.29 -2.93 -37.37
C PHE A 259 -24.63 -4.33 -37.89
N GLU A 260 -23.70 -4.91 -38.63
CA GLU A 260 -23.90 -6.17 -39.34
C GLU A 260 -22.53 -6.63 -39.82
N TRP A 261 -22.45 -7.90 -40.22
CA TRP A 261 -21.17 -8.52 -40.54
C TRP A 261 -21.33 -9.34 -41.82
N GLN A 262 -20.79 -8.83 -42.92
CA GLN A 262 -20.88 -9.53 -44.19
C GLN A 262 -20.52 -11.00 -44.07
N PRO A 263 -19.35 -11.40 -43.56
CA PRO A 263 -19.22 -12.71 -42.95
C PRO A 263 -19.86 -12.69 -41.57
N PRO A 264 -20.70 -13.68 -41.25
CA PRO A 264 -21.44 -13.61 -39.98
C PRO A 264 -20.51 -13.74 -38.79
N LEU A 265 -21.01 -13.27 -37.64
CA LEU A 265 -20.28 -13.42 -36.39
C LEU A 265 -20.47 -14.85 -35.88
N LYS A 266 -19.39 -15.63 -35.89
CA LYS A 266 -19.47 -17.01 -35.45
C LYS A 266 -19.40 -17.07 -33.92
N ASN A 267 -20.29 -17.87 -33.34
CA ASN A 267 -20.35 -18.04 -31.88
C ASN A 267 -20.64 -16.72 -31.18
N VAL A 268 -21.49 -15.89 -31.77
CA VAL A 268 -21.89 -14.62 -31.17
C VAL A 268 -23.38 -14.41 -31.43
N SER A 269 -24.03 -13.66 -30.55
CA SER A 269 -25.41 -13.27 -30.74
C SER A 269 -25.47 -11.95 -31.49
N SER A 270 -26.42 -11.83 -32.41
CA SER A 270 -26.51 -10.64 -33.24
C SER A 270 -27.02 -9.42 -32.48
N ARG A 271 -27.38 -9.58 -31.20
CA ARG A 271 -27.90 -8.46 -30.44
C ARG A 271 -26.91 -7.29 -30.47
N THR A 272 -27.45 -6.08 -30.31
CA THR A 272 -26.66 -4.86 -30.46
C THR A 272 -27.01 -3.83 -29.38
N ASP A 273 -27.51 -4.27 -28.24
CA ASP A 273 -27.74 -3.43 -27.08
C ASP A 273 -27.11 -4.06 -25.85
N VAL A 274 -25.88 -4.56 -26.02
CA VAL A 274 -25.15 -5.24 -24.97
C VAL A 274 -24.42 -4.15 -24.18
N GLY A 275 -25.12 -3.60 -23.18
CA GLY A 275 -24.54 -2.52 -22.41
C GLY A 275 -23.28 -2.92 -21.67
N ILE A 276 -23.44 -3.74 -20.63
CA ILE A 276 -22.29 -4.22 -19.86
C ILE A 276 -22.49 -5.69 -19.52
N ILE A 277 -21.82 -6.57 -20.25
CA ILE A 277 -21.91 -7.99 -19.98
C ILE A 277 -21.17 -8.30 -18.69
N ASP A 278 -21.81 -9.04 -17.79
CA ASP A 278 -21.07 -9.61 -16.68
C ASP A 278 -19.84 -10.32 -17.22
N GLY A 279 -18.66 -9.83 -16.84
CA GLY A 279 -17.43 -10.37 -17.39
C GLY A 279 -17.35 -11.87 -17.24
N LEU A 280 -18.02 -12.41 -16.22
CA LEU A 280 -18.13 -13.86 -16.07
C LEU A 280 -18.62 -14.50 -17.36
N SER A 281 -19.36 -13.75 -18.18
CA SER A 281 -19.90 -14.26 -19.43
C SER A 281 -20.77 -15.50 -19.16
N GLY A 282 -21.76 -15.32 -18.29
CA GLY A 282 -22.61 -16.41 -17.90
C GLY A 282 -21.87 -17.58 -17.27
N LEU A 283 -20.68 -17.34 -16.73
CA LEU A 283 -19.93 -18.41 -16.09
C LEU A 283 -20.67 -18.93 -14.87
N ALA A 284 -20.57 -20.25 -14.66
CA ALA A 284 -21.31 -20.90 -13.59
C ALA A 284 -20.87 -20.37 -12.23
N SER A 285 -21.81 -20.35 -11.29
CA SER A 285 -21.54 -19.94 -9.92
C SER A 285 -21.82 -21.06 -8.92
N SER A 286 -22.35 -22.19 -9.38
CA SER A 286 -22.58 -23.33 -8.49
C SER A 286 -21.26 -23.77 -7.88
N VAL A 287 -21.20 -23.76 -6.54
CA VAL A 287 -20.01 -24.17 -5.82
C VAL A 287 -19.53 -25.52 -6.36
N ASP A 288 -20.48 -26.34 -6.82
CA ASP A 288 -20.09 -27.56 -7.52
C ASP A 288 -19.03 -27.25 -8.58
N GLU A 289 -19.23 -26.18 -9.33
CA GLU A 289 -18.26 -25.75 -10.32
C GLU A 289 -17.16 -24.94 -9.63
N TYR A 290 -16.10 -24.67 -10.38
CA TYR A 290 -14.98 -23.90 -9.87
C TYR A 290 -15.48 -22.67 -9.12
N PRO A 291 -14.92 -22.34 -7.96
CA PRO A 291 -15.33 -21.10 -7.28
C PRO A 291 -14.71 -19.88 -7.92
N VAL A 292 -15.50 -19.10 -8.65
CA VAL A 292 -15.01 -17.94 -9.37
C VAL A 292 -15.22 -16.72 -8.48
N ASP A 293 -14.17 -16.31 -7.80
CA ASP A 293 -14.20 -15.11 -6.97
C ASP A 293 -13.62 -13.94 -7.76
N THR A 294 -14.36 -13.56 -8.79
CA THR A 294 -13.98 -12.44 -9.65
C THR A 294 -15.26 -11.78 -10.15
N ILE A 295 -15.65 -10.68 -9.51
CA ILE A 295 -16.80 -9.91 -9.97
C ILE A 295 -16.38 -9.15 -11.21
N ALA A 296 -16.75 -9.67 -12.37
CA ALA A 296 -16.26 -9.21 -13.65
C ALA A 296 -17.30 -8.34 -14.35
N LYS A 297 -16.83 -7.57 -15.33
CA LYS A 297 -17.70 -6.75 -16.16
C LYS A 297 -17.02 -6.54 -17.51
N ARG A 298 -17.73 -6.93 -18.57
CA ARG A 298 -17.18 -6.94 -19.91
C ARG A 298 -18.11 -6.20 -20.86
N PHE A 299 -17.56 -5.23 -21.60
CA PHE A 299 -18.22 -4.74 -22.79
C PHE A 299 -18.10 -5.80 -23.87
N ARG A 300 -19.15 -5.98 -24.67
CA ARG A 300 -19.07 -7.01 -25.68
C ARG A 300 -18.15 -6.56 -26.80
N TYR A 301 -17.01 -7.23 -26.90
CA TYR A 301 -16.14 -7.04 -28.04
C TYR A 301 -16.93 -7.27 -29.31
N ASP A 302 -16.81 -6.35 -30.26
CA ASP A 302 -17.66 -6.16 -31.43
C ASP A 302 -18.90 -5.34 -31.12
N SER A 303 -19.07 -4.90 -29.87
CA SER A 303 -20.02 -3.85 -29.55
C SER A 303 -19.34 -2.64 -28.95
N ALA A 304 -18.17 -2.82 -28.33
CA ALA A 304 -17.34 -1.70 -27.94
C ALA A 304 -16.66 -1.04 -29.13
N LEU A 305 -16.18 -1.84 -30.09
CA LEU A 305 -15.64 -1.26 -31.31
C LEU A 305 -16.59 -0.23 -31.89
N VAL A 306 -17.80 -0.67 -32.24
CA VAL A 306 -18.76 0.22 -32.90
C VAL A 306 -18.98 1.49 -32.10
N SER A 307 -18.91 1.41 -30.78
CA SER A 307 -19.13 2.60 -29.97
C SER A 307 -17.97 3.59 -30.13
N ALA A 308 -16.74 3.09 -30.19
CA ALA A 308 -15.61 3.98 -30.39
C ALA A 308 -15.59 4.54 -31.81
N LEU A 309 -16.06 3.76 -32.77
CA LEU A 309 -16.05 4.24 -34.16
C LEU A 309 -17.15 5.26 -34.40
N MET A 310 -18.40 4.92 -34.10
CA MET A 310 -19.46 5.93 -34.08
C MET A 310 -19.08 7.10 -33.19
N ASP A 311 -18.13 6.94 -32.26
CA ASP A 311 -17.65 8.14 -31.50
C ASP A 311 -16.44 8.73 -32.23
N MET A 312 -15.60 7.89 -32.87
CA MET A 312 -14.54 8.41 -33.69
C MET A 312 -14.99 8.71 -35.12
N GLU A 313 -16.23 8.40 -35.45
CA GLU A 313 -16.74 8.76 -36.78
C GLU A 313 -16.49 10.22 -37.07
N GLU A 314 -16.71 11.10 -36.09
CA GLU A 314 -16.26 12.48 -36.23
C GLU A 314 -14.85 12.54 -36.78
N ASP A 315 -13.92 11.82 -36.15
CA ASP A 315 -12.51 11.96 -36.50
C ASP A 315 -12.19 11.29 -37.82
N ILE A 316 -12.73 10.10 -38.06
CA ILE A 316 -12.52 9.44 -39.35
C ILE A 316 -12.98 10.33 -40.48
N LEU A 317 -14.16 10.93 -40.32
CA LEU A 317 -14.68 11.84 -41.33
C LEU A 317 -13.77 13.05 -41.50
N GLU A 318 -13.38 13.68 -40.39
CA GLU A 318 -12.50 14.84 -40.49
C GLU A 318 -11.19 14.50 -41.18
N GLY A 319 -10.69 13.29 -40.97
CA GLY A 319 -9.42 12.90 -41.56
C GLY A 319 -9.55 12.62 -43.04
N MET A 320 -10.57 11.87 -43.42
CA MET A 320 -10.78 11.58 -44.84
C MET A 320 -11.17 12.83 -45.60
N ARG A 321 -11.73 13.83 -44.91
CA ARG A 321 -11.99 15.12 -45.52
C ARG A 321 -10.69 15.89 -45.72
N SER A 322 -9.96 16.14 -44.63
CA SER A 322 -8.65 16.76 -44.73
C SER A 322 -7.68 15.96 -45.58
N GLN A 323 -8.02 14.72 -45.91
CA GLN A 323 -7.28 13.93 -46.88
C GLN A 323 -7.95 13.95 -48.25
N ASP A 324 -8.93 14.83 -48.44
CA ASP A 324 -9.54 15.06 -49.75
C ASP A 324 -10.42 13.89 -50.18
N LEU A 325 -10.49 12.84 -49.36
CA LEU A 325 -11.30 11.68 -49.73
C LEU A 325 -12.78 11.97 -49.55
N ASP A 326 -13.60 11.25 -50.31
CA ASP A 326 -15.05 11.47 -50.29
C ASP A 326 -15.61 11.10 -48.93
N ASP A 327 -16.07 12.12 -48.18
CA ASP A 327 -16.63 11.90 -46.86
C ASP A 327 -17.83 10.98 -46.86
N TYR A 328 -18.36 10.62 -48.03
CA TYR A 328 -19.50 9.72 -48.15
C TYR A 328 -19.08 8.37 -48.71
N LEU A 329 -17.90 7.90 -48.30
CA LEU A 329 -17.33 6.67 -48.82
C LEU A 329 -17.85 5.48 -48.03
N ASN A 330 -18.41 4.49 -48.75
CA ASN A 330 -18.88 3.25 -48.17
C ASN A 330 -17.84 2.14 -48.25
N GLY A 331 -16.57 2.49 -48.19
CA GLY A 331 -15.51 1.58 -48.55
C GLY A 331 -15.06 0.67 -47.42
N PRO A 332 -14.45 -0.47 -47.77
CA PRO A 332 -14.01 -1.44 -46.77
C PRO A 332 -12.72 -0.98 -46.09
N PHE A 333 -12.84 -0.59 -44.83
CA PHE A 333 -11.68 -0.14 -44.09
C PHE A 333 -10.93 -1.36 -43.54
N THR A 334 -9.93 -1.09 -42.70
CA THR A 334 -9.20 -2.13 -41.98
C THR A 334 -8.65 -1.44 -40.73
N VAL A 335 -9.22 -1.77 -39.60
CA VAL A 335 -8.85 -1.08 -38.37
C VAL A 335 -7.78 -1.88 -37.64
N VAL A 336 -6.81 -1.16 -37.09
CA VAL A 336 -5.77 -1.75 -36.28
C VAL A 336 -6.01 -1.29 -34.85
N VAL A 337 -6.31 -2.25 -33.98
CA VAL A 337 -6.69 -2.03 -32.60
C VAL A 337 -5.61 -2.67 -31.74
N LYS A 338 -5.30 -2.02 -30.62
CA LYS A 338 -4.28 -2.50 -29.70
C LYS A 338 -4.96 -2.95 -28.42
N GLU A 339 -4.99 -4.25 -28.19
CA GLU A 339 -5.41 -4.81 -26.92
C GLU A 339 -4.25 -4.66 -25.93
N SER A 340 -4.63 -4.23 -24.74
CA SER A 340 -3.63 -4.07 -23.68
C SER A 340 -4.20 -4.76 -22.45
N CYS A 341 -3.95 -6.06 -22.30
CA CYS A 341 -4.36 -6.84 -21.14
C CYS A 341 -3.35 -6.62 -20.04
N ASP A 342 -3.69 -5.76 -19.09
CA ASP A 342 -2.83 -5.55 -17.93
C ASP A 342 -3.27 -6.44 -16.77
N GLY A 343 -2.33 -6.66 -15.84
CA GLY A 343 -2.56 -7.49 -14.67
C GLY A 343 -2.43 -6.73 -13.36
N MET A 344 -3.04 -5.55 -13.28
CA MET A 344 -2.88 -4.69 -12.11
C MET A 344 -3.15 -5.47 -10.82
N GLY A 345 -2.56 -5.00 -9.73
CA GLY A 345 -2.77 -5.58 -8.42
C GLY A 345 -3.03 -4.52 -7.37
N ASP A 346 -3.08 -4.98 -6.12
CA ASP A 346 -3.20 -4.14 -4.93
C ASP A 346 -4.24 -3.05 -5.12
N VAL A 347 -5.44 -3.45 -5.56
CA VAL A 347 -6.53 -2.49 -5.72
C VAL A 347 -7.31 -2.37 -4.41
N SER A 348 -8.00 -3.43 -4.00
CA SER A 348 -8.75 -3.44 -2.75
C SER A 348 -9.51 -4.75 -2.64
N GLU A 349 -10.21 -4.91 -1.51
CA GLU A 349 -11.23 -5.93 -1.33
C GLU A 349 -12.39 -5.23 -0.62
N LYS A 350 -13.34 -4.76 -1.41
CA LYS A 350 -14.46 -4.04 -0.85
C LYS A 350 -15.38 -5.03 -0.14
N HIS A 351 -15.92 -4.59 0.99
CA HIS A 351 -16.79 -5.48 1.75
C HIS A 351 -17.92 -5.91 0.83
N GLY A 352 -17.93 -7.18 0.47
CA GLY A 352 -18.68 -7.66 -0.68
C GLY A 352 -19.97 -8.37 -0.28
N SER A 353 -20.95 -8.28 -1.18
CA SER A 353 -22.18 -9.04 -1.03
C SER A 353 -21.90 -10.50 -1.38
N GLY A 354 -21.10 -11.16 -0.55
CA GLY A 354 -20.68 -12.52 -0.77
C GLY A 354 -19.30 -12.71 -1.42
N PRO A 355 -19.15 -12.41 -2.71
CA PRO A 355 -17.90 -12.74 -3.39
C PRO A 355 -16.68 -12.21 -2.67
N ALA A 356 -15.56 -12.93 -2.83
CA ALA A 356 -14.28 -12.56 -2.21
C ALA A 356 -13.20 -12.58 -3.28
N VAL A 357 -13.09 -11.49 -4.02
CA VAL A 357 -12.18 -11.43 -5.17
C VAL A 357 -10.77 -11.17 -4.70
N PRO A 358 -9.75 -11.69 -5.37
CA PRO A 358 -8.38 -11.31 -5.04
C PRO A 358 -8.20 -9.80 -5.15
N GLU A 359 -7.41 -9.23 -4.26
CA GLU A 359 -7.19 -7.79 -4.28
C GLU A 359 -6.32 -7.44 -5.47
N LYS A 360 -6.81 -7.74 -6.66
CA LYS A 360 -6.06 -7.43 -7.89
C LYS A 360 -7.12 -7.20 -8.96
N ALA A 361 -6.69 -6.86 -10.17
CA ALA A 361 -7.61 -6.66 -11.29
C ALA A 361 -6.82 -6.76 -12.58
N VAL A 362 -7.22 -7.67 -13.44
CA VAL A 362 -6.83 -7.60 -14.84
C VAL A 362 -7.60 -6.46 -15.46
N ARG A 363 -7.09 -5.96 -16.60
CA ARG A 363 -7.80 -4.87 -17.32
C ARG A 363 -7.57 -5.02 -18.83
N PHE A 364 -8.39 -5.81 -19.55
CA PHE A 364 -8.31 -5.86 -20.99
C PHE A 364 -8.81 -4.53 -21.55
N SER A 365 -8.17 -4.07 -22.61
CA SER A 365 -8.45 -2.73 -23.11
C SER A 365 -8.05 -2.64 -24.57
N PHE A 366 -9.02 -2.46 -25.44
CA PHE A 366 -8.78 -2.29 -26.86
C PHE A 366 -8.58 -0.81 -27.16
N THR A 367 -7.44 -0.49 -27.75
CA THR A 367 -7.11 0.87 -28.15
C THR A 367 -7.04 0.88 -29.67
N VAL A 368 -7.88 1.71 -30.29
CA VAL A 368 -8.02 1.69 -31.73
C VAL A 368 -6.95 2.59 -32.32
N MET A 369 -5.76 2.01 -32.53
CA MET A 369 -4.61 2.79 -32.98
C MET A 369 -4.92 3.50 -34.29
N ARG A 370 -5.33 2.76 -35.31
CA ARG A 370 -5.56 3.35 -36.62
C ARG A 370 -6.78 2.74 -37.29
N ILE A 371 -7.27 3.47 -38.29
CA ILE A 371 -8.38 3.05 -39.12
C ILE A 371 -7.94 3.30 -40.55
N THR A 372 -7.91 2.25 -41.36
CA THR A 372 -7.22 2.30 -42.64
C THR A 372 -8.16 1.95 -43.78
N ILE A 373 -7.67 2.12 -45.00
CA ILE A 373 -8.36 1.63 -46.19
C ILE A 373 -7.37 1.62 -47.35
N GLU A 374 -7.45 0.59 -48.18
CA GLU A 374 -6.57 0.49 -49.35
C GLU A 374 -7.23 1.27 -50.49
N HIS A 375 -6.90 2.55 -50.58
CA HIS A 375 -7.47 3.45 -51.58
C HIS A 375 -6.65 3.31 -52.86
N GLY A 376 -7.13 2.47 -53.78
CA GLY A 376 -6.43 2.25 -55.03
C GLY A 376 -5.00 1.79 -54.81
N SER A 377 -4.84 0.69 -54.08
CA SER A 377 -3.54 0.13 -53.76
C SER A 377 -2.72 1.08 -52.88
N GLN A 378 -3.33 2.18 -52.44
CA GLN A 378 -2.71 3.11 -51.49
C GLN A 378 -3.53 3.09 -50.21
N ASN A 379 -2.85 3.06 -49.07
CA ASN A 379 -3.50 2.82 -47.79
C ASN A 379 -3.62 4.08 -46.93
N VAL A 380 -3.96 5.20 -47.58
CA VAL A 380 -4.07 6.52 -46.87
C VAL A 380 -4.70 6.26 -45.50
N LYS A 381 -3.86 6.05 -44.48
CA LYS A 381 -4.38 5.77 -43.12
C LYS A 381 -5.27 6.96 -42.75
N VAL A 382 -6.42 6.68 -42.14
CA VAL A 382 -7.36 7.79 -41.88
C VAL A 382 -7.11 8.31 -40.46
N PHE A 383 -6.65 7.43 -39.57
CA PHE A 383 -6.53 7.87 -38.17
C PHE A 383 -5.12 7.71 -37.60
N GLU A 384 -4.21 8.65 -37.87
CA GLU A 384 -2.94 8.61 -37.17
C GLU A 384 -3.17 9.09 -35.75
N GLU A 385 -3.18 8.15 -34.80
CA GLU A 385 -3.48 8.49 -33.42
C GLU A 385 -2.55 9.62 -32.96
N PRO A 386 -3.06 10.67 -32.32
CA PRO A 386 -2.18 11.75 -31.86
C PRO A 386 -1.38 11.34 -30.64
N LYS A 387 -1.99 10.56 -29.76
CA LYS A 387 -1.34 10.07 -28.54
C LYS A 387 -1.76 8.62 -28.32
N PRO A 388 -1.03 7.67 -28.91
CA PRO A 388 -1.45 6.27 -28.81
C PRO A 388 -1.52 5.75 -27.39
N ASN A 389 -0.58 6.16 -26.54
CA ASN A 389 -0.49 5.69 -25.16
C ASN A 389 -1.20 6.62 -24.20
N SER A 390 -2.25 7.28 -24.67
CA SER A 390 -2.89 8.35 -23.92
C SER A 390 -3.84 7.80 -22.85
N VAL A 391 -3.95 8.54 -21.75
CA VAL A 391 -4.93 8.23 -20.71
C VAL A 391 -6.34 8.27 -21.27
N LEU A 392 -6.53 8.88 -22.44
CA LEU A 392 -7.85 9.16 -23.00
C LEU A 392 -8.22 8.25 -24.15
N CYS A 393 -7.34 7.31 -24.55
CA CYS A 393 -7.60 6.46 -25.69
C CYS A 393 -7.61 4.97 -25.37
N CYS A 394 -7.02 4.54 -24.26
CA CYS A 394 -7.05 3.14 -23.85
C CYS A 394 -8.45 2.82 -23.35
N LYS A 395 -9.31 2.43 -24.28
CA LYS A 395 -10.71 2.26 -23.94
C LYS A 395 -10.89 0.97 -23.14
N PRO A 396 -11.42 1.04 -21.92
CA PRO A 396 -11.47 -0.15 -21.08
C PRO A 396 -12.52 -1.12 -21.58
N LEU A 397 -12.12 -2.38 -21.72
CA LEU A 397 -13.01 -3.43 -22.20
C LEU A 397 -13.54 -4.30 -21.08
N CYS A 398 -12.65 -4.94 -20.32
CA CYS A 398 -13.04 -5.82 -19.23
C CYS A 398 -12.23 -5.48 -18.00
N LEU A 399 -12.91 -5.48 -16.85
CA LEU A 399 -12.29 -5.18 -15.57
C LEU A 399 -12.68 -6.32 -14.62
N MET A 400 -11.91 -7.41 -14.68
CA MET A 400 -12.04 -8.47 -13.71
C MET A 400 -11.21 -8.15 -12.49
N LEU A 401 -11.73 -8.52 -11.32
CA LEU A 401 -10.90 -8.57 -10.12
C LEU A 401 -10.32 -9.97 -9.95
N ALA A 402 -9.76 -10.47 -11.04
CA ALA A 402 -8.87 -11.61 -11.03
C ALA A 402 -7.44 -11.08 -10.92
N ASP A 403 -6.47 -11.94 -11.18
CA ASP A 403 -5.08 -11.53 -11.15
C ASP A 403 -4.32 -12.22 -12.28
N GLU A 404 -3.42 -11.48 -12.93
CA GLU A 404 -2.62 -12.06 -14.00
C GLU A 404 -1.87 -13.29 -13.53
N SER A 405 -1.67 -13.42 -12.23
CA SER A 405 -1.06 -14.65 -11.69
C SER A 405 -1.91 -15.86 -12.04
N ASP A 406 -3.20 -15.64 -12.32
CA ASP A 406 -4.10 -16.74 -12.60
C ASP A 406 -4.25 -16.92 -14.11
N HIS A 407 -4.62 -18.14 -14.50
CA HIS A 407 -4.87 -18.47 -15.90
C HIS A 407 -6.23 -19.15 -16.07
N GLU A 408 -7.06 -19.17 -15.03
CA GLU A 408 -8.34 -19.86 -15.04
C GLU A 408 -9.51 -18.90 -15.02
N THR A 409 -9.56 -17.99 -14.03
CA THR A 409 -10.53 -16.91 -14.10
C THR A 409 -10.23 -16.02 -15.28
N LEU A 410 -8.97 -15.60 -15.43
CA LEU A 410 -8.57 -14.81 -16.59
C LEU A 410 -9.06 -15.44 -17.88
N THR A 411 -8.79 -16.72 -18.08
CA THR A 411 -9.16 -17.36 -19.34
C THR A 411 -10.65 -17.67 -19.40
N ALA A 412 -11.24 -18.16 -18.31
CA ALA A 412 -12.68 -18.37 -18.31
C ALA A 412 -13.43 -17.10 -18.64
N ILE A 413 -12.79 -15.95 -18.46
CA ILE A 413 -13.43 -14.66 -18.65
C ILE A 413 -13.03 -13.99 -19.96
N LEU A 414 -11.87 -14.35 -20.53
CA LEU A 414 -11.39 -13.72 -21.75
C LEU A 414 -11.48 -14.63 -22.96
N SER A 415 -11.80 -15.91 -22.80
CA SER A 415 -12.05 -16.77 -23.94
C SER A 415 -13.22 -16.23 -24.76
N PRO A 416 -14.21 -15.55 -24.15
CA PRO A 416 -15.25 -14.92 -24.98
C PRO A 416 -14.67 -13.83 -25.85
N LEU A 417 -13.87 -12.97 -25.22
CA LEU A 417 -13.13 -11.97 -25.97
C LEU A 417 -12.42 -12.59 -27.15
N ILE A 418 -11.62 -13.62 -26.90
CA ILE A 418 -10.77 -14.15 -27.96
C ILE A 418 -11.59 -14.88 -29.00
N ALA A 419 -12.73 -15.44 -28.64
CA ALA A 419 -13.58 -16.10 -29.63
C ALA A 419 -14.19 -15.07 -30.59
N GLU A 420 -14.89 -14.08 -30.04
CA GLU A 420 -15.40 -13.04 -30.91
C GLU A 420 -14.28 -12.27 -31.61
N ARG A 421 -13.07 -12.31 -31.06
CA ARG A 421 -11.94 -11.60 -31.66
C ARG A 421 -11.39 -12.37 -32.85
N GLU A 422 -11.25 -13.69 -32.73
CA GLU A 422 -10.87 -14.50 -33.87
C GLU A 422 -11.97 -14.53 -34.91
N ALA A 423 -13.20 -14.20 -34.53
CA ALA A 423 -14.26 -14.02 -35.52
C ALA A 423 -14.11 -12.70 -36.25
N MET A 424 -13.97 -11.60 -35.49
CA MET A 424 -13.80 -10.29 -36.09
C MET A 424 -12.56 -10.21 -36.97
N LYS A 425 -11.48 -10.89 -36.57
CA LYS A 425 -10.30 -11.01 -37.41
C LYS A 425 -10.62 -11.53 -38.81
N SER A 426 -11.76 -12.20 -38.98
CA SER A 426 -12.15 -12.79 -40.25
C SER A 426 -13.53 -12.32 -40.69
N SER A 427 -13.99 -11.18 -40.20
CA SER A 427 -15.30 -10.66 -40.56
C SER A 427 -15.23 -9.14 -40.64
N GLU A 428 -16.16 -8.57 -41.40
CA GLU A 428 -16.15 -7.14 -41.71
C GLU A 428 -17.36 -6.48 -41.05
N LEU A 429 -17.10 -5.44 -40.27
CA LEU A 429 -18.15 -4.65 -39.66
C LEU A 429 -18.78 -3.73 -40.71
N THR A 430 -19.90 -3.11 -40.34
CA THR A 430 -20.46 -2.02 -41.15
C THR A 430 -21.31 -1.14 -40.23
N LEU A 431 -20.75 0.01 -39.86
CA LEU A 431 -21.41 0.93 -38.95
C LEU A 431 -22.04 2.09 -39.70
N GLU A 432 -23.20 2.51 -39.23
CA GLU A 432 -23.97 3.59 -39.86
C GLU A 432 -23.55 4.91 -39.24
N MET A 433 -22.45 5.46 -39.75
CA MET A 433 -21.92 6.73 -39.30
C MET A 433 -22.22 7.81 -40.33
N GLY A 434 -22.77 8.92 -39.89
CA GLY A 434 -23.22 9.96 -40.78
C GLY A 434 -24.16 9.39 -41.82
N GLY A 435 -24.91 8.36 -41.43
CA GLY A 435 -25.83 7.69 -42.30
C GLY A 435 -25.19 6.64 -43.19
N ILE A 436 -23.90 6.77 -43.47
CA ILE A 436 -23.24 5.86 -44.41
C ILE A 436 -22.82 4.59 -43.70
N PRO A 437 -23.05 3.41 -44.30
CA PRO A 437 -22.49 2.19 -43.72
C PRO A 437 -21.02 1.99 -44.05
N ARG A 438 -20.14 2.54 -43.21
CA ARG A 438 -18.69 2.28 -43.39
C ARG A 438 -18.46 0.81 -43.02
N THR A 439 -17.88 0.02 -43.91
CA THR A 439 -17.74 -1.42 -43.71
C THR A 439 -16.33 -1.74 -43.25
N PHE A 440 -16.08 -1.57 -41.96
CA PHE A 440 -14.76 -1.77 -41.39
C PHE A 440 -14.34 -3.24 -41.43
N LYS A 441 -13.02 -3.44 -41.34
CA LYS A 441 -12.42 -4.71 -41.01
C LYS A 441 -11.38 -4.45 -39.93
N PHE A 442 -10.92 -5.51 -39.27
CA PHE A 442 -9.96 -5.37 -38.19
C PHE A 442 -8.74 -6.24 -38.42
N ILE A 443 -7.64 -5.87 -37.77
CA ILE A 443 -6.45 -6.72 -37.74
C ILE A 443 -5.95 -6.99 -36.33
N PHE A 444 -6.26 -6.16 -35.34
CA PHE A 444 -6.04 -6.46 -33.93
C PHE A 444 -4.57 -6.76 -33.63
N ARG A 445 -3.72 -5.76 -33.82
CA ARG A 445 -2.37 -5.83 -33.27
C ARG A 445 -2.44 -5.63 -31.77
N GLY A 446 -3.03 -6.59 -31.07
CA GLY A 446 -3.12 -6.53 -29.63
C GLY A 446 -1.86 -7.02 -28.95
N THR A 447 -0.84 -6.16 -28.88
CA THR A 447 0.47 -6.53 -28.38
C THR A 447 0.98 -5.50 -27.38
N GLY A 448 0.12 -5.12 -26.44
CA GLY A 448 0.53 -4.33 -25.30
C GLY A 448 0.75 -5.12 -24.04
N TYR A 449 0.61 -6.45 -24.10
CA TYR A 449 0.69 -7.27 -22.90
C TYR A 449 2.09 -7.21 -22.30
N ASP A 450 2.17 -7.12 -20.97
CA ASP A 450 3.47 -7.18 -20.34
C ASP A 450 4.02 -8.60 -20.41
N GLU A 451 5.29 -8.75 -20.06
CA GLU A 451 5.95 -10.03 -20.35
C GLU A 451 5.40 -11.13 -19.46
N LYS A 452 5.09 -10.80 -18.20
CA LYS A 452 4.44 -11.78 -17.33
C LYS A 452 3.14 -12.26 -17.95
N LEU A 453 2.26 -11.33 -18.32
CA LEU A 453 0.94 -11.69 -18.81
C LEU A 453 0.98 -12.26 -20.22
N VAL A 454 1.95 -11.84 -21.05
CA VAL A 454 2.04 -12.44 -22.38
C VAL A 454 2.61 -13.84 -22.28
N ARG A 455 3.49 -14.09 -21.30
CA ARG A 455 3.94 -15.45 -21.05
C ARG A 455 2.79 -16.32 -20.55
N GLU A 456 2.02 -15.80 -19.61
CA GLU A 456 0.84 -16.53 -19.14
C GLU A 456 -0.09 -16.86 -20.30
N VAL A 457 -0.62 -15.84 -20.97
CA VAL A 457 -1.66 -16.04 -21.97
C VAL A 457 -1.16 -16.95 -23.08
N GLU A 458 -0.06 -16.59 -23.73
CA GLU A 458 0.47 -17.41 -24.80
C GLU A 458 1.04 -18.72 -24.29
N GLY A 459 0.96 -18.99 -22.99
CA GLY A 459 1.36 -20.28 -22.47
C GLY A 459 2.81 -20.61 -22.73
N LEU A 460 3.68 -19.60 -22.68
CA LEU A 460 5.10 -19.82 -22.87
C LEU A 460 5.67 -20.53 -21.65
N GLU A 461 6.97 -20.77 -21.67
CA GLU A 461 7.66 -21.44 -20.58
C GLU A 461 7.43 -20.67 -19.29
N ALA A 462 7.98 -19.45 -19.23
CA ALA A 462 7.79 -18.54 -18.12
C ALA A 462 8.54 -17.25 -18.44
N SER A 463 8.48 -16.27 -17.56
CA SER A 463 9.21 -15.03 -17.81
C SER A 463 10.71 -15.27 -17.66
N GLY A 464 11.14 -15.67 -16.46
CA GLY A 464 12.53 -15.98 -16.25
C GLY A 464 12.85 -17.43 -16.52
N SER A 465 13.38 -17.71 -17.71
CA SER A 465 13.68 -19.07 -18.12
C SER A 465 14.98 -19.10 -18.92
N VAL A 466 15.48 -20.32 -19.14
CA VAL A 466 16.53 -20.48 -20.14
C VAL A 466 16.00 -20.08 -21.50
N TYR A 467 14.68 -20.04 -21.66
CA TYR A 467 14.04 -19.54 -22.86
C TYR A 467 13.61 -18.11 -22.59
N ILE A 468 13.99 -17.19 -23.48
CA ILE A 468 14.08 -15.79 -23.12
C ILE A 468 13.05 -14.92 -23.83
N CYS A 469 12.74 -15.23 -25.08
CA CYS A 469 11.95 -14.34 -25.92
C CYS A 469 10.57 -14.94 -26.22
N THR A 470 9.55 -14.09 -26.14
CA THR A 470 8.22 -14.41 -26.63
C THR A 470 8.05 -14.07 -28.10
N LEU A 471 9.14 -13.80 -28.80
CA LEU A 471 9.15 -13.48 -30.22
C LEU A 471 10.06 -14.38 -31.02
N CYS A 472 11.21 -14.77 -30.46
CA CYS A 472 12.15 -15.66 -31.13
C CYS A 472 12.33 -16.92 -30.31
N ASP A 473 12.55 -18.04 -31.00
CA ASP A 473 12.77 -19.32 -30.34
C ASP A 473 14.27 -19.49 -30.08
N THR A 474 14.75 -18.70 -29.11
CA THR A 474 16.14 -18.71 -28.72
C THR A 474 16.25 -18.69 -27.20
N THR A 475 17.30 -19.31 -26.69
CA THR A 475 17.51 -19.45 -25.26
C THR A 475 18.09 -18.16 -24.69
N ARG A 476 18.53 -18.24 -23.43
CA ARG A 476 19.08 -17.06 -22.72
C ARG A 476 20.58 -16.96 -23.00
N LEU A 477 21.35 -18.05 -22.92
CA LEU A 477 22.78 -18.00 -23.16
C LEU A 477 23.09 -17.65 -24.61
N GLU A 478 22.40 -18.29 -25.56
CA GLU A 478 22.48 -17.88 -26.95
C GLU A 478 22.15 -16.39 -27.10
N ALA A 479 21.10 -15.95 -26.42
CA ALA A 479 20.76 -14.54 -26.39
C ALA A 479 21.68 -13.73 -25.49
N SER A 480 22.70 -14.35 -24.84
CA SER A 480 23.71 -13.56 -24.07
C SER A 480 25.07 -13.66 -24.75
N GLN A 481 25.11 -14.26 -25.95
CA GLN A 481 26.35 -14.20 -26.71
C GLN A 481 26.20 -13.42 -28.02
N ASN A 482 25.14 -13.69 -28.78
CA ASN A 482 24.91 -12.96 -30.04
C ASN A 482 24.23 -11.62 -29.79
N LEU A 483 23.02 -11.67 -29.25
CA LEU A 483 22.26 -10.49 -28.83
C LEU A 483 21.79 -9.61 -29.99
N VAL A 484 22.28 -9.82 -31.21
CA VAL A 484 22.02 -8.88 -32.29
C VAL A 484 21.40 -9.56 -33.50
N PHE A 485 21.97 -10.67 -33.94
CA PHE A 485 21.53 -11.31 -35.17
C PHE A 485 20.41 -12.32 -34.92
N HIS A 486 19.34 -11.88 -34.27
CA HIS A 486 18.20 -12.73 -34.01
C HIS A 486 17.21 -12.68 -35.18
N SER A 487 16.15 -13.47 -35.04
CA SER A 487 15.02 -13.41 -35.95
C SER A 487 13.75 -13.23 -35.12
N ILE A 488 12.59 -13.32 -35.76
CA ILE A 488 11.31 -13.27 -35.07
C ILE A 488 10.45 -14.39 -35.62
N THR A 489 10.16 -15.38 -34.80
CA THR A 489 9.53 -16.61 -35.26
C THR A 489 8.35 -17.03 -34.39
N ARG A 490 8.30 -16.60 -33.13
CA ARG A 490 7.28 -17.06 -32.20
C ARG A 490 5.95 -16.40 -32.52
N SER A 491 5.34 -16.86 -33.61
CA SER A 491 3.99 -16.45 -33.94
C SER A 491 2.98 -17.26 -33.13
N HIS A 492 1.81 -16.67 -32.92
CA HIS A 492 0.85 -17.29 -32.02
C HIS A 492 0.43 -18.67 -32.52
N ALA A 493 0.10 -18.80 -33.80
CA ALA A 493 -0.28 -20.10 -34.34
C ALA A 493 0.89 -21.06 -34.30
N GLU A 494 2.11 -20.56 -34.47
CA GLU A 494 3.28 -21.38 -34.21
C GLU A 494 3.23 -21.92 -32.79
N ASN A 495 2.89 -21.07 -31.82
CA ASN A 495 2.80 -21.54 -30.44
C ASN A 495 1.68 -22.56 -30.27
N LEU A 496 0.61 -22.46 -31.08
CA LEU A 496 -0.48 -23.40 -30.96
C LEU A 496 -0.07 -24.78 -31.46
N GLN A 497 0.52 -24.84 -32.66
CA GLN A 497 1.03 -26.13 -33.13
C GLN A 497 2.14 -26.63 -32.21
N ARG A 498 2.89 -25.71 -31.61
CA ARG A 498 3.93 -26.08 -30.67
C ARG A 498 3.35 -26.75 -29.43
N TYR A 499 2.23 -26.22 -28.92
CA TYR A 499 1.58 -26.85 -27.79
C TYR A 499 0.92 -28.16 -28.20
N GLU A 500 0.41 -28.24 -29.42
CA GLU A 500 -0.07 -29.52 -29.94
C GLU A 500 1.01 -30.57 -29.79
N VAL A 501 2.20 -30.28 -30.38
CA VAL A 501 3.33 -31.25 -30.35
C VAL A 501 3.77 -31.48 -28.91
N TRP A 502 3.91 -30.47 -28.06
CA TRP A 502 4.25 -30.62 -26.65
C TRP A 502 3.29 -31.55 -25.95
N ARG A 503 1.99 -31.39 -26.22
CA ARG A 503 0.92 -32.23 -25.60
C ARG A 503 0.90 -33.62 -26.24
N SER A 504 1.55 -33.80 -27.40
CA SER A 504 1.60 -35.09 -28.06
C SER A 504 3.00 -35.67 -28.15
N ASN A 505 4.04 -34.82 -28.04
CA ASN A 505 5.43 -35.19 -28.32
C ASN A 505 5.43 -36.23 -29.44
N PRO A 506 4.96 -35.88 -30.63
CA PRO A 506 4.79 -36.89 -31.69
C PRO A 506 6.02 -37.74 -31.93
N TYR A 507 7.21 -37.16 -31.92
CA TYR A 507 8.44 -37.93 -31.95
C TYR A 507 8.72 -38.62 -30.62
N HIS A 508 7.86 -38.38 -29.62
CA HIS A 508 7.91 -39.06 -28.32
C HIS A 508 9.26 -38.79 -27.64
N GLU A 509 9.43 -37.53 -27.29
CA GLU A 509 10.59 -37.07 -26.53
C GLU A 509 10.24 -36.92 -25.06
N SER A 510 11.27 -36.68 -24.25
CA SER A 510 11.09 -36.40 -22.84
C SER A 510 10.98 -34.90 -22.62
N VAL A 511 10.91 -34.50 -21.35
CA VAL A 511 10.59 -33.12 -21.00
C VAL A 511 11.56 -32.15 -21.66
N GLU A 512 12.86 -32.27 -21.33
CA GLU A 512 13.81 -31.21 -21.66
C GLU A 512 13.98 -31.04 -23.18
N GLU A 513 14.24 -32.13 -23.90
CA GLU A 513 14.44 -31.99 -25.33
C GLU A 513 13.13 -31.70 -26.07
N LEU A 514 11.99 -32.10 -25.53
CA LEU A 514 10.74 -31.58 -26.07
C LEU A 514 10.72 -30.06 -25.95
N ARG A 515 10.92 -29.56 -24.72
CA ARG A 515 10.98 -28.10 -24.48
C ARG A 515 12.02 -27.44 -25.40
N ASP A 516 13.01 -28.20 -25.88
CA ASP A 516 13.95 -27.66 -26.87
C ASP A 516 13.41 -27.78 -28.29
N ARG A 517 12.42 -28.63 -28.50
CA ARG A 517 11.75 -28.72 -29.79
C ARG A 517 10.65 -27.68 -29.95
N VAL A 518 9.67 -27.69 -29.05
CA VAL A 518 8.73 -26.59 -28.91
C VAL A 518 9.45 -25.25 -28.74
N LYS A 519 10.66 -25.28 -28.18
CA LYS A 519 11.44 -24.07 -27.94
C LYS A 519 10.62 -22.97 -27.30
N GLY A 520 10.04 -23.27 -26.13
CA GLY A 520 9.49 -22.23 -25.29
C GLY A 520 8.13 -22.47 -24.68
N VAL A 521 7.26 -23.22 -25.35
CA VAL A 521 5.87 -23.30 -24.91
C VAL A 521 5.67 -24.56 -24.08
N SER A 522 4.87 -24.44 -23.01
CA SER A 522 4.40 -25.55 -22.21
C SER A 522 2.88 -25.64 -22.20
N ALA A 523 2.22 -24.49 -22.08
CA ALA A 523 0.78 -24.38 -21.98
C ALA A 523 0.17 -24.18 -23.37
N LYS A 524 -1.13 -23.87 -23.40
CA LYS A 524 -1.81 -23.59 -24.66
C LYS A 524 -2.02 -22.09 -24.79
N PRO A 525 -1.46 -21.46 -25.80
CA PRO A 525 -1.78 -20.05 -26.06
C PRO A 525 -3.26 -19.88 -26.38
N PHE A 526 -4.00 -19.16 -25.54
CA PHE A 526 -5.44 -19.02 -25.77
C PHE A 526 -5.80 -17.72 -26.46
N ILE A 527 -4.84 -16.82 -26.63
CA ILE A 527 -5.08 -15.49 -27.17
C ILE A 527 -4.73 -15.49 -28.66
N GLU A 528 -4.76 -14.31 -29.26
CA GLU A 528 -4.01 -14.04 -30.47
C GLU A 528 -3.12 -12.83 -30.22
N THR A 529 -1.85 -12.93 -30.60
CA THR A 529 -0.89 -11.87 -30.32
C THR A 529 0.26 -12.00 -31.32
N VAL A 530 0.39 -11.05 -32.23
CA VAL A 530 1.52 -11.08 -33.15
C VAL A 530 2.80 -10.79 -32.37
N PRO A 531 3.90 -11.48 -32.64
CA PRO A 531 5.10 -11.30 -31.81
C PRO A 531 5.55 -9.85 -31.77
N SER A 532 5.47 -9.26 -30.58
CA SER A 532 5.91 -7.90 -30.34
C SER A 532 6.12 -7.73 -28.84
N ILE A 533 6.35 -6.49 -28.40
CA ILE A 533 6.78 -6.26 -27.02
C ILE A 533 6.02 -5.11 -26.40
N ASP A 534 6.40 -4.76 -25.18
CA ASP A 534 5.79 -3.68 -24.40
C ASP A 534 6.87 -2.66 -24.07
N ALA A 535 7.00 -1.65 -24.92
CA ALA A 535 7.95 -0.57 -24.73
C ALA A 535 7.99 -0.11 -23.28
N LEU A 536 6.85 -0.09 -22.61
CA LEU A 536 6.81 0.36 -21.23
C LEU A 536 7.66 -0.55 -20.34
N HIS A 537 7.27 -1.82 -20.26
CA HIS A 537 8.04 -2.74 -19.44
C HIS A 537 9.40 -3.01 -20.05
N CYS A 538 9.59 -2.73 -21.33
CA CYS A 538 10.93 -2.83 -21.90
C CYS A 538 11.86 -1.80 -21.28
N ASP A 539 11.43 -0.54 -21.28
CA ASP A 539 12.16 0.50 -20.57
C ASP A 539 12.30 0.16 -19.10
N ILE A 540 11.26 -0.39 -18.49
CA ILE A 540 11.31 -0.66 -17.06
C ILE A 540 12.31 -1.75 -16.74
N GLY A 541 12.30 -2.84 -17.51
CA GLY A 541 13.24 -3.91 -17.28
C GLY A 541 14.67 -3.51 -17.58
N ASN A 542 14.88 -2.77 -18.67
CA ASN A 542 16.21 -2.28 -18.96
C ASN A 542 16.70 -1.33 -17.89
N ALA A 543 15.82 -0.48 -17.36
CA ALA A 543 16.21 0.44 -16.30
C ALA A 543 16.48 -0.28 -14.98
N ALA A 544 15.72 -1.34 -14.69
CA ALA A 544 16.00 -2.11 -13.48
C ALA A 544 17.32 -2.84 -13.63
N GLU A 545 17.57 -3.43 -14.79
CA GLU A 545 18.86 -4.02 -15.07
C GLU A 545 19.98 -2.99 -14.93
N PHE A 546 19.71 -1.75 -15.34
CA PHE A 546 20.73 -0.71 -15.22
C PHE A 546 20.93 -0.27 -13.79
N TYR A 547 19.87 -0.28 -12.98
CA TYR A 547 20.06 -0.01 -11.57
C TYR A 547 20.90 -1.09 -10.92
N LYS A 548 20.63 -2.34 -11.26
CA LYS A 548 21.50 -3.43 -10.84
C LYS A 548 22.93 -3.20 -11.30
N ILE A 549 23.10 -2.78 -12.55
CA ILE A 549 24.43 -2.52 -13.11
C ILE A 549 25.14 -1.45 -12.29
N PHE A 550 24.41 -0.43 -11.86
CA PHE A 550 25.03 0.62 -11.08
C PHE A 550 25.40 0.12 -9.69
N GLN A 551 24.56 -0.73 -9.11
CA GLN A 551 24.98 -1.46 -7.90
C GLN A 551 26.31 -2.15 -8.15
N LEU A 552 26.40 -2.91 -9.23
CA LEU A 552 27.62 -3.65 -9.53
C LEU A 552 28.82 -2.72 -9.60
N GLU A 553 28.77 -1.74 -10.48
CA GLU A 553 29.89 -0.83 -10.66
C GLU A 553 30.27 -0.16 -9.35
N ILE A 554 29.26 0.20 -8.54
CA ILE A 554 29.54 0.71 -7.21
C ILE A 554 30.31 -0.33 -6.41
N GLY A 555 30.02 -1.59 -6.65
CA GLY A 555 30.62 -2.68 -5.91
C GLY A 555 31.81 -3.27 -6.62
N GLU A 556 32.22 -2.63 -7.72
CA GLU A 556 33.39 -3.04 -8.48
C GLU A 556 33.25 -4.47 -8.97
N VAL A 557 32.03 -4.98 -9.03
CA VAL A 557 31.77 -6.37 -9.38
C VAL A 557 32.23 -6.71 -10.79
N TYR A 558 32.64 -5.71 -11.57
CA TYR A 558 33.32 -6.00 -12.83
C TYR A 558 34.58 -6.82 -12.62
N LYS A 559 35.09 -6.86 -11.40
CA LYS A 559 36.27 -7.62 -11.02
C LYS A 559 35.98 -8.69 -9.98
N HIS A 560 35.04 -8.42 -9.07
CA HIS A 560 34.80 -9.24 -7.88
C HIS A 560 33.39 -9.80 -7.92
N PRO A 561 33.14 -10.82 -8.75
CA PRO A 561 31.78 -11.35 -8.88
C PRO A 561 31.35 -12.23 -7.72
N ASN A 562 32.11 -12.21 -6.62
CA ASN A 562 31.81 -13.03 -5.45
C ASN A 562 31.59 -12.17 -4.20
N ALA A 563 31.47 -10.86 -4.36
CA ALA A 563 31.21 -9.98 -3.22
C ALA A 563 29.93 -10.39 -2.52
N SER A 564 29.79 -9.92 -1.28
CA SER A 564 28.74 -10.40 -0.40
C SER A 564 27.36 -9.87 -0.82
N LYS A 565 26.37 -10.21 0.00
CA LYS A 565 24.99 -9.81 -0.28
C LYS A 565 24.65 -8.49 0.40
N GLU A 566 24.96 -8.37 1.70
CA GLU A 566 24.71 -7.11 2.38
C GLU A 566 25.50 -5.99 1.75
N GLU A 567 26.59 -6.31 1.03
CA GLU A 567 27.30 -5.27 0.29
C GLU A 567 26.52 -4.86 -0.95
N ARG A 568 25.90 -5.82 -1.64
CA ARG A 568 24.94 -5.46 -2.69
C ARG A 568 23.87 -4.53 -2.14
N LYS A 569 23.36 -4.85 -0.94
CA LYS A 569 22.30 -4.05 -0.35
C LYS A 569 22.80 -2.66 0.03
N ARG A 570 24.04 -2.55 0.51
CA ARG A 570 24.57 -1.24 0.86
C ARG A 570 24.90 -0.42 -0.38
N TRP A 571 25.28 -1.07 -1.48
CA TRP A 571 25.42 -0.34 -2.74
C TRP A 571 24.07 0.18 -3.20
N GLN A 572 23.04 -0.65 -3.16
CA GLN A 572 21.69 -0.19 -3.47
C GLN A 572 21.29 0.97 -2.57
N ALA A 573 21.65 0.90 -1.28
CA ALA A 573 21.24 1.94 -0.34
C ALA A 573 21.94 3.25 -0.63
N THR A 574 23.26 3.22 -0.82
CA THR A 574 23.99 4.44 -1.14
C THR A 574 23.57 4.99 -2.49
N LEU A 575 23.20 4.12 -3.42
CA LEU A 575 22.78 4.60 -4.74
C LEU A 575 21.42 5.26 -4.67
N ASP A 576 20.48 4.66 -3.95
CA ASP A 576 19.22 5.33 -3.68
C ASP A 576 19.47 6.68 -3.04
N LYS A 577 20.34 6.72 -2.04
CA LYS A 577 20.65 7.97 -1.36
C LYS A 577 21.24 8.99 -2.31
N HIS A 578 22.11 8.55 -3.22
CA HIS A 578 22.76 9.46 -4.15
C HIS A 578 21.76 10.03 -5.14
N LEU A 579 20.97 9.16 -5.77
CA LEU A 579 19.98 9.64 -6.73
C LEU A 579 18.87 10.42 -6.05
N ARG A 580 18.72 10.29 -4.74
CA ARG A 580 17.92 11.25 -3.98
C ARG A 580 18.67 12.54 -3.72
N LYS A 581 20.00 12.48 -3.70
CA LYS A 581 20.83 13.67 -3.52
C LYS A 581 20.99 14.42 -4.85
N ARG A 582 21.57 13.76 -5.84
CA ARG A 582 21.93 14.42 -7.09
C ARG A 582 20.72 14.61 -8.00
N MET A 583 20.12 13.50 -8.42
CA MET A 583 19.01 13.54 -9.35
C MET A 583 17.66 13.66 -8.68
N ASN A 584 17.60 13.58 -7.35
CA ASN A 584 16.34 13.66 -6.61
C ASN A 584 15.39 12.55 -7.03
N LEU A 585 15.80 11.31 -6.76
CA LEU A 585 15.02 10.11 -7.06
C LEU A 585 14.87 9.32 -5.77
N LYS A 586 13.83 9.64 -5.00
CA LYS A 586 13.60 8.96 -3.74
C LYS A 586 13.46 7.46 -3.98
N PRO A 587 13.82 6.61 -3.00
CA PRO A 587 13.87 5.16 -3.26
C PRO A 587 12.51 4.53 -3.49
N ILE A 588 12.35 3.86 -4.64
CA ILE A 588 11.16 3.09 -4.95
C ILE A 588 11.44 1.62 -4.69
N MET A 589 10.38 0.82 -4.60
CA MET A 589 10.57 -0.60 -4.32
C MET A 589 11.09 -1.35 -5.55
N MET A 590 10.28 -1.43 -6.61
CA MET A 590 10.72 -2.19 -7.77
C MET A 590 11.32 -1.29 -8.85
N MET A 591 10.48 -0.49 -9.49
CA MET A 591 10.85 0.41 -10.58
C MET A 591 9.58 1.13 -11.02
N ASN A 592 9.76 2.11 -11.89
CA ASN A 592 8.62 2.74 -12.55
C ASN A 592 9.13 3.57 -13.72
N GLY A 593 8.19 4.21 -14.41
CA GLY A 593 8.50 4.91 -15.65
C GLY A 593 8.94 6.33 -15.49
N ASN A 594 8.34 7.08 -14.57
CA ASN A 594 8.87 8.39 -14.25
C ASN A 594 10.29 8.28 -13.71
N PHE A 595 10.52 7.30 -12.84
CA PHE A 595 11.84 7.10 -12.27
C PHE A 595 12.82 6.53 -13.29
N ALA A 596 12.37 5.60 -14.13
CA ALA A 596 13.24 5.06 -15.17
C ALA A 596 13.69 6.16 -16.13
N ARG A 597 12.73 6.97 -16.59
CA ARG A 597 13.04 8.07 -17.50
C ARG A 597 13.81 9.19 -16.81
N LYS A 598 13.70 9.33 -15.49
CA LYS A 598 14.60 10.20 -14.76
C LYS A 598 16.00 9.59 -14.67
N LEU A 599 16.09 8.27 -14.77
CA LEU A 599 17.33 7.54 -14.58
C LEU A 599 18.07 7.30 -15.89
N MET A 600 17.40 6.76 -16.90
CA MET A 600 18.08 6.36 -18.11
C MET A 600 18.49 7.60 -18.89
N THR A 601 19.54 8.26 -18.42
CA THR A 601 19.94 9.56 -18.94
C THR A 601 21.41 9.79 -18.60
N GLN A 602 22.04 10.66 -19.40
CA GLN A 602 23.49 10.96 -19.27
C GLN A 602 23.81 11.69 -17.96
N GLU A 603 22.80 12.22 -17.27
CA GLU A 603 23.03 12.89 -16.00
C GLU A 603 23.14 11.90 -14.85
N THR A 604 22.21 10.95 -14.81
CA THR A 604 22.21 9.91 -13.75
C THR A 604 23.49 9.07 -13.88
N VAL A 605 23.80 8.57 -15.08
CA VAL A 605 24.99 7.75 -15.29
C VAL A 605 26.25 8.51 -14.90
N ASP A 606 26.25 9.84 -15.01
CA ASP A 606 27.43 10.60 -14.60
C ASP A 606 27.49 10.72 -13.08
N ALA A 607 26.39 11.15 -12.47
CA ALA A 607 26.33 11.30 -11.03
C ALA A 607 26.60 9.97 -10.33
N VAL A 608 26.52 8.88 -11.08
CA VAL A 608 26.81 7.55 -10.57
C VAL A 608 28.21 7.10 -10.94
N CYS A 609 28.69 7.46 -12.13
CA CYS A 609 30.07 7.16 -12.50
C CYS A 609 31.02 7.74 -11.48
N GLU A 610 30.73 8.95 -11.00
CA GLU A 610 31.61 9.56 -9.99
C GLU A 610 31.80 8.62 -8.80
N LEU A 611 30.83 7.75 -8.54
CA LEU A 611 30.96 6.79 -7.45
C LEU A 611 31.83 5.59 -7.82
N ILE A 612 31.92 5.27 -9.10
CA ILE A 612 32.64 4.06 -9.52
C ILE A 612 34.13 4.30 -9.39
N PRO A 613 34.90 3.39 -8.76
CA PRO A 613 36.34 3.58 -8.60
C PRO A 613 37.16 3.11 -9.80
N SER A 614 36.72 3.49 -10.99
CA SER A 614 37.43 3.10 -12.21
C SER A 614 36.92 3.95 -13.37
N GLU A 615 37.81 4.68 -14.01
CA GLU A 615 37.41 5.50 -15.14
C GLU A 615 37.05 4.65 -16.34
N GLU A 616 37.60 3.43 -16.43
CA GLU A 616 37.14 2.49 -17.44
C GLU A 616 35.64 2.25 -17.31
N ARG A 617 35.18 1.96 -16.09
CA ARG A 617 33.75 1.81 -15.85
C ARG A 617 33.01 3.13 -16.06
N HIS A 618 33.61 4.26 -15.69
CA HIS A 618 33.01 5.55 -16.02
C HIS A 618 32.61 5.58 -17.49
N GLU A 619 33.59 5.41 -18.37
CA GLU A 619 33.32 5.51 -19.81
C GLU A 619 32.44 4.38 -20.29
N ALA A 620 32.53 3.20 -19.67
CA ALA A 620 31.71 2.08 -20.11
C ALA A 620 30.25 2.34 -19.82
N LEU A 621 29.94 2.80 -18.60
CA LEU A 621 28.59 3.21 -18.28
C LEU A 621 28.14 4.36 -19.15
N ARG A 622 29.03 5.32 -19.42
CA ARG A 622 28.66 6.43 -20.29
C ARG A 622 28.24 5.93 -21.66
N GLU A 623 29.06 5.08 -22.28
CA GLU A 623 28.74 4.55 -23.60
C GLU A 623 27.45 3.75 -23.56
N LEU A 624 27.33 2.84 -22.59
CA LEU A 624 26.13 2.03 -22.48
C LEU A 624 24.88 2.90 -22.36
N MET A 625 24.89 3.83 -21.41
CA MET A 625 23.73 4.68 -21.16
C MET A 625 23.41 5.52 -22.39
N ASP A 626 24.42 6.09 -23.03
CA ASP A 626 24.15 6.97 -24.15
C ASP A 626 23.73 6.21 -25.39
N LEU A 627 24.18 4.96 -25.54
CA LEU A 627 23.73 4.15 -26.67
C LEU A 627 22.30 3.70 -26.46
N TYR A 628 22.00 3.18 -25.27
CA TYR A 628 20.62 2.85 -24.93
C TYR A 628 19.72 4.07 -25.06
N LEU A 629 20.26 5.27 -24.78
CA LEU A 629 19.49 6.48 -25.00
C LEU A 629 19.28 6.76 -26.48
N LYS A 630 20.30 6.53 -27.29
CA LYS A 630 20.17 6.70 -28.73
C LYS A 630 19.14 5.75 -29.31
N MET A 631 18.95 4.60 -28.68
CA MET A 631 18.09 3.55 -29.23
C MET A 631 16.76 3.40 -28.49
N LYS A 632 16.55 4.13 -27.40
CA LYS A 632 15.32 4.01 -26.63
C LYS A 632 14.16 4.73 -27.30
N PRO A 633 14.32 5.99 -27.72
CA PRO A 633 13.22 6.66 -28.41
C PRO A 633 12.82 5.96 -29.71
N VAL A 634 13.59 4.95 -30.10
CA VAL A 634 13.19 4.11 -31.22
C VAL A 634 11.79 3.53 -31.00
N TRP A 635 11.63 2.76 -29.93
CA TRP A 635 10.34 2.18 -29.58
C TRP A 635 9.59 2.99 -28.54
N ARG A 636 10.27 3.82 -27.76
CA ARG A 636 9.58 4.67 -26.81
C ARG A 636 8.79 5.76 -27.50
N SER A 637 9.25 6.21 -28.67
CA SER A 637 8.48 7.13 -29.48
C SER A 637 7.30 6.42 -30.09
N SER A 638 6.19 7.16 -30.21
CA SER A 638 5.01 6.62 -30.87
C SER A 638 5.29 6.28 -32.34
N CYS A 639 6.41 6.75 -32.90
CA CYS A 639 6.80 6.39 -34.25
C CYS A 639 8.24 6.83 -34.49
N PRO A 640 9.07 5.98 -35.13
CA PRO A 640 10.42 6.43 -35.49
C PRO A 640 10.51 7.14 -36.82
N ALA A 641 9.52 6.95 -37.70
CA ALA A 641 9.55 7.56 -39.03
C ALA A 641 9.79 9.06 -38.97
N LYS A 642 9.51 9.71 -37.85
CA LYS A 642 9.63 11.17 -37.76
C LYS A 642 10.34 11.66 -36.51
N GLU A 643 10.56 10.83 -35.50
CA GLU A 643 11.17 11.28 -34.27
C GLU A 643 12.61 10.79 -34.08
N CYS A 644 12.98 9.68 -34.73
CA CYS A 644 14.36 9.22 -34.71
C CYS A 644 14.59 8.21 -35.84
N PRO A 645 14.58 8.67 -37.09
CA PRO A 645 14.87 7.73 -38.18
C PRO A 645 16.33 7.33 -38.24
N GLU A 646 17.25 8.28 -38.03
CA GLU A 646 18.65 7.94 -37.95
C GLU A 646 18.89 6.85 -36.91
N SER A 647 18.12 6.87 -35.83
CA SER A 647 18.26 5.84 -34.81
C SER A 647 17.97 4.47 -35.39
N LEU A 648 16.88 4.34 -36.14
CA LEU A 648 16.59 3.06 -36.77
C LEU A 648 17.68 2.67 -37.76
N CYS A 649 18.06 3.59 -38.65
CA CYS A 649 19.03 3.22 -39.68
C CYS A 649 20.31 2.71 -39.04
N GLN A 650 20.78 3.38 -37.99
CA GLN A 650 21.99 2.96 -37.29
C GLN A 650 21.75 1.80 -36.34
N TYR A 651 20.48 1.48 -36.03
CA TYR A 651 20.12 0.46 -35.01
C TYR A 651 20.87 -0.86 -35.14
N SER A 652 21.31 -1.25 -36.35
CA SER A 652 22.07 -2.48 -36.48
C SER A 652 23.36 -2.36 -35.68
N PHE A 653 24.25 -1.46 -36.10
CA PHE A 653 25.50 -1.26 -35.38
C PHE A 653 25.26 -0.75 -33.96
N ASN A 654 24.16 -0.05 -33.73
CA ASN A 654 23.92 0.52 -32.41
C ASN A 654 23.72 -0.59 -31.38
N SER A 655 22.73 -1.46 -31.63
CA SER A 655 22.54 -2.62 -30.77
C SER A 655 23.73 -3.57 -30.84
N GLN A 656 24.48 -3.55 -31.95
CA GLN A 656 25.67 -4.39 -32.04
C GLN A 656 26.71 -3.95 -31.02
N ARG A 657 26.99 -2.65 -30.97
CA ARG A 657 27.93 -2.13 -29.98
C ARG A 657 27.37 -2.27 -28.57
N PHE A 658 26.06 -2.17 -28.42
CA PHE A 658 25.43 -2.49 -27.15
C PHE A 658 25.82 -3.90 -26.69
N ALA A 659 25.50 -4.89 -27.52
CA ALA A 659 25.80 -6.28 -27.21
C ALA A 659 27.29 -6.51 -26.97
N GLU A 660 28.14 -5.85 -27.76
CA GLU A 660 29.58 -6.08 -27.62
C GLU A 660 30.19 -5.28 -26.48
N LEU A 661 29.43 -4.34 -25.90
CA LEU A 661 29.85 -3.74 -24.64
C LEU A 661 29.38 -4.61 -23.49
N LEU A 662 28.20 -5.21 -23.63
CA LEU A 662 27.75 -6.20 -22.66
C LEU A 662 28.67 -7.41 -22.61
N SER A 663 29.20 -7.83 -23.76
CA SER A 663 30.10 -8.97 -23.80
C SER A 663 31.39 -8.71 -23.02
N THR A 664 32.19 -7.76 -23.48
CA THR A 664 33.54 -7.57 -22.92
C THR A 664 33.49 -6.77 -21.62
N LYS A 665 32.97 -5.54 -21.67
CA LYS A 665 32.96 -4.71 -20.48
C LYS A 665 32.03 -5.25 -19.40
N PHE A 666 31.07 -6.10 -19.77
CA PHE A 666 30.10 -6.67 -18.83
C PHE A 666 30.04 -8.18 -18.97
N LYS A 667 31.21 -8.83 -19.05
CA LYS A 667 31.23 -10.28 -18.92
C LYS A 667 30.45 -10.71 -17.68
N TYR A 668 30.55 -9.93 -16.62
CA TYR A 668 29.72 -10.13 -15.45
C TYR A 668 28.30 -9.69 -15.74
N ARG A 669 27.34 -10.33 -15.06
CA ARG A 669 25.95 -9.94 -15.16
C ARG A 669 25.37 -10.26 -16.53
N TYR A 670 26.20 -10.74 -17.46
CA TYR A 670 25.70 -11.11 -18.78
C TYR A 670 26.38 -12.35 -19.34
N GLU A 671 27.14 -13.09 -18.53
CA GLU A 671 27.59 -14.43 -18.90
C GLU A 671 26.37 -15.34 -18.78
N GLY A 672 25.53 -15.29 -19.80
CA GLY A 672 24.28 -16.01 -19.79
C GLY A 672 23.14 -15.16 -19.27
N LYS A 673 23.32 -14.54 -18.12
CA LYS A 673 22.24 -13.84 -17.43
C LYS A 673 21.95 -12.51 -18.11
N ILE A 674 21.53 -12.61 -19.39
CA ILE A 674 20.95 -11.49 -20.12
C ILE A 674 19.44 -11.48 -19.88
N THR A 675 18.88 -10.29 -19.78
CA THR A 675 17.46 -10.15 -19.50
C THR A 675 16.63 -10.61 -20.70
N ASN A 676 15.31 -10.54 -20.54
CA ASN A 676 14.42 -10.75 -21.68
C ASN A 676 14.40 -9.51 -22.56
N TYR A 677 14.32 -8.34 -21.93
CA TYR A 677 14.11 -7.11 -22.66
C TYR A 677 15.38 -6.56 -23.27
N PHE A 678 16.56 -6.98 -22.80
CA PHE A 678 17.76 -6.67 -23.56
C PHE A 678 17.78 -7.42 -24.88
N HIS A 679 17.47 -8.72 -24.85
CA HIS A 679 17.31 -9.46 -26.10
C HIS A 679 16.33 -8.74 -27.02
N LYS A 680 15.14 -8.43 -26.51
CA LYS A 680 14.15 -7.74 -27.33
C LYS A 680 14.69 -6.42 -27.88
N THR A 681 15.02 -5.49 -26.99
CA THR A 681 15.61 -4.20 -27.31
C THR A 681 16.68 -4.30 -28.38
N LEU A 682 17.48 -5.36 -28.35
CA LEU A 682 18.70 -5.40 -29.14
C LEU A 682 18.48 -6.02 -30.51
N ALA A 683 17.82 -7.18 -30.57
CA ALA A 683 17.75 -7.96 -31.80
C ALA A 683 16.30 -8.30 -32.13
N HIS A 684 15.38 -7.43 -31.73
CA HIS A 684 14.00 -7.52 -32.19
C HIS A 684 13.39 -6.20 -32.59
N VAL A 685 13.89 -5.05 -32.12
CA VAL A 685 13.26 -3.78 -32.45
C VAL A 685 13.17 -3.57 -33.94
N PRO A 686 14.22 -3.74 -34.73
CA PRO A 686 14.09 -3.50 -36.18
C PRO A 686 13.06 -4.40 -36.83
N GLU A 687 13.16 -5.71 -36.59
CA GLU A 687 12.16 -6.65 -37.09
C GLU A 687 10.76 -6.14 -36.81
N ILE A 688 10.50 -5.75 -35.56
CA ILE A 688 9.18 -5.29 -35.19
C ILE A 688 8.79 -4.05 -35.98
N ILE A 689 9.55 -2.97 -35.81
CA ILE A 689 9.16 -1.70 -36.44
C ILE A 689 8.92 -1.89 -37.93
N GLU A 690 9.68 -2.79 -38.56
CA GLU A 690 9.44 -3.09 -39.97
C GLU A 690 8.09 -3.77 -40.15
N ARG A 691 7.86 -4.87 -39.44
CA ARG A 691 6.70 -5.71 -39.70
C ARG A 691 5.41 -5.08 -39.15
N ASP A 692 5.53 -4.07 -38.31
CA ASP A 692 4.44 -3.64 -37.44
C ASP A 692 4.37 -2.11 -37.32
N GLY A 693 5.09 -1.39 -38.17
CA GLY A 693 5.01 0.06 -38.16
C GLY A 693 5.85 0.73 -37.07
N SER A 694 5.41 0.61 -35.83
CA SER A 694 6.10 1.21 -34.69
C SER A 694 5.99 0.25 -33.51
N ILE A 695 6.43 0.71 -32.33
CA ILE A 695 6.30 -0.08 -31.12
C ILE A 695 5.63 0.73 -30.02
N GLY A 696 6.19 1.90 -29.71
CA GLY A 696 5.66 2.69 -28.61
C GLY A 696 4.17 2.91 -28.68
N ALA A 697 3.60 2.90 -29.89
CA ALA A 697 2.17 2.99 -30.06
C ALA A 697 1.50 1.64 -30.05
N TRP A 698 2.19 0.63 -29.53
CA TRP A 698 1.61 -0.71 -29.37
C TRP A 698 1.90 -1.31 -28.01
N ALA A 699 2.72 -0.66 -27.18
CA ALA A 699 2.92 -1.11 -25.82
C ALA A 699 1.77 -0.63 -24.94
N SER A 700 1.59 -1.27 -23.79
CA SER A 700 0.45 -0.90 -22.90
C SER A 700 0.84 0.23 -21.95
N GLU A 701 1.49 1.27 -22.44
CA GLU A 701 1.78 2.42 -21.59
C GLU A 701 0.49 3.15 -21.23
N GLY A 702 -0.31 3.47 -22.23
CA GLY A 702 -1.60 4.07 -21.97
C GLY A 702 -2.45 3.19 -21.06
N ASN A 703 -2.29 1.87 -21.17
CA ASN A 703 -3.07 0.96 -20.34
C ASN A 703 -2.58 0.99 -18.89
N GLU A 704 -1.27 0.92 -18.68
CA GLU A 704 -0.76 0.99 -17.32
C GLU A 704 -1.00 2.37 -16.71
N SER A 705 -1.32 3.37 -17.53
CA SER A 705 -1.75 4.65 -16.97
C SER A 705 -3.24 4.66 -16.71
N GLY A 706 -4.03 4.00 -17.56
CA GLY A 706 -5.44 3.82 -17.31
C GLY A 706 -5.73 3.03 -16.06
N ASN A 707 -4.77 2.25 -15.60
CA ASN A 707 -4.91 1.65 -14.28
C ASN A 707 -5.08 2.71 -13.20
N LYS A 708 -4.36 3.82 -13.31
CA LYS A 708 -4.57 4.92 -12.39
C LYS A 708 -6.03 5.33 -12.39
N LEU A 709 -6.62 5.45 -13.57
CA LEU A 709 -8.02 5.83 -13.66
C LEU A 709 -8.92 4.74 -13.09
N PHE A 710 -8.53 3.49 -13.28
CA PHE A 710 -9.27 2.39 -12.67
C PHE A 710 -9.34 2.57 -11.16
N ARG A 711 -8.21 2.92 -10.55
CA ARG A 711 -8.22 3.25 -9.12
C ARG A 711 -9.14 4.42 -8.85
N ARG A 712 -8.94 5.52 -9.59
CA ARG A 712 -9.65 6.75 -9.30
C ARG A 712 -11.15 6.60 -9.43
N PHE A 713 -11.61 5.73 -10.32
CA PHE A 713 -13.03 5.52 -10.55
C PHE A 713 -13.60 4.50 -9.58
N ARG A 714 -12.87 3.40 -9.35
CA ARG A 714 -13.28 2.39 -8.33
C ARG A 714 -13.28 3.08 -6.97
N LYS A 715 -12.70 4.27 -6.87
CA LYS A 715 -12.70 5.01 -5.61
C LYS A 715 -13.76 6.12 -5.61
N MET A 716 -13.87 6.86 -6.70
CA MET A 716 -14.74 8.04 -6.76
C MET A 716 -15.91 7.94 -7.71
N ASN A 717 -15.79 7.17 -8.80
CA ASN A 717 -16.74 7.23 -9.90
C ASN A 717 -17.42 5.89 -10.09
N ALA A 718 -17.90 5.31 -9.00
CA ALA A 718 -18.63 4.06 -9.09
C ALA A 718 -19.39 3.81 -7.80
N ARG A 719 -20.39 2.94 -7.89
CA ARG A 719 -21.12 2.49 -6.73
C ARG A 719 -20.22 1.58 -5.91
N GLN A 720 -19.90 1.98 -4.69
CA GLN A 720 -19.05 1.14 -3.87
C GLN A 720 -19.87 -0.06 -3.43
N SER A 721 -19.99 -1.03 -4.33
CA SER A 721 -20.71 -2.26 -4.09
C SER A 721 -20.08 -3.31 -4.99
N LYS A 722 -19.43 -4.30 -4.38
CA LYS A 722 -18.61 -5.25 -5.11
C LYS A 722 -19.26 -5.65 -6.43
N CYS A 723 -20.56 -5.98 -6.39
CA CYS A 723 -21.23 -6.45 -7.59
C CYS A 723 -21.30 -5.41 -8.69
N TYR A 724 -21.12 -4.13 -8.35
CA TYR A 724 -21.34 -3.04 -9.28
C TYR A 724 -20.08 -2.30 -9.69
N GLU A 725 -19.07 -2.25 -8.82
CA GLU A 725 -17.89 -1.42 -9.06
C GLU A 725 -17.44 -1.48 -10.50
N MET A 726 -17.16 -2.67 -11.01
CA MET A 726 -16.65 -2.80 -12.37
C MET A 726 -17.64 -2.25 -13.39
N GLU A 727 -18.93 -2.41 -13.16
CA GLU A 727 -19.91 -1.88 -14.11
C GLU A 727 -19.72 -0.38 -14.26
N ASP A 728 -19.85 0.34 -13.16
CA ASP A 728 -19.75 1.80 -13.20
C ASP A 728 -18.38 2.23 -13.69
N VAL A 729 -17.32 1.59 -13.22
CA VAL A 729 -15.99 2.00 -13.65
C VAL A 729 -15.84 1.78 -15.14
N LEU A 730 -15.91 0.53 -15.61
CA LEU A 730 -15.82 0.26 -17.03
C LEU A 730 -16.57 1.30 -17.83
N LYS A 731 -17.82 1.58 -17.42
CA LYS A 731 -18.62 2.57 -18.14
C LYS A 731 -17.94 3.94 -18.11
N HIS A 732 -17.44 4.36 -16.95
CA HIS A 732 -16.96 5.72 -16.78
C HIS A 732 -15.56 5.91 -17.37
N HIS A 733 -14.66 4.98 -17.09
CA HIS A 733 -13.37 4.96 -17.76
C HIS A 733 -13.53 4.78 -19.26
N TRP A 734 -14.72 4.40 -19.73
CA TRP A 734 -14.99 4.46 -21.15
C TRP A 734 -15.34 5.87 -21.57
N LEU A 735 -16.43 6.41 -21.01
CA LEU A 735 -16.82 7.78 -21.34
C LEU A 735 -15.63 8.72 -21.30
N TYR A 736 -14.80 8.60 -20.27
CA TYR A 736 -13.51 9.26 -20.21
C TYR A 736 -12.81 9.07 -21.55
N THR A 737 -12.65 7.81 -21.95
CA THR A 737 -11.95 7.50 -23.19
C THR A 737 -12.92 7.37 -24.35
N SER A 738 -13.80 8.36 -24.52
CA SER A 738 -14.71 8.43 -25.65
C SER A 738 -14.55 9.78 -26.33
N LYS A 739 -14.10 9.76 -27.58
CA LYS A 739 -13.75 10.99 -28.26
C LYS A 739 -14.93 11.94 -28.43
N TYR A 740 -16.15 11.40 -28.54
CA TYR A 740 -17.33 12.25 -28.65
C TYR A 740 -17.35 13.28 -27.52
N LEU A 741 -16.61 13.01 -26.45
CA LEU A 741 -16.53 13.87 -25.29
C LEU A 741 -15.24 14.69 -25.28
N GLN A 742 -14.12 14.10 -25.68
CA GLN A 742 -12.87 14.84 -25.72
C GLN A 742 -12.92 15.97 -26.75
N LYS A 743 -13.57 15.73 -27.90
CA LYS A 743 -13.70 16.79 -28.89
C LYS A 743 -14.30 18.03 -28.27
N PHE A 744 -15.14 17.87 -27.23
CA PHE A 744 -15.70 19.00 -26.52
C PHE A 744 -14.71 19.62 -25.55
N MET A 745 -13.47 19.12 -25.53
CA MET A 745 -12.42 19.67 -24.66
C MET A 745 -11.14 19.97 -25.42
N ASN A 746 -11.07 19.60 -26.70
CA ASN A 746 -9.86 19.83 -27.49
C ASN A 746 -10.19 20.66 -28.72
N ALA A 747 -11.35 20.38 -29.35
CA ALA A 747 -11.80 21.20 -30.46
C ALA A 747 -12.05 22.64 -30.05
N HIS A 748 -12.14 22.92 -28.76
CA HIS A 748 -12.25 24.29 -28.28
C HIS A 748 -11.06 25.12 -28.76
N ASN A 749 -9.87 24.75 -28.30
CA ASN A 749 -8.66 25.45 -28.70
C ASN A 749 -8.18 25.01 -30.08
N ALA A 750 -8.35 23.72 -30.40
CA ALA A 750 -7.85 23.18 -31.64
C ALA A 750 -8.96 23.08 -32.69
N MET B 3 -11.50 -44.40 9.61
CA MET B 3 -12.41 -43.38 10.21
C MET B 3 -11.57 -42.26 10.84
N ALA B 4 -10.91 -41.43 10.02
CA ALA B 4 -10.05 -40.43 10.63
C ALA B 4 -10.07 -39.18 9.77
N LEU B 5 -9.72 -38.04 10.37
CA LEU B 5 -9.55 -36.80 9.64
C LEU B 5 -8.32 -36.08 10.20
N GLN B 6 -7.76 -35.19 9.40
CA GLN B 6 -6.64 -34.39 9.90
C GLN B 6 -6.34 -33.24 8.95
N MET B 7 -5.67 -32.23 9.49
CA MET B 7 -5.29 -31.02 8.75
C MET B 7 -3.95 -31.22 8.09
N VAL B 8 -3.96 -31.92 6.96
CA VAL B 8 -2.76 -32.06 6.15
C VAL B 8 -2.20 -30.68 5.87
N THR B 9 -0.89 -30.57 5.80
CA THR B 9 -0.19 -29.31 5.60
C THR B 9 0.68 -29.37 4.35
N VAL B 10 1.20 -28.21 3.96
CA VAL B 10 1.82 -28.02 2.66
C VAL B 10 2.98 -27.04 2.78
N GLY B 11 4.19 -27.50 2.46
CA GLY B 11 5.35 -26.63 2.44
C GLY B 11 5.39 -25.73 1.21
N HIS B 12 5.59 -26.33 0.05
CA HIS B 12 5.63 -25.61 -1.21
C HIS B 12 4.29 -25.75 -1.93
N ASN B 13 4.14 -24.98 -3.01
CA ASN B 13 3.07 -25.15 -3.98
C ASN B 13 1.72 -25.39 -3.28
N ILE B 14 1.39 -24.47 -2.38
CA ILE B 14 0.16 -24.58 -1.61
C ILE B 14 -1.05 -24.28 -2.51
N ALA B 15 -1.06 -23.11 -3.13
CA ALA B 15 -2.22 -22.70 -3.92
C ALA B 15 -2.30 -23.40 -5.24
N LEU B 16 -1.48 -24.43 -5.45
CA LEU B 16 -1.59 -25.23 -6.66
C LEU B 16 -2.72 -26.25 -6.55
N ILE B 17 -3.05 -26.68 -5.33
CA ILE B 17 -4.13 -27.63 -5.15
C ILE B 17 -5.43 -26.87 -5.36
N GLN B 18 -5.96 -26.93 -6.57
CA GLN B 18 -7.06 -26.06 -6.92
C GLN B 18 -8.38 -26.81 -6.81
N PRO B 19 -9.47 -26.11 -6.48
CA PRO B 19 -10.75 -26.80 -6.28
C PRO B 19 -11.28 -27.35 -7.59
N GLY B 20 -11.50 -28.65 -7.61
CA GLY B 20 -11.97 -29.31 -8.82
C GLY B 20 -10.94 -30.15 -9.51
N PHE B 21 -9.88 -30.53 -8.81
CA PHE B 21 -8.76 -31.25 -9.40
C PHE B 21 -9.05 -32.74 -9.39
N SER B 22 -8.02 -33.55 -9.67
CA SER B 22 -8.12 -34.99 -9.65
C SER B 22 -6.94 -35.58 -8.91
N LEU B 23 -7.22 -36.38 -7.88
CA LEU B 23 -6.21 -37.25 -7.31
C LEU B 23 -6.11 -38.52 -8.14
N MET B 24 -5.11 -39.33 -7.82
CA MET B 24 -4.92 -40.60 -8.52
C MET B 24 -4.18 -41.55 -7.57
N ASN B 25 -4.93 -42.45 -6.94
CA ASN B 25 -4.33 -43.48 -6.10
C ASN B 25 -3.77 -44.58 -7.00
N PHE B 26 -2.55 -44.40 -7.48
CA PHE B 26 -2.00 -45.21 -8.54
C PHE B 26 -0.88 -46.07 -8.00
N ASP B 27 -0.99 -47.39 -8.24
CA ASP B 27 0.02 -48.35 -7.80
C ASP B 27 0.35 -48.15 -6.32
N GLY B 28 -0.69 -47.89 -5.53
CA GLY B 28 -0.52 -47.58 -4.13
C GLY B 28 0.05 -46.20 -3.84
N GLN B 29 0.57 -45.51 -4.84
CA GLN B 29 1.09 -44.16 -4.69
C GLN B 29 0.04 -43.18 -5.17
N VAL B 30 -0.31 -42.21 -4.32
CA VAL B 30 -1.32 -41.23 -4.69
C VAL B 30 -0.68 -40.19 -5.59
N PHE B 31 -1.49 -39.55 -6.43
CA PHE B 31 -0.95 -38.61 -7.41
C PHE B 31 -1.97 -37.52 -7.70
N PHE B 32 -1.64 -36.30 -7.32
CA PHE B 32 -2.38 -35.12 -7.75
C PHE B 32 -2.33 -35.00 -9.26
N PHE B 33 -3.37 -34.39 -9.82
CA PHE B 33 -3.37 -34.05 -11.23
C PHE B 33 -4.44 -33.01 -11.49
N GLY B 34 -4.06 -31.97 -12.22
CA GLY B 34 -4.92 -30.83 -12.48
C GLY B 34 -4.54 -29.65 -11.60
N GLN B 35 -3.76 -28.74 -12.16
CA GLN B 35 -3.16 -27.66 -11.38
C GLN B 35 -4.00 -26.40 -11.49
N LYS B 36 -3.43 -25.30 -11.02
CA LYS B 36 -4.14 -24.03 -11.03
C LYS B 36 -3.90 -23.27 -12.32
N GLY B 37 -2.65 -22.95 -12.62
CA GLY B 37 -2.33 -22.19 -13.83
C GLY B 37 -2.14 -23.05 -15.07
N TRP B 38 -1.03 -23.78 -15.10
CA TRP B 38 -0.63 -24.63 -16.21
C TRP B 38 0.61 -25.37 -15.70
N PRO B 39 1.09 -26.40 -16.39
CA PRO B 39 2.32 -27.04 -15.91
C PRO B 39 3.43 -26.02 -15.78
N LYS B 40 3.83 -25.74 -14.54
CA LYS B 40 4.86 -24.75 -14.28
C LYS B 40 6.21 -25.45 -14.32
N ARG B 41 7.14 -24.89 -15.09
CA ARG B 41 8.36 -25.59 -15.47
C ARG B 41 9.17 -26.04 -14.27
N SER B 42 8.79 -25.63 -13.05
CA SER B 42 9.26 -26.37 -11.88
C SER B 42 8.67 -27.78 -11.87
N CYS B 43 7.44 -27.94 -12.35
CA CYS B 43 6.84 -29.24 -12.63
C CYS B 43 6.16 -29.18 -13.99
N PRO B 44 6.94 -29.12 -15.07
CA PRO B 44 6.34 -29.01 -16.41
C PRO B 44 5.53 -30.24 -16.77
N THR B 45 5.67 -31.28 -15.95
CA THR B 45 5.01 -32.54 -16.20
C THR B 45 3.52 -32.34 -16.48
N GLY B 46 2.80 -31.80 -15.50
CA GLY B 46 1.35 -31.78 -15.55
C GLY B 46 0.79 -32.50 -14.35
N VAL B 47 1.47 -33.56 -13.94
CA VAL B 47 1.09 -34.34 -12.77
C VAL B 47 2.06 -34.06 -11.64
N PHE B 48 1.70 -34.48 -10.45
CA PHE B 48 2.47 -34.26 -9.23
C PHE B 48 2.46 -35.54 -8.42
N HIS B 49 3.55 -35.80 -7.69
CA HIS B 49 3.63 -37.00 -6.87
C HIS B 49 3.09 -36.71 -5.48
N PHE B 50 1.87 -37.18 -5.23
CA PHE B 50 1.17 -36.95 -3.96
C PHE B 50 1.65 -37.99 -2.95
N ASP B 51 2.46 -37.55 -2.00
CA ASP B 51 2.78 -38.33 -0.81
C ASP B 51 2.46 -37.49 0.41
N ILE B 52 2.34 -38.15 1.55
CA ILE B 52 2.02 -37.45 2.78
C ILE B 52 2.47 -38.27 3.98
N LYS B 53 3.13 -37.62 4.92
CA LYS B 53 3.62 -38.25 6.14
C LYS B 53 3.79 -37.18 7.20
N GLN B 54 3.20 -37.41 8.37
CA GLN B 54 3.28 -36.45 9.48
C GLN B 54 2.60 -35.13 9.12
N ASN B 55 1.65 -35.18 8.19
CA ASN B 55 0.82 -34.02 7.85
C ASN B 55 1.66 -32.88 7.29
N HIS B 56 2.41 -33.21 6.22
CA HIS B 56 3.09 -32.19 5.42
C HIS B 56 3.12 -32.75 3.99
N LEU B 57 2.16 -32.32 3.19
CA LEU B 57 1.97 -32.88 1.86
C LEU B 57 3.18 -32.63 0.98
N LYS B 58 3.62 -33.68 0.29
CA LYS B 58 4.71 -33.62 -0.65
C LYS B 58 4.16 -33.84 -2.06
N LEU B 59 4.46 -32.92 -2.96
CA LEU B 59 4.14 -33.06 -4.37
C LEU B 59 5.46 -33.12 -5.13
N LYS B 60 5.98 -34.33 -5.27
CA LYS B 60 7.23 -34.53 -5.99
C LYS B 60 6.93 -34.60 -7.47
N PRO B 61 7.21 -33.54 -8.25
CA PRO B 61 6.90 -33.57 -9.68
C PRO B 61 7.24 -34.91 -10.33
N ALA B 62 6.23 -35.56 -10.90
CA ALA B 62 6.38 -36.90 -11.46
C ALA B 62 6.73 -36.78 -12.93
N ILE B 63 8.02 -36.94 -13.23
CA ILE B 63 8.48 -36.88 -14.61
C ILE B 63 7.62 -37.79 -15.48
N PHE B 64 7.32 -37.30 -16.67
CA PHE B 64 6.65 -38.11 -17.68
C PHE B 64 7.69 -39.00 -18.36
N SER B 65 7.34 -39.62 -19.48
CA SER B 65 8.22 -40.59 -20.11
C SER B 65 8.41 -40.28 -21.59
N LYS B 66 9.05 -41.20 -22.31
CA LYS B 66 9.40 -40.94 -23.70
C LYS B 66 8.15 -40.84 -24.57
N ASP B 67 7.26 -41.82 -24.46
CA ASP B 67 6.05 -41.87 -25.27
C ASP B 67 4.86 -41.26 -24.53
N SER B 68 5.12 -40.36 -23.60
CA SER B 68 4.10 -39.81 -22.72
C SER B 68 3.61 -38.49 -23.30
N CYS B 69 2.43 -38.52 -23.91
CA CYS B 69 1.80 -37.30 -24.41
C CYS B 69 1.40 -36.43 -23.23
N TYR B 70 2.00 -35.26 -23.12
CA TYR B 70 1.80 -34.38 -21.97
C TYR B 70 0.39 -33.82 -22.02
N LEU B 71 -0.55 -34.51 -21.40
CA LEU B 71 -1.89 -33.97 -21.30
C LEU B 71 -1.85 -32.71 -20.44
N PRO B 72 -2.85 -31.84 -20.57
CA PRO B 72 -2.81 -30.60 -19.82
C PRO B 72 -3.45 -30.77 -18.45
N PRO B 73 -3.40 -29.74 -17.63
CA PRO B 73 -4.05 -29.81 -16.31
C PRO B 73 -5.56 -29.77 -16.42
N LEU B 74 -6.22 -30.86 -16.05
CA LEU B 74 -7.64 -31.02 -16.27
C LEU B 74 -8.39 -30.95 -14.96
N ARG B 75 -9.29 -29.98 -14.86
CA ARG B 75 -10.10 -29.78 -13.67
C ARG B 75 -11.49 -30.37 -13.88
N TYR B 76 -11.96 -31.13 -12.91
CA TYR B 76 -13.20 -31.88 -13.02
C TYR B 76 -13.20 -32.82 -14.23
N PRO B 77 -12.12 -33.57 -14.48
CA PRO B 77 -12.16 -34.52 -15.59
C PRO B 77 -12.80 -35.84 -15.20
N ALA B 78 -12.76 -36.78 -16.14
CA ALA B 78 -13.22 -38.14 -15.92
C ALA B 78 -12.03 -39.05 -15.69
N THR B 79 -12.05 -39.76 -14.58
CA THR B 79 -10.91 -40.55 -14.12
C THR B 79 -11.39 -41.88 -13.58
N CYS B 80 -10.95 -42.97 -14.20
CA CYS B 80 -11.30 -44.32 -13.77
C CYS B 80 -10.00 -45.12 -13.60
N SER B 81 -9.66 -45.48 -12.36
CA SER B 81 -8.48 -46.38 -12.18
C SER B 81 -8.83 -47.71 -12.85
N TYR B 82 -8.51 -47.82 -14.13
CA TYR B 82 -8.69 -49.07 -14.90
C TYR B 82 -7.94 -50.24 -14.28
N LYS B 83 -8.28 -51.41 -14.49
CA LYS B 83 -7.53 -52.67 -14.22
C LYS B 83 -6.03 -52.36 -14.10
N HIS B 91 -4.11 -51.06 -13.13
CA HIS B 91 -2.87 -50.29 -13.04
C HIS B 91 -2.74 -49.33 -14.22
N GLN B 92 -3.79 -48.56 -14.45
CA GLN B 92 -3.84 -47.57 -15.52
C GLN B 92 -4.84 -46.50 -15.11
N TYR B 93 -5.22 -45.66 -16.07
CA TYR B 93 -6.25 -44.66 -15.87
C TYR B 93 -6.86 -44.37 -17.24
N ILE B 94 -7.92 -43.56 -17.23
CA ILE B 94 -8.44 -42.93 -18.45
C ILE B 94 -8.86 -41.54 -18.02
N ILE B 95 -8.21 -40.52 -18.55
CA ILE B 95 -8.46 -39.15 -18.17
C ILE B 95 -9.11 -38.45 -19.35
N HIS B 96 -10.38 -38.12 -19.21
CA HIS B 96 -11.15 -37.51 -20.28
C HIS B 96 -11.70 -36.16 -19.85
N GLY B 97 -12.08 -35.36 -20.85
CA GLY B 97 -12.76 -34.12 -20.57
C GLY B 97 -11.90 -33.22 -19.73
N GLY B 98 -12.47 -32.74 -18.63
CA GLY B 98 -11.77 -31.81 -17.78
C GLY B 98 -11.72 -30.45 -18.45
N LYS B 99 -11.76 -29.39 -17.65
CA LYS B 99 -11.68 -28.04 -18.18
C LYS B 99 -10.21 -27.63 -18.20
N THR B 100 -9.63 -27.62 -19.39
CA THR B 100 -8.23 -27.24 -19.52
C THR B 100 -8.00 -25.91 -18.83
N PRO B 101 -6.76 -25.59 -18.44
CA PRO B 101 -6.52 -24.36 -17.69
C PRO B 101 -6.81 -23.11 -18.49
N ASN B 102 -6.92 -23.21 -19.81
CA ASN B 102 -7.45 -22.16 -20.66
C ASN B 102 -8.96 -22.18 -20.73
N ASN B 103 -9.64 -23.05 -19.97
CA ASN B 103 -11.12 -23.13 -19.89
C ASN B 103 -11.76 -23.74 -21.15
N GLU B 104 -11.00 -24.51 -21.92
CA GLU B 104 -11.60 -25.25 -23.07
C GLU B 104 -11.71 -26.71 -22.59
N LEU B 105 -12.44 -27.57 -23.31
CA LEU B 105 -12.60 -28.96 -22.81
C LEU B 105 -11.84 -29.91 -23.73
N SER B 106 -11.30 -31.02 -23.19
CA SER B 106 -10.57 -31.99 -23.98
C SER B 106 -11.52 -33.04 -24.55
N ASP B 107 -11.51 -33.19 -25.86
CA ASP B 107 -12.23 -34.26 -26.55
C ASP B 107 -11.53 -35.60 -26.42
N LYS B 108 -10.52 -35.69 -25.55
CA LYS B 108 -9.55 -36.77 -25.59
C LYS B 108 -9.51 -37.50 -24.26
N ILE B 109 -9.61 -38.83 -24.32
CA ILE B 109 -9.29 -39.67 -23.18
C ILE B 109 -7.78 -39.79 -23.09
N TYR B 110 -7.27 -39.95 -21.88
CA TYR B 110 -5.83 -39.97 -21.62
C TYR B 110 -5.50 -41.20 -20.79
N ILE B 111 -4.93 -42.22 -21.42
CA ILE B 111 -4.50 -43.42 -20.75
C ILE B 111 -3.23 -43.12 -19.98
N MET B 112 -3.35 -42.88 -18.67
CA MET B 112 -2.21 -42.50 -17.84
C MET B 112 -1.60 -43.76 -17.22
N SER B 113 -0.93 -44.54 -18.06
CA SER B 113 -0.26 -45.75 -17.62
C SER B 113 1.02 -45.35 -16.87
N VAL B 114 1.80 -46.35 -16.48
CA VAL B 114 3.08 -46.14 -15.84
C VAL B 114 4.16 -46.84 -16.66
N ALA B 115 5.35 -46.25 -16.69
CA ALA B 115 6.47 -46.80 -17.43
C ALA B 115 7.50 -47.47 -16.53
N CYS B 116 7.97 -46.76 -15.50
CA CYS B 116 8.91 -47.32 -14.55
C CYS B 116 8.66 -46.66 -13.20
N LYS B 117 9.09 -47.34 -12.13
CA LYS B 117 8.86 -46.86 -10.77
C LYS B 117 10.08 -47.02 -9.86
N ASN B 118 11.18 -47.58 -10.37
CA ASN B 118 12.31 -47.94 -9.51
C ASN B 118 12.76 -46.76 -8.65
N ASN B 119 13.25 -47.07 -7.45
CA ASN B 119 13.80 -46.08 -6.54
C ASN B 119 12.76 -45.02 -6.16
N LYS B 120 11.59 -45.51 -5.78
CA LYS B 120 10.46 -44.66 -5.35
C LYS B 120 10.22 -43.53 -6.33
N LYS B 121 10.63 -43.69 -7.59
CA LYS B 121 10.41 -42.71 -8.63
C LYS B 121 9.21 -43.14 -9.47
N VAL B 122 8.80 -42.27 -10.39
CA VAL B 122 7.62 -42.52 -11.21
C VAL B 122 7.77 -41.82 -12.55
N THR B 123 7.15 -42.40 -13.57
CA THR B 123 7.37 -42.01 -14.95
C THR B 123 6.09 -41.68 -15.70
N PHE B 124 4.99 -42.36 -15.40
CA PHE B 124 3.66 -42.00 -15.90
C PHE B 124 3.59 -41.99 -17.43
N ARG B 125 3.70 -43.18 -18.00
CA ARG B 125 3.36 -43.33 -19.41
C ARG B 125 1.94 -42.79 -19.62
N CYS B 126 1.81 -41.68 -20.33
CA CYS B 126 0.52 -41.03 -20.56
C CYS B 126 0.31 -40.90 -22.07
N THR B 127 -0.69 -41.62 -22.58
CA THR B 127 -0.94 -41.71 -24.01
C THR B 127 -2.36 -41.21 -24.30
N GLU B 128 -2.46 -40.17 -25.12
CA GLU B 128 -3.75 -39.83 -25.70
C GLU B 128 -4.23 -40.99 -26.57
N LYS B 129 -5.53 -41.25 -26.53
CA LYS B 129 -6.13 -42.32 -27.30
C LYS B 129 -7.15 -41.76 -28.28
N ASP B 130 -7.06 -42.21 -29.53
CA ASP B 130 -7.86 -41.64 -30.61
C ASP B 130 -9.31 -42.11 -30.50
N LEU B 131 -10.22 -41.18 -30.23
CA LEU B 131 -11.63 -41.49 -30.24
C LEU B 131 -12.11 -41.65 -31.68
N VAL B 132 -12.87 -42.70 -31.94
CA VAL B 132 -13.20 -43.11 -33.30
C VAL B 132 -14.70 -43.18 -33.48
N GLY B 133 -15.13 -43.00 -34.72
CA GLY B 133 -16.55 -43.13 -35.05
C GLY B 133 -17.39 -42.17 -34.23
N ASP B 134 -18.58 -42.61 -33.88
CA ASP B 134 -19.41 -41.84 -32.96
C ASP B 134 -18.69 -41.72 -31.62
N VAL B 135 -18.34 -40.50 -31.25
CA VAL B 135 -17.54 -40.26 -30.05
C VAL B 135 -18.23 -39.21 -29.19
N PRO B 136 -17.89 -39.11 -27.91
CA PRO B 136 -18.53 -38.11 -27.06
C PRO B 136 -17.86 -36.75 -27.20
N GLU B 137 -18.61 -35.71 -26.90
CA GLU B 137 -18.10 -34.35 -27.03
C GLU B 137 -17.26 -33.98 -25.83
N PRO B 138 -16.49 -32.89 -25.92
CA PRO B 138 -15.80 -32.38 -24.74
C PRO B 138 -16.78 -31.97 -23.66
N ARG B 139 -16.62 -32.55 -22.48
CA ARG B 139 -17.46 -32.24 -21.32
C ARG B 139 -16.57 -32.32 -20.09
N TYR B 140 -17.19 -32.23 -18.92
CA TYR B 140 -16.44 -32.24 -17.66
C TYR B 140 -17.43 -32.39 -16.52
N GLY B 141 -16.90 -32.40 -15.30
CA GLY B 141 -17.69 -32.63 -14.12
C GLY B 141 -18.17 -34.05 -13.94
N HIS B 142 -18.14 -34.87 -14.98
CA HIS B 142 -18.60 -36.24 -14.92
C HIS B 142 -17.51 -37.14 -14.37
N SER B 143 -17.72 -38.45 -14.47
CA SER B 143 -16.70 -39.42 -14.09
C SER B 143 -16.92 -40.66 -14.93
N ILE B 144 -15.99 -40.95 -15.83
CA ILE B 144 -16.05 -42.19 -16.57
C ILE B 144 -15.75 -43.33 -15.60
N ASP B 145 -16.09 -44.54 -16.03
CA ASP B 145 -15.72 -45.71 -15.26
C ASP B 145 -15.57 -46.88 -16.23
N VAL B 146 -15.28 -48.04 -15.68
CA VAL B 146 -14.98 -49.22 -16.48
C VAL B 146 -15.86 -50.37 -16.03
N VAL B 147 -15.98 -51.36 -16.90
CA VAL B 147 -16.76 -52.56 -16.64
C VAL B 147 -16.08 -53.71 -17.37
N TYR B 148 -16.38 -54.93 -16.93
CA TYR B 148 -15.81 -56.14 -17.51
C TYR B 148 -16.95 -57.08 -17.86
N SER B 149 -17.55 -56.87 -19.02
CA SER B 149 -18.67 -57.68 -19.47
C SER B 149 -18.24 -59.13 -19.63
N ARG B 150 -17.31 -59.36 -20.56
CA ARG B 150 -16.69 -60.66 -20.75
C ARG B 150 -15.31 -60.71 -20.12
N GLY B 151 -15.13 -60.02 -18.99
CA GLY B 151 -13.80 -59.78 -18.48
C GLY B 151 -13.02 -58.77 -19.29
N LYS B 152 -13.70 -57.81 -19.91
CA LYS B 152 -13.11 -56.91 -20.88
C LYS B 152 -13.31 -55.47 -20.44
N SER B 153 -12.20 -54.76 -20.25
CA SER B 153 -12.27 -53.34 -19.91
C SER B 153 -13.08 -52.61 -20.97
N MET B 154 -14.23 -52.07 -20.57
CA MET B 154 -15.09 -51.31 -21.45
C MET B 154 -15.62 -50.11 -20.69
N GLY B 155 -15.58 -48.95 -21.31
CA GLY B 155 -15.82 -47.72 -20.59
C GLY B 155 -17.28 -47.34 -20.51
N VAL B 156 -17.53 -46.40 -19.61
CA VAL B 156 -18.83 -45.75 -19.48
C VAL B 156 -18.56 -44.29 -19.12
N LEU B 157 -18.70 -43.41 -20.10
CA LEU B 157 -18.63 -41.98 -19.89
C LEU B 157 -20.03 -41.42 -20.04
N PHE B 158 -20.47 -40.67 -19.04
CA PHE B 158 -21.86 -40.25 -19.00
C PHE B 158 -21.97 -38.96 -18.22
N GLY B 159 -23.07 -38.24 -18.47
CA GLY B 159 -23.28 -36.98 -17.78
C GLY B 159 -22.25 -35.97 -18.25
N GLY B 160 -21.96 -35.00 -17.39
CA GLY B 160 -20.89 -34.09 -17.67
C GLY B 160 -21.34 -32.76 -18.23
N ARG B 161 -21.11 -31.69 -17.48
CA ARG B 161 -21.39 -30.36 -17.97
C ARG B 161 -20.57 -30.11 -19.24
N SER B 162 -20.94 -29.06 -19.96
CA SER B 162 -20.24 -28.73 -21.19
C SER B 162 -20.69 -27.37 -21.66
N TYR B 163 -19.77 -26.63 -22.25
CA TYR B 163 -20.14 -25.38 -22.90
C TYR B 163 -21.00 -25.68 -24.11
N MET B 164 -21.99 -24.84 -24.34
CA MET B 164 -22.98 -25.10 -25.38
C MET B 164 -22.28 -25.36 -26.70
N PRO B 165 -22.96 -25.96 -27.68
CA PRO B 165 -22.33 -26.18 -28.98
C PRO B 165 -21.99 -24.85 -29.65
N SER B 166 -20.88 -24.87 -30.39
CA SER B 166 -20.37 -23.64 -30.99
C SER B 166 -21.47 -22.86 -31.70
N THR B 167 -22.23 -23.55 -32.55
CA THR B 167 -23.27 -22.86 -33.32
C THR B 167 -24.31 -22.20 -32.41
N GLN B 168 -24.73 -22.90 -31.36
CA GLN B 168 -25.67 -22.35 -30.39
C GLN B 168 -25.00 -21.55 -29.28
N ARG B 169 -23.69 -21.68 -29.13
CA ARG B 169 -22.97 -21.02 -28.06
C ARG B 169 -22.55 -19.63 -28.50
N THR B 170 -22.84 -18.63 -27.67
CA THR B 170 -22.51 -17.25 -27.96
C THR B 170 -21.41 -16.80 -27.00
N THR B 171 -21.04 -15.52 -27.08
CA THR B 171 -19.99 -14.97 -26.24
C THR B 171 -20.55 -14.35 -24.96
N GLU B 172 -21.76 -13.81 -24.99
CA GLU B 172 -22.40 -13.38 -23.75
C GLU B 172 -22.49 -14.53 -22.77
N LYS B 173 -22.77 -15.73 -23.28
CA LYS B 173 -22.88 -16.95 -22.49
C LYS B 173 -21.76 -17.92 -22.79
N TRP B 174 -20.63 -17.40 -23.28
CA TRP B 174 -19.47 -18.24 -23.58
C TRP B 174 -19.17 -19.20 -22.46
N ASN B 175 -19.52 -18.85 -21.22
CA ASN B 175 -19.24 -19.68 -20.06
C ASN B 175 -20.51 -20.31 -19.51
N SER B 176 -21.48 -20.58 -20.38
CA SER B 176 -22.63 -21.39 -20.00
C SER B 176 -22.20 -22.85 -20.01
N VAL B 177 -22.87 -23.66 -19.20
CA VAL B 177 -22.53 -25.06 -19.05
C VAL B 177 -23.81 -25.86 -19.27
N ALA B 178 -23.95 -26.43 -20.45
CA ALA B 178 -25.10 -27.25 -20.77
C ALA B 178 -24.84 -28.67 -20.30
N ASP B 179 -25.55 -29.09 -19.24
CA ASP B 179 -25.43 -30.51 -18.88
C ASP B 179 -25.78 -31.23 -20.16
N CYS B 180 -24.84 -32.01 -20.71
CA CYS B 180 -25.00 -32.62 -22.00
C CYS B 180 -26.13 -33.63 -21.96
N LEU B 181 -26.66 -33.95 -23.14
CA LEU B 181 -27.66 -34.98 -23.23
C LEU B 181 -27.15 -36.23 -22.51
N PRO B 182 -27.88 -36.75 -21.53
CA PRO B 182 -27.35 -37.91 -20.81
C PRO B 182 -27.35 -39.11 -21.73
N HIS B 183 -26.15 -39.45 -22.23
CA HIS B 183 -25.97 -40.35 -23.36
C HIS B 183 -24.76 -41.21 -23.02
N VAL B 184 -25.03 -42.38 -22.44
CA VAL B 184 -23.97 -43.20 -21.86
C VAL B 184 -23.00 -43.57 -22.98
N PHE B 185 -21.74 -43.19 -22.83
CA PHE B 185 -20.73 -43.39 -23.85
C PHE B 185 -19.92 -44.63 -23.48
N LEU B 186 -20.19 -45.73 -24.17
CA LEU B 186 -19.63 -47.04 -23.83
C LEU B 186 -18.41 -47.31 -24.71
N ILE B 187 -17.37 -46.53 -24.47
CA ILE B 187 -16.17 -46.60 -25.31
C ILE B 187 -15.58 -48.01 -25.24
N ASP B 188 -15.25 -48.57 -26.39
CA ASP B 188 -14.57 -49.85 -26.50
C ASP B 188 -13.16 -49.59 -27.03
N PHE B 189 -12.25 -49.33 -26.10
CA PHE B 189 -10.92 -48.84 -26.47
C PHE B 189 -9.90 -49.97 -26.48
N GLU B 190 -8.68 -49.60 -26.88
CA GLU B 190 -7.53 -50.49 -27.07
C GLU B 190 -7.63 -51.34 -28.33
N PHE B 191 -8.79 -51.37 -28.97
CA PHE B 191 -8.90 -51.84 -30.35
C PHE B 191 -9.72 -50.89 -31.20
N GLY B 192 -10.81 -50.34 -30.66
CA GLY B 192 -11.43 -49.15 -31.15
C GLY B 192 -11.29 -48.03 -30.13
N CYS B 193 -12.24 -47.11 -30.16
CA CYS B 193 -12.47 -46.29 -28.97
C CYS B 193 -13.93 -46.28 -28.52
N ALA B 194 -14.87 -45.89 -29.37
CA ALA B 194 -16.12 -45.31 -28.91
C ALA B 194 -17.33 -46.15 -29.33
N THR B 195 -18.35 -46.10 -28.47
CA THR B 195 -19.68 -46.60 -28.81
C THR B 195 -20.66 -45.95 -27.83
N SER B 196 -21.50 -45.07 -28.32
CA SER B 196 -22.41 -44.31 -27.48
C SER B 196 -23.81 -44.92 -27.54
N TYR B 197 -24.62 -44.60 -26.53
CA TYR B 197 -25.99 -45.08 -26.46
C TYR B 197 -26.78 -44.14 -25.57
N ILE B 198 -27.76 -43.46 -26.15
CA ILE B 198 -28.69 -42.66 -25.37
C ILE B 198 -29.68 -43.59 -24.70
N LEU B 199 -30.06 -43.26 -23.47
CA LEU B 199 -30.87 -44.17 -22.67
C LEU B 199 -32.28 -43.63 -22.52
N PRO B 200 -33.28 -44.53 -22.48
CA PRO B 200 -34.66 -44.05 -22.36
C PRO B 200 -35.01 -43.60 -20.96
N GLU B 201 -34.44 -44.23 -19.94
CA GLU B 201 -34.68 -43.83 -18.56
C GLU B 201 -33.90 -42.59 -18.15
N LEU B 202 -32.94 -42.17 -18.96
CA LEU B 202 -32.06 -41.04 -18.64
C LEU B 202 -32.36 -39.92 -19.62
N GLN B 203 -33.19 -38.98 -19.18
CA GLN B 203 -33.63 -37.89 -20.04
C GLN B 203 -32.91 -36.58 -19.70
N ASP B 204 -32.96 -36.19 -18.42
CA ASP B 204 -32.30 -34.96 -17.98
C ASP B 204 -30.84 -35.23 -17.67
N GLY B 205 -29.97 -34.49 -18.35
CA GLY B 205 -28.54 -34.67 -18.19
C GLY B 205 -28.03 -34.02 -16.92
N LEU B 206 -27.09 -34.69 -16.26
CA LEU B 206 -26.48 -34.19 -15.05
C LEU B 206 -24.96 -34.26 -15.19
N SER B 207 -24.29 -33.82 -14.14
CA SER B 207 -22.85 -33.94 -14.03
C SER B 207 -22.49 -33.90 -12.56
N PHE B 208 -21.19 -33.93 -12.27
CA PHE B 208 -20.71 -34.16 -10.92
C PHE B 208 -21.25 -35.47 -10.37
N HIS B 209 -21.64 -36.36 -11.26
CA HIS B 209 -22.23 -37.63 -10.87
C HIS B 209 -21.16 -38.63 -10.50
N VAL B 210 -21.32 -39.22 -9.33
CA VAL B 210 -20.38 -40.20 -8.80
C VAL B 210 -20.80 -41.57 -9.31
N SER B 211 -19.92 -42.20 -10.07
CA SER B 211 -20.17 -43.50 -10.67
C SER B 211 -19.13 -44.49 -10.18
N ILE B 212 -19.46 -45.78 -10.28
CA ILE B 212 -18.61 -46.85 -9.76
C ILE B 212 -18.36 -47.87 -10.87
N ALA B 213 -17.13 -48.33 -10.98
CA ALA B 213 -16.69 -49.26 -12.02
C ALA B 213 -16.74 -50.72 -11.56
N ARG B 214 -17.89 -51.19 -11.08
CA ARG B 214 -17.96 -52.59 -10.66
C ARG B 214 -18.20 -53.50 -11.87
N ASN B 215 -17.98 -54.79 -11.65
CA ASN B 215 -18.03 -55.75 -12.74
C ASN B 215 -19.43 -55.83 -13.33
N ASP B 216 -19.49 -55.82 -14.66
CA ASP B 216 -20.70 -55.99 -15.46
C ASP B 216 -21.72 -54.88 -15.25
N THR B 217 -21.44 -53.87 -14.44
CA THR B 217 -22.40 -52.80 -14.23
C THR B 217 -21.72 -51.63 -13.53
N VAL B 218 -22.30 -50.45 -13.75
CA VAL B 218 -21.94 -49.23 -13.02
C VAL B 218 -23.18 -48.73 -12.30
N TYR B 219 -22.99 -47.99 -11.22
CA TYR B 219 -24.08 -47.49 -10.40
C TYR B 219 -23.91 -45.99 -10.22
N ILE B 220 -24.57 -45.22 -11.10
CA ILE B 220 -24.51 -43.78 -10.99
C ILE B 220 -25.08 -43.34 -9.66
N LEU B 221 -24.70 -42.13 -9.23
CA LEU B 221 -25.14 -41.63 -7.94
C LEU B 221 -24.88 -40.13 -7.89
N GLY B 222 -25.86 -39.38 -7.38
CA GLY B 222 -25.67 -37.97 -7.15
C GLY B 222 -25.38 -37.20 -8.42
N GLY B 223 -25.38 -35.88 -8.32
CA GLY B 223 -25.02 -35.04 -9.43
C GLY B 223 -25.90 -33.81 -9.47
N HIS B 224 -25.72 -33.03 -10.53
CA HIS B 224 -26.41 -31.76 -10.71
C HIS B 224 -26.84 -31.65 -12.16
N SER B 225 -28.14 -31.61 -12.38
CA SER B 225 -28.71 -31.34 -13.71
C SER B 225 -29.13 -29.87 -13.73
N LEU B 226 -28.18 -29.01 -14.12
CA LEU B 226 -28.47 -27.58 -14.23
C LEU B 226 -29.75 -27.32 -15.00
N ALA B 227 -30.16 -28.24 -15.88
CA ALA B 227 -31.45 -28.10 -16.54
C ALA B 227 -32.56 -27.90 -15.51
N SER B 228 -32.40 -28.47 -14.32
CA SER B 228 -33.31 -28.25 -13.21
C SER B 228 -32.66 -27.50 -12.06
N ASN B 229 -31.36 -27.22 -12.14
CA ASN B 229 -30.59 -26.64 -11.04
C ASN B 229 -30.78 -27.42 -9.75
N ILE B 230 -31.04 -28.72 -9.88
CA ILE B 230 -31.40 -29.56 -8.75
C ILE B 230 -30.35 -30.66 -8.61
N ARG B 231 -30.35 -31.29 -7.44
CA ARG B 231 -29.51 -32.44 -7.16
C ARG B 231 -30.39 -33.68 -7.09
N PRO B 232 -30.76 -34.27 -8.22
CA PRO B 232 -31.78 -35.32 -8.21
C PRO B 232 -31.29 -36.54 -7.44
N ALA B 233 -32.12 -37.01 -6.51
CA ALA B 233 -31.88 -38.27 -5.82
C ALA B 233 -32.19 -39.38 -6.81
N ASN B 234 -31.17 -39.84 -7.52
CA ASN B 234 -31.37 -40.79 -8.60
C ASN B 234 -30.15 -41.68 -8.70
N LEU B 235 -30.40 -42.95 -8.97
CA LEU B 235 -29.36 -43.93 -9.21
C LEU B 235 -29.66 -44.62 -10.52
N TYR B 236 -28.67 -45.31 -11.06
CA TYR B 236 -28.84 -45.98 -12.35
C TYR B 236 -27.86 -47.14 -12.43
N ARG B 237 -28.40 -48.34 -12.66
CA ARG B 237 -27.61 -49.54 -12.89
C ARG B 237 -27.39 -49.67 -14.39
N ILE B 238 -26.25 -49.17 -14.85
CA ILE B 238 -25.89 -49.25 -16.25
C ILE B 238 -25.13 -50.56 -16.41
N ARG B 239 -25.84 -51.60 -16.86
CA ARG B 239 -25.24 -52.90 -17.09
C ARG B 239 -24.69 -52.96 -18.50
N VAL B 240 -23.68 -53.79 -18.70
CA VAL B 240 -23.09 -54.02 -20.02
C VAL B 240 -23.07 -55.52 -20.27
N ASP B 241 -23.37 -55.90 -21.50
CA ASP B 241 -23.37 -57.31 -21.90
C ASP B 241 -22.96 -57.36 -23.37
N LEU B 242 -21.69 -57.63 -23.63
CA LEU B 242 -21.14 -57.60 -24.97
C LEU B 242 -21.19 -58.99 -25.59
N PRO B 243 -22.15 -59.29 -26.46
CA PRO B 243 -22.03 -60.51 -27.26
C PRO B 243 -20.81 -60.46 -28.16
N LEU B 244 -20.54 -61.54 -28.89
CA LEU B 244 -19.29 -61.65 -29.63
C LEU B 244 -19.14 -60.59 -30.71
N GLY B 245 -20.22 -59.88 -31.03
CA GLY B 245 -20.17 -58.93 -32.13
C GLY B 245 -20.57 -57.50 -31.80
N THR B 246 -21.40 -57.30 -30.79
CA THR B 246 -21.98 -55.99 -30.51
C THR B 246 -21.99 -55.75 -29.01
N PRO B 247 -22.03 -54.50 -28.59
CA PRO B 247 -22.26 -54.18 -27.17
C PRO B 247 -23.75 -54.01 -26.87
N ALA B 248 -24.04 -53.82 -25.58
CA ALA B 248 -25.41 -53.65 -25.13
C ALA B 248 -25.37 -53.01 -23.75
N VAL B 249 -26.47 -52.33 -23.41
CA VAL B 249 -26.57 -51.62 -22.15
C VAL B 249 -28.03 -51.49 -21.76
N ASN B 250 -28.28 -51.47 -20.46
CA ASN B 250 -29.60 -51.25 -19.90
C ASN B 250 -29.47 -50.44 -18.61
N CYS B 251 -30.48 -49.61 -18.37
CA CYS B 251 -30.51 -48.75 -17.19
C CYS B 251 -31.77 -49.06 -16.38
N THR B 252 -31.62 -49.07 -15.05
CA THR B 252 -32.73 -49.34 -14.14
C THR B 252 -32.51 -48.50 -12.89
N VAL B 253 -33.31 -47.44 -12.74
CA VAL B 253 -33.18 -46.60 -11.56
C VAL B 253 -33.37 -47.44 -10.31
N LEU B 254 -32.74 -47.00 -9.22
CA LEU B 254 -32.86 -47.66 -7.94
C LEU B 254 -33.68 -46.78 -7.00
N PRO B 255 -34.63 -47.35 -6.26
CA PRO B 255 -35.36 -46.53 -5.28
C PRO B 255 -34.53 -46.31 -4.02
N GLY B 256 -34.22 -45.06 -3.75
CA GLY B 256 -33.42 -44.70 -2.60
C GLY B 256 -32.15 -43.95 -2.92
N GLY B 257 -32.02 -43.42 -4.13
CA GLY B 257 -30.87 -42.59 -4.44
C GLY B 257 -30.75 -41.41 -3.49
N ILE B 258 -29.57 -40.81 -3.49
CA ILE B 258 -29.27 -39.71 -2.59
C ILE B 258 -29.09 -38.43 -3.40
N SER B 259 -29.46 -37.31 -2.78
CA SER B 259 -29.49 -36.01 -3.44
C SER B 259 -28.23 -35.23 -3.05
N VAL B 260 -27.18 -35.42 -3.84
CA VAL B 260 -25.97 -34.61 -3.69
C VAL B 260 -25.33 -34.44 -5.06
N SER B 261 -24.54 -33.39 -5.20
CA SER B 261 -23.75 -33.15 -6.38
C SER B 261 -22.29 -32.96 -5.98
N SER B 262 -21.38 -33.46 -6.81
CA SER B 262 -19.94 -33.26 -6.61
C SER B 262 -19.44 -34.05 -5.41
N ALA B 263 -19.87 -35.29 -5.28
CA ALA B 263 -19.43 -36.10 -4.17
C ALA B 263 -18.15 -36.86 -4.54
N ILE B 264 -17.52 -37.44 -3.53
CA ILE B 264 -16.20 -38.04 -3.65
C ILE B 264 -16.27 -39.51 -3.29
N LEU B 265 -15.62 -40.34 -4.09
CA LEU B 265 -15.78 -41.79 -4.06
C LEU B 265 -14.49 -42.47 -3.64
N THR B 266 -14.41 -42.86 -2.38
CA THR B 266 -13.37 -43.75 -1.88
C THR B 266 -13.97 -45.12 -1.60
N GLN B 267 -13.14 -46.04 -1.12
CA GLN B 267 -13.59 -47.40 -0.83
C GLN B 267 -13.52 -47.74 0.65
N THR B 268 -12.34 -47.65 1.26
CA THR B 268 -12.07 -48.11 2.63
C THR B 268 -12.02 -49.64 2.71
N ASN B 269 -12.49 -50.32 1.66
CA ASN B 269 -12.24 -51.74 1.46
C ASN B 269 -12.92 -52.17 0.15
N ASN B 270 -12.70 -53.41 -0.28
CA ASN B 270 -13.24 -53.86 -1.55
C ASN B 270 -14.76 -53.87 -1.53
N ASP B 271 -15.35 -53.79 -2.72
CA ASP B 271 -16.81 -53.86 -2.89
C ASP B 271 -17.54 -53.03 -1.84
N GLU B 272 -17.01 -51.83 -1.59
CA GLU B 272 -17.62 -50.94 -0.63
C GLU B 272 -17.04 -49.54 -0.76
N PHE B 273 -17.89 -48.53 -0.93
CA PHE B 273 -17.45 -47.16 -1.17
C PHE B 273 -18.13 -46.23 -0.18
N VAL B 274 -17.34 -45.38 0.45
CA VAL B 274 -17.84 -44.36 1.37
C VAL B 274 -17.82 -43.06 0.58
N ILE B 275 -18.94 -42.76 -0.05
CA ILE B 275 -19.08 -41.51 -0.79
C ILE B 275 -19.19 -40.37 0.22
N VAL B 276 -18.10 -39.65 0.40
CA VAL B 276 -17.99 -38.63 1.44
C VAL B 276 -18.44 -37.31 0.83
N GLY B 277 -19.52 -36.76 1.39
CA GLY B 277 -19.87 -35.38 1.12
C GLY B 277 -20.00 -35.04 -0.35
N GLY B 278 -20.09 -33.75 -0.63
CA GLY B 278 -20.36 -33.24 -1.95
C GLY B 278 -20.93 -31.85 -1.79
N TYR B 279 -22.09 -31.62 -2.40
CA TYR B 279 -22.83 -30.37 -2.14
C TYR B 279 -24.29 -30.78 -2.17
N GLN B 280 -24.82 -31.18 -1.02
CA GLN B 280 -26.22 -31.59 -0.88
C GLN B 280 -27.13 -30.53 -1.48
N LEU B 281 -27.03 -29.32 -0.97
CA LEU B 281 -27.71 -28.16 -1.53
C LEU B 281 -26.68 -27.07 -1.82
N GLU B 282 -26.89 -26.34 -2.91
CA GLU B 282 -25.92 -25.37 -3.42
C GLU B 282 -25.24 -24.61 -2.31
N ASN B 283 -26.01 -24.23 -1.28
CA ASN B 283 -25.45 -23.51 -0.14
C ASN B 283 -25.13 -24.41 1.04
N GLN B 284 -25.72 -25.59 1.12
CA GLN B 284 -25.55 -26.50 2.24
C GLN B 284 -24.74 -27.70 1.76
N LYS B 285 -23.43 -27.57 1.85
CA LYS B 285 -22.53 -28.68 1.52
C LYS B 285 -22.95 -29.93 2.27
N ARG B 286 -22.76 -31.07 1.59
CA ARG B 286 -23.12 -32.37 2.22
C ARG B 286 -22.14 -32.64 3.35
N MET B 287 -22.62 -32.58 4.58
CA MET B 287 -21.80 -32.82 5.75
C MET B 287 -21.87 -34.25 6.25
N VAL B 288 -22.12 -35.21 5.35
CA VAL B 288 -22.29 -36.60 5.73
C VAL B 288 -21.55 -37.48 4.74
N CYS B 289 -21.25 -38.70 5.18
CA CYS B 289 -20.72 -39.73 4.33
C CYS B 289 -21.85 -40.67 3.90
N SER B 290 -21.54 -41.58 3.00
CA SER B 290 -22.55 -42.53 2.53
C SER B 290 -21.84 -43.80 2.05
N LEU B 291 -21.81 -44.81 2.91
CA LEU B 291 -21.23 -46.08 2.55
C LEU B 291 -22.18 -46.83 1.62
N VAL B 292 -21.61 -47.53 0.63
CA VAL B 292 -22.35 -48.33 -0.31
C VAL B 292 -21.73 -49.71 -0.39
N SER B 293 -22.55 -50.69 -0.73
CA SER B 293 -22.10 -52.08 -0.88
C SER B 293 -22.61 -52.57 -2.23
N LEU B 294 -21.69 -52.76 -3.16
CA LEU B 294 -22.04 -53.10 -4.54
C LEU B 294 -22.18 -54.61 -4.66
N GLY B 295 -23.35 -55.11 -4.32
CA GLY B 295 -23.60 -56.54 -4.37
C GLY B 295 -23.46 -57.08 -5.77
N ASP B 296 -23.83 -58.36 -5.92
CA ASP B 296 -23.71 -59.02 -7.21
C ASP B 296 -24.77 -58.53 -8.20
N ASN B 297 -25.88 -58.01 -7.72
CA ASN B 297 -26.88 -57.43 -8.60
C ASN B 297 -27.53 -56.16 -8.06
N THR B 298 -27.10 -55.65 -6.91
CA THR B 298 -27.75 -54.48 -6.33
C THR B 298 -26.75 -53.73 -5.46
N ILE B 299 -27.24 -52.66 -4.84
CA ILE B 299 -26.45 -51.81 -3.97
C ILE B 299 -27.30 -51.42 -2.77
N GLU B 300 -26.63 -51.15 -1.66
CA GLU B 300 -27.27 -50.71 -0.42
C GLU B 300 -26.45 -49.58 0.15
N ILE B 301 -26.93 -48.35 0.00
CA ILE B 301 -26.17 -47.16 0.39
C ILE B 301 -26.48 -46.92 1.86
N SER B 302 -25.72 -47.59 2.72
CA SER B 302 -25.82 -47.38 4.15
C SER B 302 -25.03 -46.14 4.54
N GLU B 303 -25.67 -45.20 5.22
CA GLU B 303 -25.01 -43.98 5.66
C GLU B 303 -24.08 -44.30 6.83
N MET B 304 -22.79 -44.41 6.55
CA MET B 304 -21.83 -44.61 7.61
C MET B 304 -21.82 -43.42 8.56
N GLU B 305 -21.42 -43.66 9.80
CA GLU B 305 -21.39 -42.59 10.78
C GLU B 305 -20.47 -41.48 10.29
N THR B 306 -20.95 -40.26 10.38
CA THR B 306 -20.23 -39.12 9.83
C THR B 306 -19.03 -38.80 10.72
N PRO B 307 -17.85 -38.53 10.15
CA PRO B 307 -16.77 -37.97 10.97
C PRO B 307 -17.03 -36.51 11.25
N ASP B 308 -17.43 -36.20 12.47
CA ASP B 308 -17.89 -34.85 12.80
C ASP B 308 -16.81 -33.84 12.41
N TRP B 309 -17.15 -32.98 11.46
CA TRP B 309 -16.16 -32.17 10.79
C TRP B 309 -15.48 -31.18 11.74
N THR B 310 -14.53 -30.46 11.19
CA THR B 310 -13.85 -29.39 11.91
C THR B 310 -14.83 -28.24 12.16
N SER B 311 -14.35 -27.25 12.92
CA SER B 311 -15.13 -26.04 13.14
C SER B 311 -15.26 -25.19 11.88
N ASP B 312 -14.59 -25.57 10.80
CA ASP B 312 -14.54 -24.77 9.59
C ASP B 312 -15.28 -25.40 8.41
N ILE B 313 -15.01 -26.67 8.11
CA ILE B 313 -15.76 -27.31 7.02
C ILE B 313 -17.25 -27.20 7.27
N LYS B 314 -17.67 -27.14 8.53
CA LYS B 314 -19.07 -26.94 8.83
C LYS B 314 -19.49 -25.49 8.63
N HIS B 315 -18.54 -24.57 8.53
CA HIS B 315 -18.83 -23.15 8.37
C HIS B 315 -17.95 -22.54 7.29
N SER B 316 -17.84 -23.25 6.18
CA SER B 316 -17.37 -22.70 4.91
C SER B 316 -18.44 -23.02 3.87
N LYS B 317 -18.15 -22.72 2.61
CA LYS B 317 -19.11 -22.95 1.53
C LYS B 317 -18.62 -23.88 0.45
N ILE B 318 -17.33 -24.25 0.45
CA ILE B 318 -16.74 -25.00 -0.65
C ILE B 318 -15.82 -26.07 -0.10
N TRP B 319 -15.66 -27.15 -0.86
CA TRP B 319 -14.56 -28.09 -0.67
C TRP B 319 -14.66 -29.15 -1.77
N PHE B 320 -13.63 -29.97 -1.87
CA PHE B 320 -13.42 -30.85 -3.02
C PHE B 320 -12.57 -32.04 -2.59
N GLY B 321 -12.06 -32.78 -3.56
CA GLY B 321 -11.14 -33.86 -3.29
C GLY B 321 -11.31 -34.99 -4.30
N SER B 322 -10.73 -36.13 -3.95
CA SER B 322 -10.77 -37.33 -4.78
C SER B 322 -10.20 -38.48 -3.97
N ASN B 323 -10.07 -39.65 -4.61
CA ASN B 323 -9.77 -40.90 -3.92
C ASN B 323 -8.25 -41.10 -3.85
N MET B 324 -7.71 -41.00 -2.64
CA MET B 324 -6.33 -41.37 -2.38
C MET B 324 -6.17 -42.86 -2.13
N GLY B 325 -7.20 -43.66 -2.40
CA GLY B 325 -7.08 -45.11 -2.43
C GLY B 325 -7.32 -45.80 -1.11
N ASN B 326 -6.42 -45.58 -0.14
CA ASN B 326 -6.45 -46.31 1.12
C ASN B 326 -7.57 -45.77 2.02
N GLY B 327 -8.79 -45.86 1.50
CA GLY B 327 -9.93 -45.32 2.21
C GLY B 327 -9.75 -43.87 2.62
N THR B 328 -8.86 -43.14 1.96
CA THR B 328 -8.52 -41.79 2.34
C THR B 328 -9.03 -40.81 1.27
N ILE B 329 -9.35 -39.60 1.70
CA ILE B 329 -9.94 -38.60 0.82
C ILE B 329 -9.35 -37.23 1.14
N PHE B 330 -9.11 -36.44 0.10
CA PHE B 330 -8.59 -35.09 0.26
C PHE B 330 -9.73 -34.07 0.25
N LEU B 331 -9.47 -32.93 0.88
CA LEU B 331 -10.44 -31.85 0.99
C LEU B 331 -9.70 -30.53 1.09
N GLY B 332 -10.40 -29.45 0.73
CA GLY B 332 -9.90 -28.12 0.94
C GLY B 332 -11.00 -27.12 1.23
N ILE B 333 -10.88 -26.36 2.31
CA ILE B 333 -11.82 -25.27 2.59
C ILE B 333 -11.04 -23.95 2.58
N PRO B 334 -11.44 -22.98 1.78
CA PRO B 334 -10.61 -21.77 1.61
C PRO B 334 -10.43 -20.94 2.87
N GLY B 335 -9.64 -19.89 2.73
CA GLY B 335 -9.43 -18.94 3.81
C GLY B 335 -9.39 -17.53 3.23
N ASP B 336 -9.86 -16.57 4.01
CA ASP B 336 -10.09 -15.23 3.48
C ASP B 336 -8.77 -14.54 3.17
N ASN B 337 -8.86 -13.29 2.73
CA ASN B 337 -7.75 -12.60 2.08
C ASN B 337 -6.81 -11.93 3.09
N LYS B 338 -6.35 -12.73 4.06
CA LYS B 338 -5.31 -12.24 5.01
C LYS B 338 -4.18 -13.27 5.11
N GLN B 339 -3.51 -13.65 3.99
CA GLN B 339 -3.74 -13.09 2.66
C GLN B 339 -4.70 -13.90 1.81
N ALA B 340 -4.77 -13.53 0.53
CA ALA B 340 -5.54 -14.32 -0.43
C ALA B 340 -4.76 -15.53 -0.89
N MET B 341 -3.44 -15.39 -1.06
CA MET B 341 -2.56 -16.48 -1.46
C MET B 341 -1.63 -16.94 -0.35
N SER B 342 -1.59 -16.24 0.77
CA SER B 342 -0.81 -16.70 1.91
C SER B 342 -1.20 -18.12 2.30
N GLU B 343 -2.49 -18.33 2.57
CA GLU B 343 -3.05 -19.63 2.90
C GLU B 343 -3.69 -20.28 1.69
N ALA B 344 -4.63 -19.60 1.07
CA ALA B 344 -5.23 -19.98 -0.20
C ALA B 344 -6.15 -21.18 -0.07
N PHE B 345 -6.10 -21.87 1.07
CA PHE B 345 -6.86 -23.10 1.33
C PHE B 345 -6.57 -23.50 2.78
N TYR B 346 -7.30 -24.54 3.21
CA TYR B 346 -6.97 -25.31 4.40
C TYR B 346 -7.31 -26.74 3.99
N PHE B 347 -6.29 -27.55 3.78
CA PHE B 347 -6.52 -28.90 3.29
C PHE B 347 -6.80 -29.85 4.44
N TYR B 348 -7.31 -31.02 4.08
CA TYR B 348 -7.80 -31.97 5.08
C TYR B 348 -7.83 -33.36 4.47
N THR B 349 -7.22 -34.33 5.16
CA THR B 349 -7.29 -35.72 4.73
C THR B 349 -8.34 -36.44 5.56
N LEU B 350 -9.00 -37.41 4.91
CA LEU B 350 -10.07 -38.20 5.52
C LEU B 350 -9.78 -39.68 5.25
N ARG B 351 -9.13 -40.35 6.21
CA ARG B 351 -8.91 -41.79 6.14
C ARG B 351 -10.24 -42.46 6.46
N CYS B 352 -11.13 -42.47 5.47
CA CYS B 352 -12.44 -43.08 5.60
C CYS B 352 -13.20 -43.00 4.28
N GLY C 201 -25.48 40.24 -12.32
CA GLY C 201 -25.87 39.35 -13.40
C GLY C 201 -24.68 38.87 -14.22
N SER C 202 -24.97 38.33 -15.41
CA SER C 202 -23.95 37.84 -16.33
C SER C 202 -23.07 36.78 -15.66
N GLY C 203 -23.73 35.69 -15.30
CA GLY C 203 -23.05 34.51 -14.81
C GLY C 203 -22.83 34.50 -13.31
N LEU C 204 -21.73 33.86 -12.91
CA LEU C 204 -21.48 33.51 -11.53
C LEU C 204 -20.68 34.60 -10.81
N GLN C 205 -20.43 34.35 -9.54
CA GLN C 205 -19.44 35.07 -8.77
C GLN C 205 -18.23 34.17 -8.53
N PRO C 206 -17.05 34.75 -8.33
CA PRO C 206 -15.84 33.92 -8.24
C PRO C 206 -15.89 32.88 -7.12
N ALA C 207 -16.10 33.34 -5.89
CA ALA C 207 -16.16 32.41 -4.76
C ALA C 207 -17.14 31.27 -5.01
N VAL C 208 -18.18 31.51 -5.79
CA VAL C 208 -19.16 30.45 -6.03
C VAL C 208 -18.55 29.33 -6.87
N CYS C 209 -17.89 29.69 -7.97
CA CYS C 209 -17.21 28.66 -8.73
C CYS C 209 -16.02 28.12 -7.96
N LEU C 210 -15.50 28.85 -6.98
CA LEU C 210 -14.50 28.27 -6.09
C LEU C 210 -15.09 27.14 -5.27
N ALA C 211 -16.25 27.38 -4.66
CA ALA C 211 -16.95 26.30 -3.97
C ALA C 211 -17.18 25.13 -4.91
N ILE C 212 -17.63 25.42 -6.14
CA ILE C 212 -17.94 24.37 -7.10
C ILE C 212 -16.65 23.76 -7.62
N ARG C 213 -15.51 24.32 -7.24
CA ARG C 213 -14.22 23.72 -7.55
C ARG C 213 -13.74 22.80 -6.44
N VAL C 214 -13.67 23.32 -5.21
CA VAL C 214 -13.03 22.60 -4.12
C VAL C 214 -14.01 21.68 -3.42
N ASN C 215 -15.21 22.17 -3.13
CA ASN C 215 -16.19 21.33 -2.45
C ASN C 215 -16.78 20.29 -3.38
N THR C 216 -16.22 20.12 -4.57
CA THR C 216 -16.47 18.97 -5.40
C THR C 216 -15.17 18.35 -5.90
N PHE C 217 -14.04 18.77 -5.36
CA PHE C 217 -12.74 18.20 -5.69
C PHE C 217 -12.44 18.33 -7.18
N LEU C 218 -12.57 19.56 -7.67
CA LEU C 218 -12.15 19.90 -9.01
C LEU C 218 -10.72 20.44 -8.96
N SER C 219 -9.81 19.78 -9.66
CA SER C 219 -8.45 20.29 -9.75
C SER C 219 -8.44 21.56 -10.59
N CYS C 220 -7.76 22.59 -10.08
CA CYS C 220 -7.77 23.89 -10.72
C CYS C 220 -6.99 23.87 -12.03
N SER C 221 -6.56 22.69 -12.46
CA SER C 221 -6.19 22.47 -13.84
C SER C 221 -7.38 21.91 -14.62
N GLN C 222 -8.15 21.01 -13.97
CA GLN C 222 -9.39 20.43 -14.55
C GLN C 222 -10.48 21.49 -14.53
N TYR C 223 -10.54 22.35 -13.49
CA TYR C 223 -11.44 23.51 -13.50
C TYR C 223 -11.26 24.32 -14.76
N HIS C 224 -10.02 24.58 -15.16
CA HIS C 224 -9.78 25.30 -16.39
C HIS C 224 -10.22 24.52 -17.60
N LYS C 225 -10.13 23.18 -17.56
CA LYS C 225 -10.65 22.38 -18.65
C LYS C 225 -12.14 22.60 -18.82
N MET C 226 -12.90 22.46 -17.72
CA MET C 226 -14.32 22.74 -17.74
C MET C 226 -14.60 24.15 -18.23
N TYR C 227 -13.82 25.12 -17.75
CA TYR C 227 -14.05 26.51 -18.14
C TYR C 227 -13.85 26.71 -19.63
N ARG C 228 -12.77 26.17 -20.19
CA ARG C 228 -12.46 26.40 -21.58
C ARG C 228 -13.45 25.67 -22.49
N THR C 229 -13.90 24.49 -22.09
CA THR C 229 -14.99 23.86 -22.84
C THR C 229 -16.26 24.71 -22.77
N VAL C 230 -16.58 25.23 -21.59
CA VAL C 230 -17.72 26.12 -21.45
C VAL C 230 -17.62 27.27 -22.46
N LYS C 231 -16.48 27.97 -22.46
CA LYS C 231 -16.28 29.03 -23.43
C LYS C 231 -16.52 28.53 -24.85
N ALA C 232 -15.97 27.35 -25.18
CA ALA C 232 -16.19 26.79 -26.51
C ALA C 232 -17.66 26.61 -26.82
N ILE C 233 -18.49 26.37 -25.82
CA ILE C 233 -19.92 26.14 -26.05
C ILE C 233 -20.74 27.29 -25.49
N THR C 234 -20.63 27.53 -24.19
CA THR C 234 -21.42 28.59 -23.56
C THR C 234 -21.09 29.95 -24.16
N GLY C 235 -19.82 30.29 -24.28
CA GLY C 235 -19.43 31.62 -24.69
C GLY C 235 -19.55 32.62 -23.57
N ARG C 236 -20.68 32.61 -22.87
CA ARG C 236 -20.89 33.50 -21.74
C ARG C 236 -19.78 33.33 -20.71
N GLN C 237 -19.70 34.28 -19.77
CA GLN C 237 -18.69 34.27 -18.72
C GLN C 237 -19.29 33.68 -17.46
N ILE C 238 -19.21 32.36 -17.35
CA ILE C 238 -19.48 31.66 -16.10
C ILE C 238 -18.16 31.11 -15.60
N PHE C 239 -18.17 30.64 -14.35
CA PHE C 239 -17.00 30.01 -13.75
C PHE C 239 -15.80 30.97 -13.79
N GLN C 240 -15.95 32.06 -13.06
CA GLN C 240 -14.97 33.14 -13.04
C GLN C 240 -13.57 32.55 -13.12
N PRO C 241 -12.73 32.98 -14.07
CA PRO C 241 -11.52 32.22 -14.38
C PRO C 241 -10.59 32.06 -13.18
N LEU C 242 -9.51 31.34 -13.45
CA LEU C 242 -8.66 30.83 -12.37
C LEU C 242 -8.12 31.95 -11.50
N HIS C 243 -7.68 33.06 -12.12
CA HIS C 243 -7.10 34.14 -11.33
C HIS C 243 -8.16 34.85 -10.51
N ALA C 244 -9.40 34.89 -10.97
CA ALA C 244 -10.46 35.53 -10.22
C ALA C 244 -10.72 34.79 -8.91
N LEU C 245 -11.12 33.53 -9.00
CA LEU C 245 -11.31 32.78 -7.78
C LEU C 245 -10.00 32.55 -7.04
N ARG C 246 -8.84 32.80 -7.66
CA ARG C 246 -7.60 32.73 -6.92
C ARG C 246 -7.43 33.93 -6.00
N ASN C 247 -7.64 35.13 -6.53
CA ASN C 247 -7.68 36.30 -5.67
C ASN C 247 -8.87 36.26 -4.74
N ALA C 248 -9.82 35.34 -4.97
CA ALA C 248 -10.84 35.04 -3.97
C ALA C 248 -10.27 34.16 -2.86
N GLU C 249 -9.66 33.03 -3.24
CA GLU C 249 -8.95 32.19 -2.29
C GLU C 249 -8.14 33.03 -1.32
N LYS C 250 -7.26 33.88 -1.86
CA LYS C 250 -6.43 34.73 -1.01
C LYS C 250 -7.27 35.52 -0.02
N VAL C 251 -8.58 35.67 -0.28
CA VAL C 251 -9.46 36.30 0.70
C VAL C 251 -9.78 35.34 1.82
N LEU C 252 -10.09 34.09 1.48
CA LEU C 252 -10.52 33.12 2.47
C LEU C 252 -9.35 32.55 3.27
N LEU C 253 -8.27 32.17 2.59
CA LEU C 253 -7.09 31.76 3.31
C LEU C 253 -6.67 32.87 4.27
N PRO C 254 -5.94 32.55 5.32
CA PRO C 254 -5.69 33.53 6.37
C PRO C 254 -4.83 34.68 5.87
N GLY C 255 -4.70 35.69 6.72
CA GLY C 255 -3.87 36.83 6.39
C GLY C 255 -4.48 37.78 5.40
N TYR C 256 -5.81 37.80 5.28
CA TYR C 256 -6.51 38.86 4.57
C TYR C 256 -7.42 39.65 5.49
N HIS C 257 -8.31 38.97 6.20
CA HIS C 257 -9.21 39.64 7.12
C HIS C 257 -8.40 40.10 8.32
N PRO C 258 -8.25 41.40 8.55
CA PRO C 258 -7.41 41.85 9.66
C PRO C 258 -8.11 41.69 10.99
N PHE C 259 -7.33 41.89 12.06
CA PHE C 259 -7.78 41.59 13.41
C PHE C 259 -6.80 42.20 14.40
N GLU C 260 -7.04 41.94 15.70
CA GLU C 260 -6.19 42.52 16.77
C GLU C 260 -6.43 41.80 18.10
N TRP C 261 -5.62 42.09 19.12
CA TRP C 261 -5.82 41.51 20.48
C TRP C 261 -5.70 42.63 21.51
N GLN C 262 -6.65 42.71 22.45
CA GLN C 262 -6.63 43.79 23.47
C GLN C 262 -5.52 43.55 24.50
N PRO C 263 -5.30 42.33 25.05
CA PRO C 263 -3.98 41.94 25.55
C PRO C 263 -3.09 41.58 24.37
N PRO C 264 -2.02 42.34 24.06
CA PRO C 264 -1.19 42.08 22.89
C PRO C 264 -0.60 40.67 22.91
N LEU C 265 -0.75 39.94 21.81
CA LEU C 265 -0.24 38.54 21.73
C LEU C 265 1.28 38.54 21.93
N LYS C 266 1.76 37.78 22.93
CA LYS C 266 3.19 37.73 23.21
C LYS C 266 3.84 36.61 22.41
N ASN C 267 5.11 36.79 22.08
CA ASN C 267 5.88 35.83 21.30
C ASN C 267 5.29 35.59 19.91
N VAL C 268 4.45 36.52 19.44
CA VAL C 268 3.75 36.36 18.18
C VAL C 268 3.92 37.64 17.36
N SER C 269 3.72 37.52 16.04
CA SER C 269 3.77 38.67 15.17
C SER C 269 2.40 39.35 15.09
N SER C 270 2.41 40.68 15.03
CA SER C 270 1.18 41.45 14.91
C SER C 270 0.92 41.79 13.44
N ARG C 271 0.79 40.73 12.64
CA ARG C 271 0.62 40.86 11.20
C ARG C 271 -0.50 39.94 10.74
N THR C 272 -1.35 40.45 9.85
CA THR C 272 -2.40 39.67 9.21
C THR C 272 -2.19 39.54 7.71
N ASP C 273 -0.94 39.38 7.27
CA ASP C 273 -0.61 39.15 5.88
C ASP C 273 0.22 37.88 5.73
N VAL C 274 -0.06 36.87 6.55
CA VAL C 274 0.78 35.69 6.66
C VAL C 274 -0.14 34.47 6.77
N GLY C 275 -0.20 33.69 5.71
CA GLY C 275 -0.93 32.45 5.73
C GLY C 275 0.00 31.26 5.85
N ILE C 276 0.32 30.66 4.71
CA ILE C 276 1.13 29.45 4.69
C ILE C 276 2.56 29.81 5.10
N ILE C 277 2.93 29.40 6.31
CA ILE C 277 4.25 29.65 6.86
C ILE C 277 5.02 28.34 6.89
N ASP C 278 6.34 28.44 6.89
CA ASP C 278 7.20 27.27 7.02
C ASP C 278 7.17 26.77 8.45
N GLY C 279 6.54 25.61 8.66
CA GLY C 279 6.47 25.04 9.99
C GLY C 279 7.83 24.97 10.66
N LEU C 280 8.88 24.68 9.88
CA LEU C 280 10.22 24.68 10.43
C LEU C 280 10.50 25.96 11.21
N SER C 281 9.84 27.06 10.82
CA SER C 281 9.83 28.29 11.60
C SER C 281 11.22 28.68 12.07
N GLY C 282 12.14 28.81 11.12
CA GLY C 282 13.49 29.23 11.45
C GLY C 282 14.40 28.12 11.90
N LEU C 283 13.94 26.87 11.88
CA LEU C 283 14.77 25.73 12.24
C LEU C 283 15.60 25.36 11.01
N ALA C 284 16.71 26.08 10.86
CA ALA C 284 17.59 25.89 9.71
C ALA C 284 17.90 24.41 9.51
N SER C 285 17.56 23.88 8.34
CA SER C 285 17.83 22.48 8.05
C SER C 285 19.28 22.31 7.61
N SER C 286 20.20 22.84 8.40
CA SER C 286 21.62 22.71 8.13
C SER C 286 22.16 21.43 8.74
N VAL C 287 23.42 21.13 8.41
CA VAL C 287 24.05 19.93 8.96
C VAL C 287 24.30 20.08 10.46
N ASP C 288 24.69 21.28 10.90
CA ASP C 288 25.02 21.48 12.31
C ASP C 288 23.82 21.14 13.18
N GLU C 289 22.62 21.58 12.79
CA GLU C 289 21.44 21.34 13.58
C GLU C 289 20.86 19.97 13.26
N TYR C 290 19.69 19.69 13.81
CA TYR C 290 19.03 18.43 13.53
C TYR C 290 18.62 18.38 12.06
N PRO C 291 18.82 17.24 11.39
CA PRO C 291 18.40 17.15 9.99
C PRO C 291 16.90 17.06 9.84
N VAL C 292 16.21 18.20 9.94
CA VAL C 292 14.77 18.22 9.81
C VAL C 292 14.43 17.97 8.35
N ASP C 293 14.12 16.72 8.02
CA ASP C 293 13.68 16.35 6.68
C ASP C 293 12.16 16.30 6.71
N THR C 294 11.56 17.48 6.68
CA THR C 294 10.11 17.62 6.79
C THR C 294 9.65 18.72 5.84
N ILE C 295 8.80 18.35 4.90
CA ILE C 295 8.11 19.33 4.06
C ILE C 295 6.96 19.87 4.88
N ALA C 296 7.21 20.97 5.58
CA ALA C 296 6.26 21.54 6.55
C ALA C 296 5.80 22.90 6.05
N LYS C 297 4.59 22.95 5.50
CA LYS C 297 3.93 24.21 5.19
C LYS C 297 2.73 24.32 6.12
N ARG C 298 2.76 25.28 7.03
CA ARG C 298 1.72 25.42 8.04
C ARG C 298 1.11 26.81 8.00
N PHE C 299 -0.18 26.86 8.29
CA PHE C 299 -0.83 28.13 8.59
C PHE C 299 -0.43 28.58 9.99
N ARG C 300 -0.92 29.75 10.36
CA ARG C 300 -0.73 30.27 11.71
C ARG C 300 -2.05 30.18 12.45
N TYR C 301 -1.99 29.61 13.66
CA TYR C 301 -3.22 29.29 14.39
C TYR C 301 -4.06 30.53 14.64
N ASP C 302 -3.42 31.66 14.95
CA ASP C 302 -4.16 32.91 15.08
C ASP C 302 -4.86 33.27 13.77
N SER C 303 -4.09 33.47 12.71
CA SER C 303 -4.67 33.91 11.44
C SER C 303 -5.63 32.88 10.89
N ALA C 304 -5.25 31.60 10.92
CA ALA C 304 -6.14 30.57 10.41
C ALA C 304 -7.44 30.52 11.21
N LEU C 305 -7.34 30.60 12.54
CA LEU C 305 -8.54 30.55 13.34
C LEU C 305 -9.47 31.69 13.00
N VAL C 306 -8.94 32.92 12.93
CA VAL C 306 -9.81 34.05 12.60
C VAL C 306 -10.31 33.95 11.17
N SER C 307 -9.54 33.34 10.28
CA SER C 307 -10.01 33.11 8.92
C SER C 307 -11.23 32.21 8.93
N ALA C 308 -11.18 31.14 9.73
CA ALA C 308 -12.35 30.28 9.88
C ALA C 308 -13.53 31.06 10.47
N LEU C 309 -13.27 31.88 11.48
CA LEU C 309 -14.34 32.67 12.09
C LEU C 309 -15.05 33.52 11.04
N MET C 310 -14.31 34.45 10.43
CA MET C 310 -14.90 35.28 9.39
C MET C 310 -15.39 34.45 8.22
N ASP C 311 -14.94 33.20 8.11
CA ASP C 311 -15.41 32.31 7.05
C ASP C 311 -16.79 31.77 7.41
N MET C 312 -17.02 31.53 8.69
CA MET C 312 -18.29 31.04 9.20
C MET C 312 -19.17 32.16 9.72
N GLU C 313 -18.74 33.42 9.60
CA GLU C 313 -19.43 34.52 10.26
C GLU C 313 -20.90 34.58 9.86
N GLU C 314 -21.22 34.31 8.59
CA GLU C 314 -22.61 34.34 8.20
C GLU C 314 -23.40 33.30 8.99
N ASP C 315 -22.81 32.11 9.21
CA ASP C 315 -23.44 31.14 10.09
C ASP C 315 -23.49 31.63 11.53
N ILE C 316 -22.40 32.26 11.98
CA ILE C 316 -22.36 32.81 13.34
C ILE C 316 -23.58 33.69 13.57
N LEU C 317 -23.78 34.67 12.70
CA LEU C 317 -24.85 35.63 12.91
C LEU C 317 -26.22 35.04 12.59
N GLU C 318 -26.27 34.10 11.64
CA GLU C 318 -27.50 33.34 11.41
C GLU C 318 -28.00 32.73 12.72
N GLY C 319 -27.10 32.09 13.46
CA GLY C 319 -27.46 31.57 14.76
C GLY C 319 -27.70 32.68 15.78
N MET C 320 -26.92 33.76 15.67
CA MET C 320 -27.02 34.85 16.63
C MET C 320 -28.41 35.45 16.63
N ARG C 321 -28.99 35.64 15.46
CA ARG C 321 -30.37 36.13 15.38
C ARG C 321 -31.35 35.07 15.83
N SER C 322 -30.98 33.80 15.71
CA SER C 322 -31.80 32.71 16.21
C SER C 322 -31.79 32.74 17.73
N GLN C 323 -32.48 31.79 18.35
CA GLN C 323 -32.72 31.76 19.79
C GLN C 323 -33.53 32.96 20.24
N ASP C 324 -34.24 33.59 19.30
CA ASP C 324 -34.93 34.86 19.57
C ASP C 324 -34.01 35.81 20.32
N LEU C 325 -32.76 35.87 19.87
CA LEU C 325 -31.71 36.61 20.55
C LEU C 325 -31.14 37.67 19.62
N ASP C 326 -30.41 38.61 20.23
CA ASP C 326 -29.96 39.80 19.54
C ASP C 326 -28.93 39.47 18.46
N ASP C 327 -28.67 40.46 17.61
CA ASP C 327 -27.60 40.42 16.64
C ASP C 327 -26.55 41.51 16.87
N TYR C 328 -26.84 42.48 17.73
CA TYR C 328 -25.90 43.57 17.98
C TYR C 328 -24.74 43.15 18.88
N LEU C 329 -24.89 42.05 19.61
CA LEU C 329 -24.01 41.77 20.73
C LEU C 329 -22.57 41.60 20.27
N ASN C 330 -21.67 42.39 20.85
CA ASN C 330 -20.24 42.29 20.60
C ASN C 330 -19.49 41.66 21.76
N GLY C 331 -20.21 41.13 22.75
CA GLY C 331 -19.60 40.59 23.94
C GLY C 331 -18.60 39.51 23.61
N PRO C 332 -17.89 39.04 24.63
CA PRO C 332 -16.84 38.03 24.39
C PRO C 332 -17.40 36.72 23.86
N PHE C 333 -17.08 36.42 22.60
CA PHE C 333 -17.48 35.15 21.98
C PHE C 333 -16.55 34.07 22.53
N THR C 334 -16.94 33.53 23.68
CA THR C 334 -16.09 32.55 24.36
C THR C 334 -16.14 31.24 23.58
N VAL C 335 -15.51 31.24 22.40
CA VAL C 335 -15.59 30.11 21.48
C VAL C 335 -14.96 28.88 22.12
N VAL C 336 -15.42 27.71 21.68
CA VAL C 336 -14.89 26.43 22.10
C VAL C 336 -14.49 25.66 20.85
N VAL C 337 -13.25 25.16 20.88
CA VAL C 337 -12.51 24.69 19.72
C VAL C 337 -11.87 23.35 20.04
N LYS C 338 -11.53 22.58 19.01
CA LYS C 338 -10.70 21.41 19.19
C LYS C 338 -9.50 21.46 18.26
N GLU C 339 -8.61 20.49 18.44
CA GLU C 339 -7.32 20.48 17.75
C GLU C 339 -6.92 19.03 17.55
N SER C 340 -7.03 18.56 16.31
CA SER C 340 -6.95 17.14 15.98
C SER C 340 -5.76 16.88 15.10
N CYS C 341 -4.71 16.29 15.68
CA CYS C 341 -3.49 15.96 14.96
C CYS C 341 -3.49 14.48 14.65
N ASP C 342 -3.58 14.14 13.37
CA ASP C 342 -3.50 12.76 12.90
C ASP C 342 -2.16 12.52 12.25
N GLY C 343 -1.54 11.39 12.58
CA GLY C 343 -0.33 10.95 11.93
C GLY C 343 -0.60 9.76 11.05
N MET C 344 -0.21 9.85 9.78
CA MET C 344 -0.63 8.92 8.76
C MET C 344 0.57 8.35 8.02
N GLY C 345 0.29 7.41 7.12
CA GLY C 345 1.32 6.74 6.37
C GLY C 345 0.93 6.58 4.91
N ASP C 346 1.83 5.96 4.16
CA ASP C 346 1.65 5.73 2.72
C ASP C 346 1.50 7.05 1.97
N VAL C 347 1.87 8.16 2.62
CA VAL C 347 1.95 9.45 1.95
C VAL C 347 3.34 9.57 1.36
N SER C 348 3.54 9.00 0.19
CA SER C 348 4.87 8.84 -0.40
C SER C 348 5.06 9.87 -1.51
N GLU C 349 5.89 10.87 -1.24
CA GLU C 349 6.48 11.65 -2.31
C GLU C 349 7.77 10.95 -2.72
N LYS C 350 7.93 10.71 -4.01
CA LYS C 350 8.91 9.74 -4.48
C LYS C 350 10.03 10.34 -5.31
N HIS C 351 9.92 11.62 -5.68
CA HIS C 351 11.06 12.37 -6.20
C HIS C 351 10.92 13.80 -5.66
N GLY C 352 11.51 14.04 -4.51
CA GLY C 352 11.53 15.36 -3.93
C GLY C 352 12.61 16.23 -4.55
N SER C 353 12.97 17.27 -3.81
CA SER C 353 14.06 18.15 -4.19
C SER C 353 15.22 18.12 -3.20
N GLY C 354 15.41 17.00 -2.53
CA GLY C 354 16.48 16.87 -1.55
C GLY C 354 15.98 16.56 -0.15
N PRO C 355 14.89 17.19 0.30
CA PRO C 355 14.38 16.88 1.63
C PRO C 355 13.94 15.43 1.72
N ALA C 356 14.67 14.64 2.50
CA ALA C 356 14.43 13.19 2.60
C ALA C 356 13.35 12.90 3.63
N VAL C 357 12.14 13.38 3.36
CA VAL C 357 11.05 13.28 4.31
C VAL C 357 10.69 11.83 4.55
N PRO C 358 10.00 11.51 5.64
CA PRO C 358 9.54 10.15 5.85
C PRO C 358 8.31 9.85 5.01
N GLU C 359 8.09 8.57 4.74
CA GLU C 359 6.87 8.14 4.08
C GLU C 359 5.74 8.09 5.08
N LYS C 360 5.53 9.19 5.78
CA LYS C 360 4.52 9.27 6.85
C LYS C 360 4.27 10.73 7.15
N ALA C 361 3.01 11.14 7.10
CA ALA C 361 2.64 12.53 7.31
C ALA C 361 1.85 12.67 8.60
N VAL C 362 1.71 13.91 9.02
CA VAL C 362 0.91 14.22 10.20
C VAL C 362 0.35 15.62 10.06
N ARG C 363 -0.97 15.77 10.15
CA ARG C 363 -1.64 17.01 9.82
C ARG C 363 -2.39 17.52 11.03
N PHE C 364 -1.71 18.31 11.85
CA PHE C 364 -2.39 19.05 12.89
C PHE C 364 -3.48 19.89 12.25
N SER C 365 -4.73 19.57 12.56
CA SER C 365 -5.90 20.15 11.91
C SER C 365 -6.90 20.53 12.99
N PHE C 366 -7.07 21.84 13.20
CA PHE C 366 -7.97 22.30 14.24
C PHE C 366 -9.40 22.31 13.73
N THR C 367 -10.32 22.75 14.59
CA THR C 367 -11.73 22.80 14.24
C THR C 367 -12.46 23.64 15.26
N VAL C 368 -13.28 24.56 14.79
CA VAL C 368 -14.13 25.36 15.66
C VAL C 368 -15.48 24.66 15.74
N MET C 369 -16.01 24.55 16.96
CA MET C 369 -17.16 23.68 17.18
C MET C 369 -18.33 24.40 17.81
N ARG C 370 -18.10 25.33 18.73
CA ARG C 370 -19.19 26.11 19.27
C ARG C 370 -18.72 27.51 19.59
N ILE C 371 -19.66 28.44 19.62
CA ILE C 371 -19.39 29.83 19.96
C ILE C 371 -20.48 30.31 20.90
N THR C 372 -20.08 30.95 21.99
CA THR C 372 -21.00 31.32 23.04
C THR C 372 -20.67 32.73 23.54
N ILE C 373 -21.66 33.35 24.15
CA ILE C 373 -21.59 34.75 24.54
C ILE C 373 -22.16 34.89 25.94
N GLU C 374 -21.45 35.60 26.81
CA GLU C 374 -21.88 35.75 28.19
C GLU C 374 -23.09 36.68 28.26
N HIS C 375 -24.21 36.25 27.69
CA HIS C 375 -25.43 37.06 27.67
C HIS C 375 -26.11 36.94 29.02
N GLY C 376 -25.72 37.81 29.93
CA GLY C 376 -26.30 37.81 31.26
C GLY C 376 -26.13 36.50 31.99
N SER C 377 -27.21 35.74 32.12
CA SER C 377 -27.24 34.55 32.96
C SER C 377 -26.70 33.30 32.26
N GLN C 378 -26.50 33.33 30.95
CA GLN C 378 -26.17 32.11 30.22
C GLN C 378 -25.25 32.42 29.07
N ASN C 379 -24.70 31.35 28.48
CA ASN C 379 -23.82 31.41 27.32
C ASN C 379 -24.47 30.60 26.21
N VAL C 380 -25.18 31.30 25.32
CA VAL C 380 -25.93 30.62 24.26
C VAL C 380 -24.98 29.90 23.33
N LYS C 381 -25.49 28.91 22.60
CA LYS C 381 -24.72 28.23 21.57
C LYS C 381 -24.97 28.90 20.22
N VAL C 382 -24.16 29.90 19.90
CA VAL C 382 -24.34 30.68 18.68
C VAL C 382 -24.35 29.77 17.46
N PHE C 383 -23.24 29.08 17.23
CA PHE C 383 -23.09 28.14 16.13
C PHE C 383 -22.61 26.83 16.74
N GLU C 384 -23.55 25.99 17.14
CA GLU C 384 -23.23 24.67 17.64
C GLU C 384 -23.09 23.77 16.41
N GLU C 385 -21.85 23.55 15.98
CA GLU C 385 -21.59 22.86 14.73
C GLU C 385 -22.40 21.57 14.68
N PRO C 386 -23.17 21.34 13.61
CA PRO C 386 -23.96 20.11 13.56
C PRO C 386 -23.11 18.87 13.45
N LYS C 387 -21.99 18.95 12.75
CA LYS C 387 -21.13 17.79 12.50
C LYS C 387 -19.69 18.17 12.79
N PRO C 388 -19.35 18.39 14.06
CA PRO C 388 -17.96 18.75 14.40
C PRO C 388 -16.95 17.71 14.00
N ASN C 389 -17.38 16.52 13.60
CA ASN C 389 -16.51 15.51 13.03
C ASN C 389 -16.54 15.51 11.52
N SER C 390 -17.26 16.44 10.90
CA SER C 390 -17.32 16.51 9.45
C SER C 390 -16.11 17.24 8.91
N VAL C 391 -15.52 16.68 7.86
CA VAL C 391 -14.26 17.19 7.34
C VAL C 391 -14.40 18.65 6.93
N LEU C 392 -15.57 19.05 6.46
CA LEU C 392 -15.78 20.44 6.06
C LEU C 392 -15.75 21.36 7.27
N CYS C 393 -15.51 20.79 8.45
CA CYS C 393 -15.22 21.58 9.64
C CYS C 393 -13.86 21.23 10.23
N CYS C 394 -13.17 20.25 9.64
CA CYS C 394 -11.79 19.91 9.99
C CYS C 394 -10.86 20.97 9.43
N LYS C 395 -10.54 21.98 10.23
CA LYS C 395 -9.68 23.06 9.78
C LYS C 395 -8.22 22.62 9.80
N PRO C 396 -7.60 22.37 8.65
CA PRO C 396 -6.18 22.02 8.67
C PRO C 396 -5.33 23.22 9.04
N LEU C 397 -4.23 22.94 9.75
CA LEU C 397 -3.36 24.01 10.19
C LEU C 397 -1.90 23.78 9.84
N CYS C 398 -1.44 22.52 9.90
CA CYS C 398 -0.02 22.26 9.84
C CYS C 398 0.19 20.81 9.37
N LEU C 399 0.51 20.65 8.09
CA LEU C 399 0.59 19.32 7.48
C LEU C 399 2.04 18.85 7.39
N MET C 400 2.62 18.63 8.58
CA MET C 400 3.99 18.14 8.64
C MET C 400 4.15 16.85 7.85
N LEU C 401 5.35 16.65 7.33
CA LEU C 401 5.76 15.40 6.70
C LEU C 401 6.74 14.76 7.67
N ALA C 402 6.20 13.94 8.57
CA ALA C 402 6.96 13.41 9.67
C ALA C 402 6.19 12.25 10.28
N ASP C 403 6.90 11.44 11.05
CA ASP C 403 6.29 10.28 11.65
C ASP C 403 5.44 10.68 12.85
N GLU C 404 4.33 9.97 13.05
CA GLU C 404 3.65 10.05 14.33
C GLU C 404 4.58 9.60 15.45
N SER C 405 5.56 8.75 15.10
CA SER C 405 6.54 8.29 16.08
C SER C 405 7.59 9.35 16.36
N ASP C 406 8.03 10.06 15.31
CA ASP C 406 9.02 11.16 15.47
C ASP C 406 8.54 12.12 16.54
N HIS C 407 9.47 12.61 17.37
CA HIS C 407 9.09 13.46 18.48
C HIS C 407 9.94 14.72 18.59
N GLU C 408 10.96 14.88 17.75
CA GLU C 408 11.71 16.14 17.68
C GLU C 408 11.22 17.03 16.54
N THR C 409 11.28 16.53 15.32
CA THR C 409 10.70 17.26 14.20
C THR C 409 9.26 17.64 14.50
N LEU C 410 8.42 16.64 14.81
CA LEU C 410 7.05 16.91 15.21
C LEU C 410 6.96 18.11 16.13
N THR C 411 7.77 18.13 17.19
CA THR C 411 7.67 19.23 18.13
C THR C 411 8.36 20.48 17.60
N ALA C 412 9.39 20.32 16.78
CA ALA C 412 9.95 21.49 16.10
C ALA C 412 8.87 22.23 15.33
N ILE C 413 7.87 21.51 14.86
CA ILE C 413 6.84 22.11 14.03
C ILE C 413 5.63 22.55 14.85
N LEU C 414 5.34 21.88 15.95
CA LEU C 414 4.18 22.21 16.76
C LEU C 414 4.52 22.96 18.05
N SER C 415 5.75 23.39 18.23
CA SER C 415 6.07 24.30 19.33
C SER C 415 5.62 25.71 18.96
N PRO C 416 5.75 26.12 17.70
CA PRO C 416 5.19 27.45 17.34
C PRO C 416 3.68 27.50 17.50
N LEU C 417 2.98 26.44 17.09
CA LEU C 417 1.53 26.47 17.15
C LEU C 417 1.05 26.47 18.59
N ILE C 418 1.68 25.69 19.46
CA ILE C 418 1.24 25.68 20.85
C ILE C 418 1.71 26.93 21.58
N ALA C 419 2.78 27.56 21.13
CA ALA C 419 3.11 28.88 21.67
C ALA C 419 2.02 29.88 21.31
N GLU C 420 1.66 29.93 20.03
CA GLU C 420 0.51 30.70 19.59
C GLU C 420 -0.70 30.42 20.48
N ARG C 421 -1.00 29.15 20.69
CA ARG C 421 -2.20 28.77 21.42
C ARG C 421 -2.15 29.22 22.88
N GLU C 422 -1.04 28.93 23.56
CA GLU C 422 -0.93 29.30 24.97
C GLU C 422 -0.91 30.82 25.14
N ALA C 423 -0.58 31.55 24.07
CA ALA C 423 -0.68 33.00 24.14
C ALA C 423 -2.10 33.46 23.82
N MET C 424 -2.81 32.69 23.00
CA MET C 424 -4.19 33.02 22.65
C MET C 424 -5.10 32.84 23.86
N LYS C 425 -4.95 31.71 24.56
CA LYS C 425 -5.68 31.48 25.80
C LYS C 425 -5.77 32.75 26.64
N SER C 426 -4.65 33.46 26.74
CA SER C 426 -4.61 34.65 27.58
C SER C 426 -5.32 35.83 26.94
N SER C 427 -5.41 35.85 25.62
CA SER C 427 -5.83 37.03 24.89
C SER C 427 -7.26 36.87 24.36
N GLU C 428 -7.71 37.87 23.62
CA GLU C 428 -9.08 37.92 23.08
C GLU C 428 -9.02 38.54 21.70
N LEU C 429 -9.37 37.76 20.68
CA LEU C 429 -9.22 38.17 19.28
C LEU C 429 -10.30 39.20 18.97
N THR C 430 -9.99 40.48 19.18
CA THR C 430 -10.94 41.57 18.97
C THR C 430 -10.86 42.00 17.51
N LEU C 431 -11.55 41.25 16.66
CA LEU C 431 -11.62 41.56 15.24
C LEU C 431 -12.79 42.51 14.97
N GLU C 432 -13.10 42.70 13.70
CA GLU C 432 -14.31 43.43 13.31
C GLU C 432 -14.83 42.80 12.02
N MET C 433 -15.93 42.06 12.15
CA MET C 433 -16.58 41.42 11.01
C MET C 433 -18.06 41.76 11.05
N GLY C 434 -18.65 41.89 9.86
CA GLY C 434 -19.97 42.46 9.77
C GLY C 434 -19.98 43.95 10.05
N GLY C 435 -18.85 44.61 9.78
CA GLY C 435 -18.72 46.02 10.13
C GLY C 435 -18.87 46.29 11.61
N ILE C 436 -18.63 45.30 12.46
CA ILE C 436 -18.81 45.45 13.90
C ILE C 436 -17.72 44.67 14.63
N PRO C 437 -17.15 45.19 15.71
CA PRO C 437 -16.17 44.41 16.48
C PRO C 437 -16.83 43.31 17.32
N ARG C 438 -16.67 42.06 16.92
CA ARG C 438 -17.17 40.93 17.69
C ARG C 438 -16.02 40.39 18.53
N THR C 439 -15.87 40.94 19.75
CA THR C 439 -14.80 40.52 20.64
C THR C 439 -14.85 39.02 20.85
N PHE C 440 -13.83 38.31 20.39
CA PHE C 440 -13.73 36.87 20.60
C PHE C 440 -12.93 36.58 21.86
N LYS C 441 -13.28 35.49 22.53
CA LYS C 441 -12.45 34.92 23.59
C LYS C 441 -12.38 33.41 23.35
N PHE C 442 -11.25 32.81 23.73
CA PHE C 442 -10.88 31.51 23.22
C PHE C 442 -10.73 30.48 24.33
N ILE C 443 -10.89 29.22 23.95
CA ILE C 443 -10.42 28.07 24.71
C ILE C 443 -10.24 26.93 23.72
N PHE C 444 -9.06 26.31 23.75
CA PHE C 444 -8.65 25.35 22.73
C PHE C 444 -8.72 23.94 23.31
N ARG C 445 -9.90 23.34 23.21
CA ARG C 445 -10.11 22.01 23.77
C ARG C 445 -9.61 20.95 22.80
N GLY C 446 -8.29 20.80 22.70
CA GLY C 446 -7.72 19.81 21.82
C GLY C 446 -8.01 18.41 22.33
N THR C 447 -8.74 17.62 21.53
CA THR C 447 -9.05 16.25 21.91
C THR C 447 -8.80 15.29 20.76
N GLY C 448 -8.83 15.79 19.54
CA GLY C 448 -8.76 14.96 18.35
C GLY C 448 -7.44 14.24 18.15
N TYR C 449 -6.53 14.36 19.12
CA TYR C 449 -5.28 13.63 19.04
C TYR C 449 -5.54 12.14 19.27
N ASP C 450 -5.12 11.32 18.32
CA ASP C 450 -5.22 9.88 18.51
C ASP C 450 -4.44 9.45 19.75
N GLU C 451 -4.98 8.44 20.45
CA GLU C 451 -4.48 8.11 21.78
C GLU C 451 -2.98 7.89 21.79
N LYS C 452 -2.44 7.22 20.76
CA LYS C 452 -0.99 7.11 20.66
C LYS C 452 -0.34 8.47 20.80
N LEU C 453 -0.65 9.37 19.87
CA LEU C 453 -0.11 10.71 19.91
C LEU C 453 -0.50 11.45 21.17
N VAL C 454 -1.66 11.14 21.76
CA VAL C 454 -2.03 11.76 23.03
C VAL C 454 -0.99 11.44 24.09
N ARG C 455 -0.76 10.15 24.34
CA ARG C 455 0.25 9.75 25.29
C ARG C 455 1.61 10.32 24.92
N GLU C 456 1.88 10.44 23.62
CA GLU C 456 3.16 10.99 23.17
C GLU C 456 3.33 12.43 23.61
N VAL C 457 2.48 13.33 23.10
CA VAL C 457 2.68 14.76 23.31
C VAL C 457 2.69 15.09 24.79
N GLU C 458 1.70 14.62 25.54
CA GLU C 458 1.73 14.77 26.98
C GLU C 458 2.91 14.06 27.61
N GLY C 459 3.65 13.29 26.82
CA GLY C 459 4.89 12.70 27.27
C GLY C 459 4.76 11.28 27.79
N LEU C 460 3.54 10.78 27.92
CA LEU C 460 3.33 9.51 28.61
C LEU C 460 4.01 8.38 27.88
N GLU C 461 4.12 7.24 28.56
CA GLU C 461 4.61 6.03 27.93
C GLU C 461 3.65 5.58 26.84
N ALA C 462 4.20 5.04 25.77
CA ALA C 462 3.38 4.61 24.66
C ALA C 462 2.36 3.58 25.13
N SER C 463 1.30 3.43 24.34
CA SER C 463 0.29 2.44 24.66
C SER C 463 0.91 1.04 24.67
N GLY C 464 0.29 0.15 25.44
CA GLY C 464 0.89 -1.11 25.76
C GLY C 464 1.50 -1.18 27.15
N SER C 465 1.47 -0.09 27.90
CA SER C 465 2.10 -0.02 29.21
C SER C 465 1.20 -0.66 30.27
N VAL C 466 1.74 -0.72 31.49
CA VAL C 466 0.94 -1.07 32.66
C VAL C 466 0.17 0.13 33.18
N TYR C 467 0.45 1.33 32.65
CA TYR C 467 -0.31 2.54 32.96
C TYR C 467 -1.05 2.92 31.69
N ILE C 468 -2.30 2.46 31.58
CA ILE C 468 -3.09 2.75 30.38
C ILE C 468 -4.21 3.71 30.73
N CYS C 469 -3.92 5.00 30.69
CA CYS C 469 -4.95 6.02 30.58
C CYS C 469 -4.30 7.38 30.48
N THR C 470 -4.81 8.21 29.57
CA THR C 470 -4.52 9.62 29.63
C THR C 470 -5.35 10.33 30.71
N LEU C 471 -6.09 9.57 31.51
CA LEU C 471 -6.97 10.14 32.52
C LEU C 471 -6.94 9.33 33.81
N CYS C 472 -6.97 10.04 34.93
CA CYS C 472 -7.05 9.45 36.26
C CYS C 472 -5.77 8.75 36.66
N ASP C 473 -4.79 8.67 35.76
CA ASP C 473 -3.46 8.18 36.07
C ASP C 473 -3.50 6.79 36.69
N THR C 474 -4.52 6.00 36.35
CA THR C 474 -4.68 4.70 36.95
C THR C 474 -3.80 3.67 36.29
N THR C 475 -3.51 2.60 37.01
CA THR C 475 -2.70 1.51 36.50
C THR C 475 -3.52 0.64 35.56
N ARG C 476 -2.87 -0.44 35.11
CA ARG C 476 -3.57 -1.43 34.30
C ARG C 476 -4.37 -2.38 35.17
N LEU C 477 -3.83 -2.72 36.34
CA LEU C 477 -4.51 -3.67 37.22
C LEU C 477 -5.62 -2.98 38.01
N GLU C 478 -5.35 -1.80 38.54
CA GLU C 478 -6.41 -1.02 39.15
C GLU C 478 -7.53 -0.75 38.16
N ALA C 479 -7.23 -0.86 36.86
CA ALA C 479 -8.28 -0.76 35.85
C ALA C 479 -9.01 -2.08 35.66
N SER C 480 -8.27 -3.19 35.69
CA SER C 480 -8.90 -4.49 35.55
C SER C 480 -9.81 -4.81 36.73
N GLN C 481 -9.51 -4.27 37.91
CA GLN C 481 -10.27 -4.60 39.12
C GLN C 481 -11.40 -3.61 39.37
N ASN C 482 -11.08 -2.34 39.57
CA ASN C 482 -12.09 -1.33 39.83
C ASN C 482 -12.98 -1.20 38.60
N LEU C 483 -12.41 -0.70 37.52
CA LEU C 483 -12.98 -0.82 36.18
C LEU C 483 -14.20 0.06 35.95
N VAL C 484 -14.71 0.72 37.00
CA VAL C 484 -15.81 1.67 36.83
C VAL C 484 -15.59 2.99 37.54
N PHE C 485 -14.72 3.07 38.55
CA PHE C 485 -14.58 4.27 39.36
C PHE C 485 -13.15 4.78 39.23
N HIS C 486 -12.96 5.72 38.30
CA HIS C 486 -11.67 6.39 38.13
C HIS C 486 -11.96 7.86 37.87
N SER C 487 -11.37 8.74 38.67
CA SER C 487 -11.64 10.16 38.58
C SER C 487 -10.57 10.87 37.78
N ILE C 488 -10.98 11.88 37.01
CA ILE C 488 -10.04 12.69 36.23
C ILE C 488 -9.14 13.45 37.19
N THR C 489 -7.86 13.07 37.21
CA THR C 489 -6.84 13.77 37.97
C THR C 489 -5.56 13.86 37.16
N ARG C 490 -5.69 13.80 35.84
CA ARG C 490 -4.55 13.70 34.93
C ARG C 490 -4.77 14.71 33.81
N SER C 491 -4.31 15.93 34.02
CA SER C 491 -4.40 17.02 33.06
C SER C 491 -3.02 17.36 32.52
N HIS C 492 -2.96 18.40 31.69
CA HIS C 492 -1.68 18.81 31.13
C HIS C 492 -0.90 19.70 32.08
N ALA C 493 -1.59 20.55 32.85
CA ALA C 493 -0.89 21.29 33.89
C ALA C 493 -0.34 20.33 34.93
N GLU C 494 -1.19 19.42 35.41
CA GLU C 494 -0.74 18.38 36.31
C GLU C 494 0.36 17.55 35.66
N ASN C 495 0.26 17.32 34.35
CA ASN C 495 1.27 16.49 33.68
C ASN C 495 2.61 17.20 33.56
N LEU C 496 2.58 18.50 33.27
CA LEU C 496 3.83 19.26 33.24
C LEU C 496 4.48 19.27 34.62
N GLN C 497 3.69 19.57 35.65
CA GLN C 497 4.21 19.48 37.01
C GLN C 497 4.73 18.09 37.31
N ARG C 498 4.11 17.07 36.71
CA ARG C 498 4.46 15.69 37.02
C ARG C 498 5.77 15.27 36.36
N TYR C 499 5.97 15.64 35.10
CA TYR C 499 7.30 15.49 34.52
C TYR C 499 8.33 16.34 35.24
N GLU C 500 7.94 17.52 35.69
CA GLU C 500 8.87 18.38 36.42
C GLU C 500 9.34 17.71 37.69
N VAL C 501 8.47 16.94 38.34
CA VAL C 501 8.91 16.18 39.50
C VAL C 501 9.60 14.87 39.10
N TRP C 502 9.29 14.34 37.92
CA TRP C 502 9.98 13.15 37.41
C TRP C 502 11.41 13.46 37.02
N ARG C 503 11.73 14.74 36.80
CA ARG C 503 13.10 15.17 36.59
C ARG C 503 13.71 15.71 37.88
N SER C 504 13.08 16.72 38.48
CA SER C 504 13.60 17.30 39.71
C SER C 504 13.91 16.22 40.74
N ASN C 505 13.07 15.19 40.80
CA ASN C 505 13.32 14.04 41.66
C ASN C 505 13.71 14.50 43.07
N PRO C 506 12.91 15.37 43.68
CA PRO C 506 13.34 16.07 44.89
C PRO C 506 13.38 15.15 46.10
N TYR C 507 12.50 14.15 46.11
CA TYR C 507 12.51 13.12 47.14
C TYR C 507 13.51 12.03 46.85
N HIS C 508 14.21 12.09 45.71
CA HIS C 508 15.31 11.19 45.42
C HIS C 508 14.85 9.72 45.43
N GLU C 509 13.98 9.40 44.48
CA GLU C 509 13.53 8.02 44.30
C GLU C 509 14.08 7.42 43.01
N SER C 510 13.83 6.13 42.86
CA SER C 510 14.36 5.34 41.76
C SER C 510 13.37 5.35 40.59
N VAL C 511 13.67 4.57 39.56
CA VAL C 511 12.92 4.64 38.32
C VAL C 511 11.46 4.26 38.55
N GLU C 512 11.21 3.03 38.97
CA GLU C 512 9.84 2.54 39.05
C GLU C 512 9.05 3.31 40.10
N GLU C 513 9.68 3.63 41.22
CA GLU C 513 9.01 4.45 42.23
C GLU C 513 8.54 5.76 41.65
N LEU C 514 9.29 6.33 40.71
CA LEU C 514 8.91 7.61 40.12
C LEU C 514 7.84 7.43 39.07
N ARG C 515 8.00 6.47 38.17
CA ARG C 515 6.93 6.15 37.23
C ARG C 515 5.62 5.96 37.96
N ASP C 516 5.66 5.38 39.16
CA ASP C 516 4.45 5.27 39.97
C ASP C 516 4.08 6.61 40.61
N ARG C 517 5.08 7.40 40.98
CA ARG C 517 4.82 8.65 41.67
C ARG C 517 4.40 9.73 40.70
N VAL C 518 4.96 9.70 39.49
CA VAL C 518 4.46 10.53 38.41
C VAL C 518 3.28 9.88 37.72
N LYS C 519 3.04 8.60 38.02
CA LYS C 519 1.90 7.86 37.51
C LYS C 519 2.04 7.58 36.00
N GLY C 520 3.25 7.73 35.48
CA GLY C 520 3.55 7.29 34.14
C GLY C 520 4.36 8.26 33.31
N VAL C 521 4.12 9.56 33.50
CA VAL C 521 4.75 10.55 32.64
C VAL C 521 6.26 10.42 32.74
N SER C 522 6.88 10.01 31.64
CA SER C 522 8.34 10.00 31.51
C SER C 522 8.86 11.24 30.82
N ALA C 523 8.26 11.61 29.70
CA ALA C 523 8.67 12.77 28.92
C ALA C 523 8.00 14.03 29.44
N LYS C 524 8.23 15.14 28.76
CA LYS C 524 7.64 16.42 29.15
C LYS C 524 6.41 16.68 28.32
N PRO C 525 5.25 16.94 28.92
CA PRO C 525 4.06 17.23 28.13
C PRO C 525 4.28 18.42 27.21
N PHE C 526 3.76 18.30 26.00
CA PHE C 526 4.00 19.31 24.98
C PHE C 526 2.75 20.14 24.72
N ILE C 527 1.63 19.50 24.43
CA ILE C 527 0.39 20.16 24.05
C ILE C 527 -0.50 20.29 25.28
N GLU C 528 -1.04 21.49 25.49
CA GLU C 528 -1.99 21.72 26.58
C GLU C 528 -3.37 21.19 26.21
N THR C 529 -3.42 19.87 25.99
CA THR C 529 -4.67 19.21 25.70
C THR C 529 -5.64 19.40 26.87
N VAL C 530 -6.89 19.06 26.60
CA VAL C 530 -7.91 18.95 27.63
C VAL C 530 -8.32 17.49 27.71
N PRO C 531 -8.19 16.84 28.86
CA PRO C 531 -8.23 15.37 28.90
C PRO C 531 -9.55 14.84 28.33
N SER C 532 -9.43 14.05 27.27
CA SER C 532 -10.58 13.46 26.61
C SER C 532 -10.07 12.34 25.71
N ILE C 533 -10.96 11.81 24.89
CA ILE C 533 -10.67 10.65 24.06
C ILE C 533 -11.28 10.87 22.68
N ASP C 534 -10.96 9.94 21.79
CA ASP C 534 -11.44 9.96 20.42
C ASP C 534 -12.37 8.78 20.22
N ALA C 535 -13.68 9.07 20.21
CA ALA C 535 -14.66 8.04 19.90
C ALA C 535 -14.25 7.20 18.71
N LEU C 536 -13.56 7.80 17.76
CA LEU C 536 -13.11 7.06 16.58
C LEU C 536 -12.18 5.93 17.00
N HIS C 537 -11.00 6.28 17.51
CA HIS C 537 -10.05 5.24 17.88
C HIS C 537 -10.59 4.39 19.03
N CYS C 538 -11.46 4.96 19.86
CA CYS C 538 -12.13 4.14 20.86
C CYS C 538 -12.87 2.99 20.19
N ASP C 539 -13.63 3.29 19.15
CA ASP C 539 -14.37 2.23 18.46
C ASP C 539 -13.41 1.29 17.73
N ILE C 540 -12.35 1.84 17.13
CA ILE C 540 -11.42 0.98 16.40
C ILE C 540 -10.79 -0.03 17.36
N GLY C 541 -10.33 0.44 18.51
CA GLY C 541 -9.69 -0.46 19.46
C GLY C 541 -10.67 -1.42 20.11
N ASN C 542 -11.84 -0.93 20.50
CA ASN C 542 -12.84 -1.80 21.09
C ASN C 542 -13.27 -2.88 20.12
N ALA C 543 -13.36 -2.55 18.83
CA ALA C 543 -13.76 -3.56 17.86
C ALA C 543 -12.61 -4.50 17.53
N ALA C 544 -11.37 -4.03 17.57
CA ALA C 544 -10.25 -4.96 17.44
C ALA C 544 -10.24 -5.94 18.60
N GLU C 545 -10.53 -5.45 19.80
CA GLU C 545 -10.57 -6.32 20.97
C GLU C 545 -11.73 -7.28 20.90
N PHE C 546 -12.90 -6.82 20.46
CA PHE C 546 -14.01 -7.73 20.22
C PHE C 546 -13.70 -8.74 19.13
N TYR C 547 -12.89 -8.37 18.14
CA TYR C 547 -12.53 -9.34 17.12
C TYR C 547 -11.62 -10.42 17.68
N LYS C 548 -10.62 -10.00 18.47
CA LYS C 548 -9.82 -10.97 19.22
C LYS C 548 -10.73 -11.86 20.06
N ILE C 549 -11.67 -11.25 20.77
CA ILE C 549 -12.57 -12.00 21.63
C ILE C 549 -13.38 -13.01 20.82
N PHE C 550 -13.80 -12.61 19.63
CA PHE C 550 -14.62 -13.49 18.81
C PHE C 550 -13.82 -14.69 18.34
N GLN C 551 -12.66 -14.44 17.73
CA GLN C 551 -11.81 -15.56 17.34
C GLN C 551 -11.53 -16.46 18.53
N LEU C 552 -11.24 -15.86 19.69
CA LEU C 552 -10.98 -16.68 20.88
C LEU C 552 -12.17 -17.56 21.22
N GLU C 553 -13.37 -16.98 21.33
CA GLU C 553 -14.56 -17.78 21.59
C GLU C 553 -14.70 -18.89 20.56
N ILE C 554 -14.21 -18.67 19.35
CA ILE C 554 -14.17 -19.77 18.38
C ILE C 554 -13.09 -20.76 18.78
N GLY C 555 -12.07 -20.30 19.48
CA GLY C 555 -11.09 -21.15 20.12
C GLY C 555 -11.47 -21.61 21.50
N GLU C 556 -12.70 -21.30 21.94
CA GLU C 556 -13.19 -21.63 23.28
C GLU C 556 -12.12 -21.34 24.32
N VAL C 557 -11.38 -20.24 24.15
CA VAL C 557 -10.25 -19.94 25.01
C VAL C 557 -10.69 -19.65 26.43
N TYR C 558 -11.96 -19.33 26.65
CA TYR C 558 -12.47 -19.26 28.01
C TYR C 558 -12.29 -20.58 28.73
N LYS C 559 -12.39 -21.69 28.01
CA LYS C 559 -12.11 -23.00 28.58
C LYS C 559 -10.61 -23.26 28.60
N HIS C 560 -10.00 -23.29 27.41
CA HIS C 560 -8.57 -23.45 27.26
C HIS C 560 -7.92 -22.07 27.34
N PRO C 561 -7.34 -21.69 28.48
CA PRO C 561 -6.91 -20.30 28.62
C PRO C 561 -5.80 -19.90 27.66
N ASN C 562 -4.80 -20.74 27.48
CA ASN C 562 -3.65 -20.44 26.66
C ASN C 562 -3.66 -21.31 25.41
N ALA C 563 -2.92 -20.86 24.39
CA ALA C 563 -2.96 -21.49 23.09
C ALA C 563 -1.77 -21.04 22.26
N SER C 564 -1.48 -21.80 21.21
CA SER C 564 -0.37 -21.46 20.33
C SER C 564 -0.79 -20.37 19.35
N LYS C 565 0.19 -19.56 18.96
CA LYS C 565 -0.08 -18.49 18.01
C LYS C 565 -0.62 -19.02 16.69
N GLU C 566 -0.31 -20.28 16.34
CA GLU C 566 -0.87 -20.83 15.12
C GLU C 566 -2.36 -21.09 15.27
N GLU C 567 -2.77 -21.71 16.38
CA GLU C 567 -4.19 -21.91 16.59
C GLU C 567 -4.92 -20.60 16.85
N ARG C 568 -4.20 -19.53 17.21
CA ARG C 568 -4.82 -18.22 17.21
C ARG C 568 -5.04 -17.74 15.78
N LYS C 569 -3.98 -17.69 14.98
CA LYS C 569 -4.13 -17.43 13.55
C LYS C 569 -4.99 -18.50 12.87
N ARG C 570 -5.30 -19.59 13.55
CA ARG C 570 -6.35 -20.50 13.11
C ARG C 570 -7.55 -20.40 14.04
N TRP C 571 -8.64 -21.05 13.64
CA TRP C 571 -9.98 -20.76 14.15
C TRP C 571 -10.19 -19.27 14.31
N GLN C 572 -9.47 -18.48 13.53
CA GLN C 572 -9.62 -17.03 13.42
C GLN C 572 -9.73 -16.59 11.98
N ALA C 573 -8.98 -17.21 11.08
CA ALA C 573 -9.28 -17.10 9.67
C ALA C 573 -10.64 -17.70 9.35
N THR C 574 -11.18 -18.51 10.25
CA THR C 574 -12.56 -18.93 10.14
C THR C 574 -13.51 -17.81 10.51
N LEU C 575 -13.14 -17.01 11.52
CA LEU C 575 -13.88 -15.79 11.79
C LEU C 575 -13.92 -14.90 10.57
N ASP C 576 -12.77 -14.74 9.91
CA ASP C 576 -12.72 -13.97 8.67
C ASP C 576 -13.61 -14.58 7.60
N LYS C 577 -13.46 -15.89 7.35
CA LYS C 577 -14.23 -16.55 6.31
C LYS C 577 -15.73 -16.42 6.58
N HIS C 578 -16.12 -16.49 7.85
CA HIS C 578 -17.54 -16.50 8.19
C HIS C 578 -18.12 -15.09 8.10
N LEU C 579 -17.43 -14.10 8.68
CA LEU C 579 -17.82 -12.71 8.46
C LEU C 579 -17.67 -12.31 7.00
N ARG C 580 -17.05 -13.17 6.18
CA ARG C 580 -17.04 -12.99 4.74
C ARG C 580 -18.34 -13.46 4.12
N LYS C 581 -18.69 -14.73 4.32
CA LYS C 581 -19.84 -15.28 3.63
C LYS C 581 -21.15 -14.85 4.29
N ARG C 582 -21.27 -15.02 5.60
CA ARG C 582 -22.53 -14.74 6.26
C ARG C 582 -22.77 -13.24 6.37
N MET C 583 -21.89 -12.55 7.09
CA MET C 583 -21.89 -11.10 7.07
C MET C 583 -21.00 -10.62 5.92
N ASN C 584 -21.16 -9.35 5.56
CA ASN C 584 -20.38 -8.74 4.47
C ASN C 584 -19.28 -7.90 5.10
N LEU C 585 -18.21 -8.58 5.50
CA LEU C 585 -17.07 -7.95 6.16
C LEU C 585 -15.83 -8.77 5.82
N LYS C 586 -14.71 -8.07 5.65
CA LYS C 586 -13.50 -8.67 5.10
C LYS C 586 -12.34 -8.58 6.07
N PRO C 587 -11.27 -9.33 5.82
CA PRO C 587 -10.03 -9.15 6.59
C PRO C 587 -9.33 -7.87 6.20
N ILE C 588 -8.87 -7.13 7.20
CA ILE C 588 -8.15 -5.87 7.01
C ILE C 588 -6.88 -5.91 7.86
N MET C 589 -5.76 -5.53 7.24
CA MET C 589 -4.48 -5.49 7.95
C MET C 589 -4.64 -4.82 9.31
N MET C 590 -5.41 -3.75 9.35
CA MET C 590 -5.63 -2.97 10.56
C MET C 590 -7.11 -2.61 10.66
N MET C 591 -7.59 -2.43 11.89
CA MET C 591 -9.01 -2.21 12.09
C MET C 591 -9.42 -0.83 11.61
N ASN C 592 -10.71 -0.66 11.34
CA ASN C 592 -11.24 0.61 10.88
C ASN C 592 -12.61 0.87 11.48
N GLY C 593 -13.29 1.90 11.00
CA GLY C 593 -14.52 2.35 11.61
C GLY C 593 -15.76 1.77 10.99
N ASN C 594 -15.82 1.78 9.64
CA ASN C 594 -16.94 1.10 8.96
C ASN C 594 -16.94 -0.34 9.47
N PHE C 595 -15.78 -1.01 9.41
CA PHE C 595 -15.68 -2.39 9.84
C PHE C 595 -16.15 -2.56 11.27
N ALA C 596 -15.82 -1.61 12.14
CA ALA C 596 -16.27 -1.67 13.52
C ALA C 596 -17.79 -1.61 13.62
N ARG C 597 -18.38 -0.50 13.19
CA ARG C 597 -19.82 -0.32 13.33
C ARG C 597 -20.60 -1.35 12.53
N LYS C 598 -19.96 -2.01 11.56
CA LYS C 598 -20.56 -3.16 10.91
C LYS C 598 -20.25 -4.44 11.67
N LEU C 599 -19.35 -4.37 12.64
CA LEU C 599 -19.06 -5.43 13.59
C LEU C 599 -19.75 -5.22 14.92
N MET C 600 -19.84 -3.98 15.38
CA MET C 600 -20.61 -3.66 16.59
C MET C 600 -22.10 -3.75 16.25
N THR C 601 -22.54 -4.98 16.03
CA THR C 601 -23.92 -5.26 15.68
C THR C 601 -24.30 -6.63 16.21
N GLN C 602 -25.35 -6.68 17.03
CA GLN C 602 -25.83 -7.97 17.52
C GLN C 602 -25.94 -8.98 16.40
N GLU C 603 -26.21 -8.52 15.17
CA GLU C 603 -26.11 -9.41 14.02
C GLU C 603 -24.70 -9.99 13.91
N THR C 604 -23.69 -9.17 14.15
CA THR C 604 -22.32 -9.68 14.19
C THR C 604 -22.17 -10.77 15.24
N VAL C 605 -22.79 -10.59 16.40
CA VAL C 605 -22.71 -11.60 17.45
C VAL C 605 -23.39 -12.88 17.00
N ASP C 606 -24.54 -12.77 16.33
CA ASP C 606 -25.16 -13.96 15.77
C ASP C 606 -24.22 -14.63 14.78
N ALA C 607 -23.50 -13.83 14.00
CA ALA C 607 -22.60 -14.38 13.00
C ALA C 607 -21.48 -15.17 13.64
N VAL C 608 -20.91 -14.63 14.72
CA VAL C 608 -19.80 -15.32 15.37
C VAL C 608 -20.31 -16.52 16.15
N CYS C 609 -21.50 -16.43 16.71
CA CYS C 609 -22.08 -17.54 17.46
C CYS C 609 -22.61 -18.64 16.57
N GLU C 610 -22.74 -18.39 15.27
CA GLU C 610 -23.12 -19.44 14.34
C GLU C 610 -22.11 -20.60 14.34
N LEU C 611 -20.92 -20.38 14.90
CA LEU C 611 -19.86 -21.39 14.88
C LEU C 611 -19.29 -21.62 16.28
N ILE C 612 -20.13 -21.59 17.30
CA ILE C 612 -19.71 -21.81 18.68
C ILE C 612 -20.78 -22.66 19.37
N PRO C 613 -20.55 -23.96 19.53
CA PRO C 613 -21.55 -24.80 20.23
C PRO C 613 -21.84 -24.35 21.66
N SER C 614 -21.06 -23.44 22.23
CA SER C 614 -21.23 -23.03 23.62
C SER C 614 -22.31 -21.95 23.70
N GLU C 615 -23.48 -22.33 24.20
CA GLU C 615 -24.60 -21.38 24.29
C GLU C 615 -24.34 -20.31 25.33
N GLU C 616 -23.72 -20.69 26.46
CA GLU C 616 -23.39 -19.68 27.47
C GLU C 616 -22.54 -18.58 26.87
N ARG C 617 -21.62 -18.92 25.97
CA ARG C 617 -20.83 -17.90 25.30
C ARG C 617 -21.67 -17.13 24.30
N HIS C 618 -22.67 -17.77 23.70
CA HIS C 618 -23.60 -17.02 22.87
C HIS C 618 -24.22 -15.89 23.68
N GLU C 619 -24.89 -16.22 24.78
CA GLU C 619 -25.50 -15.19 25.61
C GLU C 619 -24.47 -14.20 26.13
N ALA C 620 -23.25 -14.68 26.39
CA ALA C 620 -22.18 -13.79 26.81
C ALA C 620 -21.95 -12.70 25.78
N LEU C 621 -21.71 -13.10 24.53
CA LEU C 621 -21.46 -12.12 23.48
C LEU C 621 -22.69 -11.27 23.21
N ARG C 622 -23.88 -11.85 23.30
CA ARG C 622 -25.09 -11.08 23.10
C ARG C 622 -25.15 -9.92 24.09
N GLU C 623 -25.05 -10.23 25.39
CA GLU C 623 -25.08 -9.19 26.40
C GLU C 623 -23.92 -8.22 26.20
N LEU C 624 -22.74 -8.74 25.89
CA LEU C 624 -21.57 -7.91 25.68
C LEU C 624 -21.85 -6.85 24.62
N MET C 625 -22.28 -7.27 23.44
CA MET C 625 -22.43 -6.35 22.33
C MET C 625 -23.63 -5.44 22.53
N ASP C 626 -24.70 -5.94 23.14
CA ASP C 626 -25.85 -5.08 23.41
C ASP C 626 -25.47 -3.99 24.40
N LEU C 627 -24.67 -4.33 25.40
CA LEU C 627 -24.26 -3.33 26.39
C LEU C 627 -23.25 -2.37 25.79
N TYR C 628 -22.38 -2.84 24.89
CA TYR C 628 -21.46 -1.93 24.23
C TYR C 628 -22.19 -1.00 23.27
N LEU C 629 -23.24 -1.48 22.62
CA LEU C 629 -24.03 -0.66 21.71
C LEU C 629 -25.03 0.22 22.45
N LYS C 630 -25.22 -0.01 23.75
CA LYS C 630 -25.88 0.96 24.60
C LYS C 630 -24.91 1.98 25.16
N MET C 631 -23.63 1.62 25.23
CA MET C 631 -22.59 2.57 25.62
C MET C 631 -22.22 3.51 24.48
N LYS C 632 -21.92 2.96 23.32
CA LYS C 632 -21.36 3.73 22.21
C LYS C 632 -22.19 4.93 21.83
N PRO C 633 -23.52 4.87 21.79
CA PRO C 633 -24.30 6.09 21.54
C PRO C 633 -24.16 7.14 22.63
N VAL C 634 -23.33 6.91 23.63
CA VAL C 634 -23.10 7.88 24.68
C VAL C 634 -21.80 8.65 24.47
N TRP C 635 -20.85 8.07 23.74
CA TRP C 635 -19.64 8.78 23.36
C TRP C 635 -19.49 8.88 21.85
N ARG C 636 -19.90 7.86 21.11
CA ARG C 636 -19.77 7.90 19.66
C ARG C 636 -20.73 8.89 19.03
N SER C 637 -21.65 9.46 19.82
CA SER C 637 -22.61 10.39 19.28
C SER C 637 -22.11 11.82 19.40
N SER C 638 -22.55 12.67 18.46
CA SER C 638 -22.14 14.07 18.49
C SER C 638 -22.69 14.78 19.72
N CYS C 639 -23.88 14.40 20.18
CA CYS C 639 -24.44 14.94 21.41
C CYS C 639 -25.45 13.94 21.98
N PRO C 640 -25.03 13.05 22.87
CA PRO C 640 -25.96 12.01 23.35
C PRO C 640 -27.11 12.57 24.17
N ALA C 641 -26.81 13.42 25.16
CA ALA C 641 -27.87 13.97 26.00
C ALA C 641 -29.00 14.56 25.17
N LYS C 642 -28.67 15.14 24.02
CA LYS C 642 -29.67 15.62 23.08
C LYS C 642 -30.14 14.52 22.14
N GLU C 643 -29.40 13.41 22.05
CA GLU C 643 -29.67 12.36 21.08
C GLU C 643 -30.11 11.06 21.75
N CYS C 644 -29.32 10.53 22.69
CA CYS C 644 -29.63 9.28 23.39
C CYS C 644 -29.44 9.49 24.90
N PRO C 645 -30.22 10.38 25.50
CA PRO C 645 -30.02 10.67 26.93
C PRO C 645 -30.36 9.52 27.84
N GLU C 646 -31.28 8.65 27.44
CA GLU C 646 -31.64 7.52 28.31
C GLU C 646 -30.47 6.55 28.45
N SER C 647 -29.85 6.16 27.33
CA SER C 647 -28.64 5.38 27.39
C SER C 647 -27.57 6.11 28.20
N LEU C 648 -27.54 7.43 28.10
CA LEU C 648 -26.51 8.20 28.78
C LEU C 648 -26.67 8.13 30.30
N CYS C 649 -27.88 8.33 30.80
CA CYS C 649 -28.11 8.29 32.23
C CYS C 649 -28.09 6.87 32.77
N GLN C 650 -28.34 5.87 31.92
CA GLN C 650 -28.13 4.49 32.32
C GLN C 650 -26.66 4.08 32.23
N TYR C 651 -25.84 4.89 31.55
CA TYR C 651 -24.46 4.52 31.27
C TYR C 651 -23.70 4.06 32.50
N SER C 652 -23.92 4.69 33.65
CA SER C 652 -23.19 4.28 34.84
C SER C 652 -23.39 2.80 35.12
N PHE C 653 -24.65 2.37 35.23
CA PHE C 653 -24.95 0.97 35.50
C PHE C 653 -24.65 0.10 34.29
N ASN C 654 -24.68 0.66 33.10
CA ASN C 654 -24.22 -0.06 31.92
C ASN C 654 -22.77 -0.49 32.09
N SER C 655 -21.91 0.47 32.43
CA SER C 655 -20.50 0.18 32.68
C SER C 655 -20.35 -0.75 33.86
N GLN C 656 -21.20 -0.61 34.88
CA GLN C 656 -21.13 -1.50 36.03
C GLN C 656 -21.32 -2.95 35.59
N ARG C 657 -22.45 -3.24 34.95
CA ARG C 657 -22.73 -4.60 34.50
C ARG C 657 -21.69 -5.08 33.49
N PHE C 658 -21.17 -4.18 32.67
CA PHE C 658 -20.16 -4.58 31.71
C PHE C 658 -18.89 -5.02 32.42
N ALA C 659 -18.42 -4.25 33.39
CA ALA C 659 -17.26 -4.67 34.18
C ALA C 659 -17.52 -6.00 34.87
N GLU C 660 -18.71 -6.11 35.49
CA GLU C 660 -19.11 -7.38 36.15
C GLU C 660 -18.98 -8.51 35.14
N LEU C 661 -19.39 -8.34 33.89
CA LEU C 661 -19.31 -9.38 32.88
C LEU C 661 -17.86 -9.68 32.53
N LEU C 662 -17.10 -8.65 32.16
CA LEU C 662 -15.66 -8.82 31.95
C LEU C 662 -15.06 -9.72 33.01
N SER C 663 -15.41 -9.49 34.27
CA SER C 663 -14.99 -10.37 35.34
C SER C 663 -15.49 -11.80 35.07
N THR C 664 -16.80 -11.95 34.94
CA THR C 664 -17.44 -13.26 34.91
C THR C 664 -17.02 -14.12 33.72
N LYS C 665 -17.39 -13.68 32.52
CA LYS C 665 -17.39 -14.56 31.36
C LYS C 665 -16.19 -14.40 30.45
N PHE C 666 -15.45 -13.31 30.57
CA PHE C 666 -14.35 -12.99 29.66
C PHE C 666 -13.08 -12.77 30.45
N LYS C 667 -12.78 -13.69 31.37
CA LYS C 667 -11.62 -13.55 32.21
C LYS C 667 -10.38 -14.21 31.63
N TYR C 668 -10.53 -15.11 30.66
CA TYR C 668 -9.36 -15.54 29.91
C TYR C 668 -8.66 -14.35 29.28
N ARG C 669 -9.44 -13.36 28.86
CA ARG C 669 -8.93 -12.01 28.68
C ARG C 669 -9.20 -11.22 29.94
N TYR C 670 -8.58 -10.06 30.05
CA TYR C 670 -8.98 -9.08 31.04
C TYR C 670 -8.66 -9.57 32.46
N GLU C 671 -7.97 -10.70 32.56
CA GLU C 671 -7.42 -11.14 33.85
C GLU C 671 -6.24 -10.25 34.19
N GLY C 672 -6.47 -9.28 35.06
CA GLY C 672 -5.45 -8.30 35.37
C GLY C 672 -4.96 -7.54 34.16
N LYS C 673 -5.85 -7.26 33.21
CA LYS C 673 -5.50 -6.48 32.03
C LYS C 673 -6.77 -5.88 31.45
N ILE C 674 -6.59 -4.83 30.65
CA ILE C 674 -7.70 -4.21 29.93
C ILE C 674 -7.09 -3.28 28.89
N THR C 675 -7.87 -2.95 27.88
CA THR C 675 -7.42 -2.00 26.87
C THR C 675 -7.56 -0.57 27.38
N ASN C 676 -6.69 0.30 26.88
CA ASN C 676 -6.77 1.72 27.20
C ASN C 676 -8.19 2.21 26.97
N TYR C 677 -8.80 1.70 25.91
CA TYR C 677 -10.11 2.19 25.49
C TYR C 677 -11.23 1.56 26.28
N PHE C 678 -11.09 0.32 26.71
CA PHE C 678 -12.11 -0.25 27.56
C PHE C 678 -12.15 0.47 28.91
N HIS C 679 -11.04 1.01 29.36
CA HIS C 679 -11.07 1.85 30.55
C HIS C 679 -11.66 3.21 30.24
N LYS C 680 -11.22 3.85 29.16
CA LYS C 680 -11.79 5.14 28.80
C LYS C 680 -13.28 5.07 28.50
N THR C 681 -13.81 3.88 28.18
CA THR C 681 -15.27 3.71 27.95
C THR C 681 -15.97 3.36 29.26
N LEU C 682 -15.46 2.37 29.99
CA LEU C 682 -16.10 1.98 31.24
C LEU C 682 -15.74 2.92 32.38
N ALA C 683 -15.08 4.03 32.08
CA ALA C 683 -14.88 5.12 33.02
C ALA C 683 -14.38 6.31 32.22
N HIS C 684 -14.42 7.48 32.88
CA HIS C 684 -14.11 8.74 32.23
C HIS C 684 -15.14 9.15 31.19
N VAL C 685 -16.09 8.27 30.86
CA VAL C 685 -17.05 8.61 29.82
C VAL C 685 -18.04 9.62 30.37
N PRO C 686 -18.80 9.30 31.44
CA PRO C 686 -19.70 10.32 31.99
C PRO C 686 -18.97 11.57 32.43
N GLU C 687 -17.77 11.41 32.98
CA GLU C 687 -16.98 12.56 33.40
C GLU C 687 -16.63 13.44 32.21
N ILE C 688 -16.16 12.84 31.12
CA ILE C 688 -15.86 13.60 29.91
C ILE C 688 -17.12 14.26 29.37
N ILE C 689 -18.23 13.52 29.35
CA ILE C 689 -19.48 14.08 28.85
C ILE C 689 -19.83 15.35 29.62
N GLU C 690 -19.91 15.26 30.95
CA GLU C 690 -20.32 16.39 31.75
C GLU C 690 -19.32 17.54 31.66
N ARG C 691 -18.00 17.23 31.61
CA ARG C 691 -16.96 18.28 31.65
C ARG C 691 -16.86 18.98 30.30
N ASP C 692 -16.65 18.20 29.23
CA ASP C 692 -16.55 18.77 27.90
C ASP C 692 -17.92 19.12 27.35
N GLY C 693 -18.85 18.17 27.38
CA GLY C 693 -20.19 18.34 26.87
C GLY C 693 -20.58 17.34 25.80
N SER C 694 -19.62 16.60 25.27
CA SER C 694 -19.88 15.57 24.26
C SER C 694 -18.56 14.85 24.01
N ILE C 695 -18.63 13.82 23.16
CA ILE C 695 -17.42 13.12 22.74
C ILE C 695 -17.39 12.99 21.23
N GLY C 696 -18.45 12.43 20.65
CA GLY C 696 -18.49 12.18 19.22
C GLY C 696 -18.13 13.38 18.38
N ALA C 697 -18.20 14.56 18.97
CA ALA C 697 -17.82 15.78 18.27
C ALA C 697 -16.34 16.09 18.49
N TRP C 698 -15.94 16.28 19.75
CA TRP C 698 -14.54 16.53 20.05
C TRP C 698 -13.64 15.38 19.63
N ALA C 699 -14.21 14.22 19.34
CA ALA C 699 -13.41 13.09 18.96
C ALA C 699 -12.71 13.34 17.63
N SER C 700 -11.78 12.47 17.30
CA SER C 700 -11.01 12.60 16.07
C SER C 700 -11.64 11.92 14.91
N GLU C 701 -12.96 11.79 14.96
CA GLU C 701 -13.68 11.11 13.89
C GLU C 701 -13.59 11.84 12.56
N GLY C 702 -13.22 13.13 12.58
CA GLY C 702 -13.21 13.92 11.37
C GLY C 702 -11.83 14.14 10.81
N ASN C 703 -10.85 14.41 11.68
CA ASN C 703 -9.48 14.60 11.23
C ASN C 703 -9.03 13.44 10.37
N GLU C 704 -9.23 12.22 10.86
CA GLU C 704 -8.97 11.04 10.04
C GLU C 704 -9.91 11.01 8.83
N SER C 705 -11.11 11.56 8.97
CA SER C 705 -11.98 11.72 7.82
C SER C 705 -11.48 12.81 6.89
N GLY C 706 -10.44 13.53 7.29
CA GLY C 706 -9.84 14.56 6.45
C GLY C 706 -8.55 14.09 5.82
N ASN C 707 -7.91 13.09 6.42
CA ASN C 707 -6.72 12.51 5.79
C ASN C 707 -7.04 11.94 4.42
N LYS C 708 -8.26 11.41 4.24
CA LYS C 708 -8.67 10.97 2.92
C LYS C 708 -8.52 12.09 1.91
N LEU C 709 -9.06 13.27 2.23
CA LEU C 709 -8.94 14.40 1.31
C LEU C 709 -7.51 14.87 1.20
N PHE C 710 -6.74 14.79 2.28
CA PHE C 710 -5.33 15.14 2.21
C PHE C 710 -4.65 14.34 1.11
N ARG C 711 -4.82 13.02 1.14
CA ARG C 711 -4.22 12.18 0.12
C ARG C 711 -4.82 12.47 -1.24
N ARG C 712 -6.15 12.59 -1.31
CA ARG C 712 -6.82 12.90 -2.56
C ARG C 712 -6.24 14.14 -3.21
N PHE C 713 -5.83 15.11 -2.39
CA PHE C 713 -5.28 16.36 -2.90
C PHE C 713 -3.83 16.17 -3.33
N ARG C 714 -3.00 15.67 -2.39
CA ARG C 714 -1.57 15.43 -2.69
C ARG C 714 -1.42 14.64 -3.99
N LYS C 715 -2.33 13.70 -4.26
CA LYS C 715 -2.23 12.89 -5.47
C LYS C 715 -2.91 13.57 -6.64
N MET C 716 -4.04 14.22 -6.41
CA MET C 716 -4.90 14.74 -7.47
C MET C 716 -4.99 16.24 -7.51
N ASN C 717 -5.38 16.88 -6.42
CA ASN C 717 -5.84 18.26 -6.43
C ASN C 717 -4.87 19.19 -5.73
N ALA C 718 -3.58 18.97 -5.96
CA ALA C 718 -2.54 19.89 -5.51
C ALA C 718 -1.23 19.45 -6.13
N ARG C 719 -0.36 20.42 -6.37
CA ARG C 719 0.86 20.20 -7.15
C ARG C 719 1.61 18.98 -6.64
N GLN C 720 2.05 18.16 -7.59
CA GLN C 720 2.90 17.03 -7.27
C GLN C 720 4.32 17.56 -7.19
N SER C 721 4.59 18.35 -6.16
CA SER C 721 5.77 19.16 -6.05
C SER C 721 6.83 18.52 -5.16
N LYS C 722 7.87 19.29 -4.85
CA LYS C 722 8.98 18.86 -4.03
C LYS C 722 8.75 19.22 -2.56
N CYS C 723 8.46 20.49 -2.29
CA CYS C 723 8.36 21.00 -0.95
C CYS C 723 7.15 21.88 -0.72
N TYR C 724 6.51 22.38 -1.77
CA TYR C 724 5.31 23.19 -1.64
C TYR C 724 4.04 22.45 -2.07
N GLU C 725 4.12 21.12 -2.21
CA GLU C 725 2.89 20.35 -2.34
C GLU C 725 2.01 20.51 -1.11
N MET C 726 2.64 20.75 0.05
CA MET C 726 1.86 21.02 1.25
C MET C 726 1.28 22.41 1.24
N GLU C 727 1.99 23.38 0.66
CA GLU C 727 1.43 24.72 0.50
C GLU C 727 0.06 24.65 -0.15
N ASP C 728 0.00 24.03 -1.34
CA ASP C 728 -1.30 24.00 -2.07
C ASP C 728 -2.25 22.93 -1.52
N VAL C 729 -1.75 21.85 -0.89
CA VAL C 729 -2.68 20.94 -0.23
C VAL C 729 -3.37 21.63 0.93
N LEU C 730 -2.61 22.39 1.74
CA LEU C 730 -3.22 23.15 2.82
C LEU C 730 -4.21 24.16 2.29
N LYS C 731 -3.80 24.94 1.28
CA LYS C 731 -4.72 25.83 0.60
C LYS C 731 -6.02 25.10 0.26
N HIS C 732 -5.90 24.06 -0.56
CA HIS C 732 -7.06 23.32 -1.06
C HIS C 732 -7.93 22.82 0.08
N HIS C 733 -7.30 22.33 1.15
CA HIS C 733 -8.07 21.69 2.22
C HIS C 733 -8.74 22.72 3.09
N TRP C 734 -8.14 23.91 3.21
CA TRP C 734 -8.83 25.02 3.85
C TRP C 734 -10.03 25.43 3.02
N LEU C 735 -9.86 25.45 1.70
CA LEU C 735 -10.94 25.86 0.82
C LEU C 735 -12.11 24.89 0.93
N TYR C 736 -11.85 23.59 0.86
CA TYR C 736 -12.90 22.62 1.15
C TYR C 736 -13.54 22.90 2.49
N THR C 737 -12.77 23.43 3.43
CA THR C 737 -13.19 23.57 4.82
C THR C 737 -13.69 24.98 5.11
N SER C 738 -13.97 25.76 4.07
CA SER C 738 -14.42 27.14 4.20
C SER C 738 -15.94 27.17 4.24
N LYS C 739 -16.50 27.58 5.39
CA LYS C 739 -17.94 27.78 5.48
C LYS C 739 -18.43 28.73 4.39
N TYR C 740 -17.70 29.83 4.18
CA TYR C 740 -18.05 30.79 3.14
C TYR C 740 -18.30 30.11 1.80
N LEU C 741 -17.74 28.93 1.58
CA LEU C 741 -18.03 28.13 0.39
C LEU C 741 -19.15 27.14 0.60
N GLN C 742 -19.11 26.38 1.70
CA GLN C 742 -20.14 25.38 1.96
C GLN C 742 -21.53 26.00 1.91
N LYS C 743 -21.67 27.23 2.41
CA LYS C 743 -22.96 27.92 2.33
C LYS C 743 -23.47 27.99 0.90
N PHE C 744 -22.57 28.22 -0.07
CA PHE C 744 -22.96 28.20 -1.46
C PHE C 744 -23.40 26.82 -1.91
N MET C 745 -23.06 25.78 -1.15
CA MET C 745 -23.36 24.41 -1.55
C MET C 745 -24.62 23.86 -0.92
N ASN C 746 -24.95 24.26 0.30
CA ASN C 746 -26.26 23.99 0.88
C ASN C 746 -27.31 24.96 0.38
N ALA C 747 -26.97 25.81 -0.58
CA ALA C 747 -27.86 26.84 -1.09
C ALA C 747 -29.10 26.27 -1.76
N HIS C 748 -29.07 25.02 -2.20
CA HIS C 748 -30.25 24.43 -2.86
C HIS C 748 -31.52 24.69 -2.07
N ASN C 749 -31.42 24.79 -0.75
CA ASN C 749 -32.58 25.06 0.09
C ASN C 749 -32.18 25.16 1.56
N MET D 3 44.44 4.71 12.99
CA MET D 3 44.07 5.82 12.07
C MET D 3 43.13 5.26 10.99
N ALA D 4 42.15 4.43 11.40
CA ALA D 4 41.22 3.84 10.45
C ALA D 4 39.92 3.53 11.18
N LEU D 5 38.93 3.05 10.43
CA LEU D 5 37.57 2.95 10.93
C LEU D 5 37.04 1.53 10.84
N GLN D 6 35.76 1.40 11.19
CA GLN D 6 35.03 0.14 11.17
C GLN D 6 33.54 0.46 11.10
N MET D 7 32.77 -0.50 10.58
CA MET D 7 31.33 -0.30 10.38
C MET D 7 30.59 -0.86 11.60
N VAL D 8 30.47 -0.03 12.63
CA VAL D 8 29.66 -0.41 13.79
C VAL D 8 28.22 -0.57 13.36
N THR D 9 27.59 -1.67 13.80
CA THR D 9 26.22 -1.97 13.47
C THR D 9 25.40 -2.17 14.75
N VAL D 10 24.10 -1.97 14.64
CA VAL D 10 23.19 -1.99 15.78
C VAL D 10 22.06 -2.97 15.47
N GLY D 11 22.01 -4.06 16.22
CA GLY D 11 20.91 -5.01 16.08
C GLY D 11 19.56 -4.37 16.32
N HIS D 12 19.30 -3.94 17.56
CA HIS D 12 18.09 -3.24 17.93
C HIS D 12 18.46 -1.96 18.66
N ASN D 13 17.43 -1.14 18.91
CA ASN D 13 17.61 0.22 19.42
C ASN D 13 18.39 1.08 18.45
N ILE D 14 18.50 0.66 17.19
CA ILE D 14 19.21 1.44 16.18
C ILE D 14 18.52 2.78 15.96
N ALA D 15 17.19 2.80 16.05
CA ALA D 15 16.45 4.05 15.87
C ALA D 15 16.48 4.84 17.17
N LEU D 16 17.66 4.99 17.74
CA LEU D 16 17.89 5.79 18.94
C LEU D 16 19.05 6.75 18.78
N ILE D 17 19.93 6.53 17.81
CA ILE D 17 21.10 7.37 17.59
C ILE D 17 20.71 8.53 16.70
N GLN D 18 20.24 9.61 17.31
CA GLN D 18 19.90 10.79 16.54
C GLN D 18 21.07 11.78 16.53
N PRO D 19 21.30 12.49 15.43
CA PRO D 19 22.40 13.45 15.40
C PRO D 19 22.38 14.36 16.60
N GLY D 20 23.56 14.86 16.96
CA GLY D 20 23.73 15.66 18.15
C GLY D 20 23.81 14.87 19.43
N PHE D 21 23.75 13.55 19.36
CA PHE D 21 23.82 12.74 20.57
C PHE D 21 25.22 12.80 21.16
N SER D 22 25.30 13.10 22.45
CA SER D 22 26.57 13.05 23.16
C SER D 22 27.05 11.61 23.23
N LEU D 23 28.25 11.43 23.76
CA LEU D 23 28.79 10.10 24.05
C LEU D 23 29.66 10.24 25.29
N MET D 24 29.07 9.96 26.44
CA MET D 24 29.77 10.11 27.71
C MET D 24 30.84 9.04 27.84
N ASN D 25 31.95 9.38 28.51
CA ASN D 25 33.10 8.50 28.65
C ASN D 25 33.47 8.42 30.13
N PHE D 26 32.86 7.47 30.84
CA PHE D 26 33.11 7.27 32.27
C PHE D 26 34.04 6.06 32.42
N ASP D 27 35.27 6.33 32.86
CA ASP D 27 36.22 5.29 33.20
C ASP D 27 36.42 4.32 32.02
N GLY D 28 36.54 4.88 30.82
CA GLY D 28 36.66 4.05 29.64
C GLY D 28 35.31 3.53 29.17
N GLN D 29 34.51 3.03 30.10
CA GLN D 29 33.16 2.60 29.78
C GLN D 29 32.39 3.77 29.17
N VAL D 30 31.77 3.53 28.02
CA VAL D 30 31.17 4.59 27.22
C VAL D 30 29.65 4.46 27.29
N PHE D 31 28.97 5.61 27.17
CA PHE D 31 27.54 5.71 27.42
C PHE D 31 26.90 6.59 26.37
N PHE D 32 26.06 6.01 25.52
CA PHE D 32 25.23 6.82 24.63
C PHE D 32 24.39 7.78 25.47
N PHE D 33 24.10 8.93 24.89
CA PHE D 33 23.19 9.90 25.50
C PHE D 33 22.61 10.76 24.38
N GLY D 34 21.32 11.07 24.51
CA GLY D 34 20.62 11.80 23.47
C GLY D 34 19.82 10.90 22.57
N GLN D 35 19.07 9.97 23.17
CA GLN D 35 18.24 9.08 22.39
C GLN D 35 17.11 9.85 21.70
N LYS D 36 16.46 9.19 20.76
CA LYS D 36 15.60 9.89 19.83
C LYS D 36 14.42 10.58 20.50
N GLY D 37 13.44 9.81 20.97
CA GLY D 37 12.20 10.45 21.38
C GLY D 37 12.24 11.06 22.75
N TRP D 38 12.31 10.21 23.75
CA TRP D 38 12.30 10.57 25.15
C TRP D 38 12.56 9.28 25.91
N PRO D 39 12.63 9.31 27.22
CA PRO D 39 12.66 8.05 27.97
C PRO D 39 11.60 7.06 27.53
N LYS D 40 12.06 5.95 26.95
CA LYS D 40 11.22 4.82 26.62
C LYS D 40 11.49 3.70 27.63
N ARG D 41 10.44 3.13 28.20
CA ARG D 41 10.59 2.26 29.36
C ARG D 41 11.65 1.18 29.16
N SER D 42 12.04 0.88 27.92
CA SER D 42 13.24 0.08 27.72
C SER D 42 14.44 0.80 28.34
N CYS D 43 14.48 2.12 28.23
CA CYS D 43 15.41 2.97 28.95
C CYS D 43 14.65 4.17 29.48
N PRO D 44 14.23 4.13 30.74
CA PRO D 44 13.42 5.23 31.27
C PRO D 44 14.24 6.43 31.70
N THR D 45 15.50 6.50 31.28
CA THR D 45 16.36 7.64 31.57
C THR D 45 16.80 8.38 30.32
N GLY D 46 17.32 7.66 29.33
CA GLY D 46 17.86 8.26 28.12
C GLY D 46 19.25 7.75 27.86
N VAL D 47 20.01 7.54 28.94
CA VAL D 47 21.35 6.98 28.82
C VAL D 47 21.25 5.55 28.34
N PHE D 48 22.23 5.13 27.55
CA PHE D 48 22.27 3.78 26.99
C PHE D 48 23.67 3.21 27.15
N HIS D 49 23.77 2.14 27.92
CA HIS D 49 25.04 1.45 28.08
C HIS D 49 25.50 0.97 26.71
N PHE D 50 26.68 1.44 26.30
CA PHE D 50 27.10 1.44 24.89
C PHE D 50 28.07 0.28 24.67
N ASP D 51 27.51 -0.91 24.43
CA ASP D 51 28.30 -2.14 24.41
C ASP D 51 28.84 -2.37 23.02
N ILE D 52 30.09 -1.95 22.79
CA ILE D 52 30.81 -2.30 21.57
C ILE D 52 31.54 -3.61 21.83
N LYS D 53 31.20 -4.64 21.06
CA LYS D 53 31.86 -5.93 21.15
C LYS D 53 32.01 -6.49 19.73
N GLN D 54 33.19 -7.06 19.46
CA GLN D 54 33.54 -7.60 18.15
C GLN D 54 33.19 -6.63 17.03
N ASN D 55 33.26 -5.33 17.30
CA ASN D 55 33.03 -4.27 16.32
C ASN D 55 31.54 -4.14 16.00
N HIS D 56 30.75 -5.12 16.41
CA HIS D 56 29.30 -4.96 16.47
C HIS D 56 28.96 -4.06 17.66
N LEU D 57 27.85 -3.35 17.54
CA LEU D 57 27.35 -2.53 18.62
C LEU D 57 26.02 -3.07 19.12
N LYS D 58 25.87 -3.11 20.44
CA LYS D 58 24.60 -3.34 21.09
C LYS D 58 24.43 -2.25 22.14
N LEU D 59 23.20 -2.08 22.60
CA LEU D 59 22.88 -1.01 23.53
C LEU D 59 22.03 -1.55 24.67
N LYS D 60 22.70 -1.85 25.78
CA LYS D 60 21.96 -2.16 27.00
C LYS D 60 21.31 -0.88 27.52
N PRO D 61 20.24 -0.99 28.28
CA PRO D 61 19.73 0.19 28.96
C PRO D 61 20.71 0.68 30.02
N ALA D 62 20.34 1.73 30.74
CA ALA D 62 21.15 2.20 31.84
C ALA D 62 20.24 2.90 32.84
N ILE D 63 20.69 2.95 34.09
CA ILE D 63 19.84 3.36 35.20
C ILE D 63 20.48 4.58 35.86
N PHE D 64 19.66 5.28 36.63
CA PHE D 64 20.08 6.45 37.37
C PHE D 64 19.86 6.23 38.86
N SER D 65 20.66 6.90 39.68
CA SER D 65 20.49 6.78 41.12
C SER D 65 19.09 7.24 41.52
N LYS D 66 18.70 6.86 42.73
CA LYS D 66 17.45 7.35 43.28
C LYS D 66 17.51 8.86 43.46
N ASP D 67 18.67 9.38 43.85
CA ASP D 67 18.84 10.81 44.09
C ASP D 67 19.32 11.56 42.85
N SER D 68 19.08 11.03 41.66
CA SER D 68 19.43 11.70 40.42
C SER D 68 18.20 12.37 39.83
N CYS D 69 18.44 13.21 38.82
CA CYS D 69 17.38 13.89 38.08
C CYS D 69 17.35 13.31 36.68
N TYR D 70 16.43 12.39 36.44
CA TYR D 70 16.30 11.78 35.13
C TYR D 70 16.23 12.86 34.06
N LEU D 71 17.13 12.78 33.09
CA LEU D 71 17.28 13.89 32.19
C LEU D 71 16.73 13.56 30.82
N PRO D 72 16.36 14.57 30.04
CA PRO D 72 15.88 14.35 28.70
C PRO D 72 17.02 14.01 27.75
N PRO D 73 16.78 13.19 26.74
CA PRO D 73 17.86 12.88 25.81
C PRO D 73 18.22 14.08 24.97
N LEU D 74 19.39 14.65 25.25
CA LEU D 74 19.77 15.90 24.64
C LEU D 74 20.60 15.65 23.39
N ARG D 75 20.21 16.36 22.32
CA ARG D 75 20.91 16.28 21.01
C ARG D 75 21.56 17.64 20.73
N TYR D 76 22.87 17.68 20.46
CA TYR D 76 23.66 18.89 20.33
C TYR D 76 23.71 19.68 21.65
N PRO D 77 23.99 19.01 22.77
CA PRO D 77 24.16 19.73 24.03
C PRO D 77 25.58 20.22 24.23
N ALA D 78 25.74 21.05 25.26
CA ALA D 78 27.05 21.50 25.69
C ALA D 78 27.55 20.52 26.75
N THR D 79 28.41 19.59 26.34
CA THR D 79 28.85 18.48 27.18
C THR D 79 30.32 18.66 27.56
N CYS D 80 30.75 17.91 28.57
CA CYS D 80 32.15 17.94 28.97
C CYS D 80 32.51 16.58 29.56
N SER D 81 33.74 16.46 30.06
CA SER D 81 34.20 15.26 30.76
C SER D 81 35.34 15.63 31.69
N TYR D 82 35.09 15.75 32.99
CA TYR D 82 36.12 16.18 33.92
C TYR D 82 35.86 15.61 35.30
N LYS D 83 36.38 16.17 36.37
CA LYS D 83 36.65 15.73 37.72
C LYS D 83 37.18 16.89 38.56
N HIS D 91 34.98 11.55 35.29
CA HIS D 91 33.90 10.96 36.06
C HIS D 91 32.69 11.87 36.20
N GLN D 92 32.89 13.20 36.15
CA GLN D 92 31.79 14.18 36.37
C GLN D 92 31.54 15.02 35.12
N TYR D 93 30.38 14.90 34.50
CA TYR D 93 30.02 15.62 33.29
C TYR D 93 29.30 16.92 33.63
N ILE D 94 29.19 17.77 32.61
CA ILE D 94 28.30 18.91 32.60
C ILE D 94 27.57 18.90 31.27
N ILE D 95 26.28 19.15 31.29
CA ILE D 95 25.46 19.10 30.08
C ILE D 95 24.47 20.26 30.15
N HIS D 96 24.64 21.22 29.26
CA HIS D 96 23.79 22.40 29.19
C HIS D 96 23.04 22.40 27.87
N GLY D 97 21.90 23.08 27.84
CA GLY D 97 21.14 23.20 26.62
C GLY D 97 20.51 21.90 26.20
N GLY D 98 20.92 21.39 25.03
CA GLY D 98 20.55 20.07 24.58
C GLY D 98 19.38 20.01 23.61
N LYS D 99 18.52 21.02 23.58
CA LYS D 99 17.37 21.00 22.69
C LYS D 99 16.47 19.79 22.98
N THR D 100 15.88 19.83 24.17
CA THR D 100 14.97 18.77 24.60
C THR D 100 14.10 18.31 23.43
N PRO D 101 13.86 17.01 23.30
CA PRO D 101 13.03 16.53 22.18
C PRO D 101 11.63 17.11 22.13
N ASN D 102 11.29 17.97 23.09
CA ASN D 102 10.18 18.90 22.92
C ASN D 102 10.63 20.20 22.28
N ASN D 103 11.77 20.18 21.61
CA ASN D 103 12.40 21.35 21.02
C ASN D 103 12.28 22.56 21.94
N GLU D 104 12.77 22.38 23.15
CA GLU D 104 12.98 23.47 24.09
C GLU D 104 14.42 23.40 24.57
N LEU D 105 15.06 24.55 24.70
CA LEU D 105 16.43 24.61 25.19
C LEU D 105 16.42 24.64 26.71
N SER D 106 17.44 24.05 27.32
CA SER D 106 17.43 23.87 28.76
C SER D 106 18.48 24.75 29.41
N ASP D 107 18.04 25.75 30.15
CA ASP D 107 18.90 26.44 31.10
C ASP D 107 19.43 25.50 32.17
N LYS D 108 18.84 24.33 32.32
CA LYS D 108 19.25 23.37 33.32
C LYS D 108 20.59 22.75 32.92
N ILE D 109 21.50 22.71 33.88
CA ILE D 109 22.80 22.08 33.71
C ILE D 109 22.74 20.74 34.43
N TYR D 110 23.26 19.70 33.77
CA TYR D 110 23.11 18.33 34.20
C TYR D 110 24.50 17.78 34.48
N ILE D 111 24.79 17.54 35.77
CA ILE D 111 26.08 17.02 36.21
C ILE D 111 26.01 15.51 36.34
N MET D 112 26.35 14.80 35.28
CA MET D 112 26.23 13.35 35.26
C MET D 112 27.51 12.71 35.79
N SER D 113 27.37 11.94 36.86
CA SER D 113 28.45 11.15 37.42
C SER D 113 28.17 9.67 37.18
N VAL D 114 29.02 8.81 37.71
CA VAL D 114 28.77 7.38 37.77
C VAL D 114 28.75 6.99 39.24
N ALA D 115 27.57 6.65 39.75
CA ALA D 115 27.39 6.50 41.18
C ALA D 115 28.00 5.20 41.69
N CYS D 116 27.47 4.06 41.24
CA CYS D 116 27.89 2.77 41.76
C CYS D 116 27.95 1.79 40.60
N LYS D 117 29.12 1.64 40.00
CA LYS D 117 29.33 0.59 39.00
C LYS D 117 29.50 -0.74 39.73
N ASN D 118 28.38 -1.33 40.13
CA ASN D 118 28.37 -2.55 40.94
C ASN D 118 27.58 -3.62 40.21
N ASN D 119 28.11 -4.84 40.18
CA ASN D 119 27.46 -5.98 39.55
C ASN D 119 27.46 -5.83 38.03
N LYS D 120 28.58 -5.34 37.49
CA LYS D 120 28.79 -5.21 36.05
C LYS D 120 27.61 -4.49 35.40
N LYS D 121 27.37 -3.27 35.88
CA LYS D 121 26.33 -2.40 35.36
C LYS D 121 26.71 -0.98 35.72
N VAL D 122 25.77 -0.03 35.60
CA VAL D 122 26.06 1.36 35.90
C VAL D 122 24.83 2.02 36.51
N THR D 123 25.06 3.16 37.15
CA THR D 123 24.02 4.02 37.67
C THR D 123 24.64 5.38 37.96
N PHE D 124 23.93 6.44 37.59
CA PHE D 124 24.48 7.77 37.56
C PHE D 124 23.80 8.66 38.59
N ARG D 125 24.36 9.86 38.75
CA ARG D 125 23.77 10.91 39.59
C ARG D 125 23.75 12.17 38.73
N CYS D 126 22.69 12.32 37.94
CA CYS D 126 22.55 13.45 37.02
C CYS D 126 21.90 14.63 37.74
N THR D 127 22.67 15.25 38.62
CA THR D 127 22.17 16.36 39.41
C THR D 127 22.11 17.63 38.59
N GLU D 128 21.08 18.43 38.85
CA GLU D 128 20.92 19.73 38.21
C GLU D 128 21.78 20.75 38.95
N LYS D 129 21.58 22.03 38.67
CA LYS D 129 22.35 23.05 39.35
C LYS D 129 21.66 24.40 39.21
N ASP D 130 21.88 25.25 40.21
CA ASP D 130 21.33 26.59 40.27
C ASP D 130 22.43 27.60 40.00
N LEU D 131 22.14 28.57 39.13
CA LEU D 131 23.16 29.42 38.51
C LEU D 131 22.87 30.88 38.86
N VAL D 132 23.41 31.32 40.00
CA VAL D 132 23.22 32.69 40.43
C VAL D 132 24.05 33.61 39.54
N GLY D 133 23.71 34.90 39.55
CA GLY D 133 24.43 35.89 38.78
C GLY D 133 23.92 36.00 37.35
N ASP D 134 24.82 36.35 36.42
CA ASP D 134 24.47 36.44 35.01
C ASP D 134 24.35 35.03 34.44
N VAL D 135 23.16 34.45 34.64
CA VAL D 135 22.92 33.09 34.16
C VAL D 135 23.23 33.02 32.67
N PRO D 136 23.65 31.88 32.14
CA PRO D 136 23.76 31.75 30.68
C PRO D 136 22.41 31.39 30.09
N GLU D 137 22.11 31.99 28.94
CA GLU D 137 20.84 31.77 28.28
C GLU D 137 20.63 30.27 28.04
N PRO D 138 19.39 29.84 27.79
CA PRO D 138 19.19 28.49 27.27
C PRO D 138 19.81 28.31 25.90
N ARG D 139 20.83 27.47 25.81
CA ARG D 139 21.66 27.38 24.61
C ARG D 139 21.72 25.96 24.08
N TYR D 140 22.51 25.77 23.04
CA TYR D 140 22.94 24.45 22.59
C TYR D 140 23.99 24.63 21.50
N GLY D 141 24.49 23.50 21.01
CA GLY D 141 25.52 23.49 19.99
C GLY D 141 26.92 23.60 20.56
N HIS D 142 27.07 24.51 21.52
CA HIS D 142 28.36 24.79 22.14
C HIS D 142 28.85 23.61 22.98
N SER D 143 29.99 23.78 23.65
CA SER D 143 30.58 22.73 24.49
C SER D 143 31.19 23.38 25.72
N ILE D 144 30.65 23.03 26.90
CA ILE D 144 31.20 23.49 28.16
C ILE D 144 32.45 22.68 28.49
N ASP D 145 33.41 23.30 29.17
CA ASP D 145 34.64 22.62 29.55
C ASP D 145 35.26 23.30 30.76
N VAL D 146 35.68 22.51 31.73
CA VAL D 146 36.29 23.06 32.94
C VAL D 146 37.75 23.36 32.67
N VAL D 147 38.28 24.32 33.42
CA VAL D 147 39.68 24.73 33.31
C VAL D 147 40.39 24.29 34.58
N TYR D 148 41.26 23.30 34.45
CA TYR D 148 42.08 22.83 35.56
C TYR D 148 43.21 23.83 35.78
N SER D 149 42.90 24.90 36.50
CA SER D 149 43.86 25.97 36.77
C SER D 149 43.93 26.18 38.28
N ARG D 150 45.14 26.08 38.83
CA ARG D 150 45.38 26.24 40.27
C ARG D 150 44.42 25.41 41.10
N GLY D 151 43.98 24.26 40.59
CA GLY D 151 43.08 23.40 41.31
C GLY D 151 41.76 24.03 41.71
N LYS D 152 41.33 25.07 41.00
CA LYS D 152 40.08 25.75 41.28
C LYS D 152 39.09 25.47 40.16
N SER D 153 37.92 24.95 40.53
CA SER D 153 36.91 24.54 39.55
C SER D 153 36.31 25.76 38.88
N MET D 154 36.40 25.82 37.55
CA MET D 154 35.79 26.88 36.77
C MET D 154 35.50 26.33 35.38
N GLY D 155 34.37 26.74 34.81
CA GLY D 155 33.91 26.18 33.56
C GLY D 155 33.64 27.25 32.52
N VAL D 156 34.16 27.02 31.32
CA VAL D 156 34.00 27.92 30.20
C VAL D 156 32.90 27.39 29.30
N LEU D 157 32.04 28.30 28.84
CA LEU D 157 30.87 27.99 28.04
C LEU D 157 30.87 28.98 26.89
N PHE D 158 31.47 28.60 25.76
CA PHE D 158 31.48 29.46 24.58
C PHE D 158 30.11 29.40 23.95
N GLY D 159 29.32 30.45 24.19
CA GLY D 159 27.96 30.51 23.72
C GLY D 159 27.73 30.00 22.31
N GLY D 160 26.86 29.00 22.19
CA GLY D 160 26.53 28.44 20.91
C GLY D 160 25.30 29.10 20.32
N ARG D 161 24.47 28.34 19.62
CA ARG D 161 23.29 28.88 18.99
C ARG D 161 22.05 28.51 19.78
N SER D 162 21.04 29.38 19.73
CA SER D 162 19.87 29.26 20.57
C SER D 162 18.79 30.20 20.02
N TYR D 163 17.72 30.37 20.80
CA TYR D 163 16.60 31.21 20.43
C TYR D 163 16.62 32.50 21.22
N MET D 164 15.98 33.52 20.68
CA MET D 164 15.97 34.84 21.29
C MET D 164 15.18 34.82 22.60
N PRO D 165 15.29 35.87 23.39
CA PRO D 165 14.40 36.00 24.55
C PRO D 165 12.97 36.24 24.09
N SER D 166 12.03 35.75 24.89
CA SER D 166 10.62 35.83 24.52
C SER D 166 10.19 37.26 24.23
N THR D 167 10.96 38.25 24.69
CA THR D 167 10.65 39.65 24.40
C THR D 167 10.90 39.97 22.93
N GLN D 168 11.44 39.01 22.18
CA GLN D 168 11.76 39.21 20.77
C GLN D 168 11.34 38.07 19.87
N ARG D 169 10.94 36.93 20.42
CA ARG D 169 10.66 35.76 19.60
C ARG D 169 9.31 35.90 18.90
N THR D 170 9.10 35.08 17.88
CA THR D 170 7.91 35.14 17.05
C THR D 170 7.61 33.76 16.49
N THR D 171 6.31 33.46 16.38
CA THR D 171 5.87 32.14 15.95
C THR D 171 6.14 31.88 14.48
N GLU D 172 6.06 32.90 13.63
CA GLU D 172 6.36 32.71 12.22
C GLU D 172 7.70 32.00 12.03
N LYS D 173 8.65 32.30 12.91
CA LYS D 173 9.94 31.61 12.96
C LYS D 173 10.26 31.25 14.39
N TRP D 174 9.30 30.63 15.07
CA TRP D 174 9.47 30.19 16.46
C TRP D 174 10.79 29.49 16.68
N ASN D 175 11.27 28.75 15.67
CA ASN D 175 12.53 28.03 15.77
C ASN D 175 13.66 28.78 15.09
N SER D 176 13.52 30.09 14.92
CA SER D 176 14.63 30.91 14.45
C SER D 176 15.73 30.86 15.50
N VAL D 177 16.79 30.13 15.20
CA VAL D 177 17.92 29.98 16.11
C VAL D 177 18.96 31.01 15.71
N ALA D 178 19.27 31.92 16.62
CA ALA D 178 20.24 32.98 16.38
C ALA D 178 21.41 32.79 17.34
N ASP D 179 22.60 32.67 16.78
CA ASP D 179 23.79 32.45 17.59
C ASP D 179 23.78 33.35 18.82
N CYS D 180 23.94 32.74 19.98
CA CYS D 180 23.87 33.48 21.23
C CYS D 180 24.93 34.56 21.27
N LEU D 181 24.81 35.43 22.26
CA LEU D 181 25.75 36.54 22.37
C LEU D 181 27.17 36.00 22.51
N PRO D 182 28.13 36.55 21.77
CA PRO D 182 29.50 36.03 21.85
C PRO D 182 30.13 36.27 23.21
N HIS D 183 30.40 35.18 23.93
CA HIS D 183 30.93 35.24 25.29
C HIS D 183 31.86 34.06 25.51
N VAL D 184 32.37 33.99 26.73
CA VAL D 184 32.87 32.75 27.30
C VAL D 184 32.32 32.72 28.72
N PHE D 185 31.09 32.25 28.86
CA PHE D 185 30.43 32.23 30.17
C PHE D 185 31.26 31.40 31.15
N LEU D 186 31.34 31.87 32.38
CA LEU D 186 32.15 31.25 33.42
C LEU D 186 31.21 30.76 34.51
N ILE D 187 31.29 29.47 34.83
CA ILE D 187 30.37 28.84 35.77
C ILE D 187 31.15 28.06 36.81
N ASP D 188 30.78 28.23 38.08
CA ASP D 188 31.38 27.48 39.17
C ASP D 188 30.73 26.10 39.28
N PHE D 189 31.39 25.21 40.03
CA PHE D 189 30.88 23.87 40.26
C PHE D 189 30.97 23.43 41.70
N GLU D 190 31.56 24.24 42.59
CA GLU D 190 31.34 24.10 44.01
C GLU D 190 30.20 24.99 44.50
N PHE D 191 29.78 25.94 43.67
CA PHE D 191 28.59 26.76 43.89
C PHE D 191 27.47 26.43 42.92
N GLY D 192 27.81 26.20 41.65
CA GLY D 192 26.83 26.21 40.58
C GLY D 192 26.51 27.58 40.05
N CYS D 193 26.88 28.64 40.78
CA CYS D 193 26.66 30.01 40.33
C CYS D 193 27.70 30.38 39.28
N ALA D 194 27.28 31.12 38.27
CA ALA D 194 28.13 31.42 37.13
C ALA D 194 28.26 32.92 36.91
N THR D 195 29.30 33.28 36.15
CA THR D 195 29.52 34.64 35.71
C THR D 195 29.87 34.60 34.22
N SER D 196 30.07 35.78 33.65
CA SER D 196 30.46 35.88 32.26
C SER D 196 30.85 37.32 31.97
N TYR D 197 31.44 37.53 30.80
CA TYR D 197 31.99 38.83 30.46
C TYR D 197 31.85 39.06 28.97
N ILE D 198 31.37 40.25 28.61
CA ILE D 198 31.26 40.61 27.20
C ILE D 198 32.68 40.92 26.75
N LEU D 199 33.31 39.94 26.12
CA LEU D 199 34.72 40.05 25.84
C LEU D 199 34.96 41.14 24.79
N PRO D 200 35.98 41.99 24.99
CA PRO D 200 36.37 42.91 23.90
C PRO D 200 36.97 42.18 22.71
N GLU D 201 37.19 40.87 22.80
CA GLU D 201 37.88 40.09 21.79
C GLU D 201 36.98 39.05 21.14
N LEU D 202 36.10 38.40 21.90
CA LEU D 202 35.16 37.43 21.36
C LEU D 202 33.93 38.19 20.87
N GLN D 203 34.02 38.65 19.62
CA GLN D 203 32.95 39.44 19.02
C GLN D 203 32.40 38.72 17.81
N ASP D 204 32.17 37.42 17.94
CA ASP D 204 31.57 36.62 16.89
C ASP D 204 30.72 35.53 17.53
N GLY D 205 29.43 35.54 17.19
CA GLY D 205 28.48 34.63 17.79
C GLY D 205 28.54 33.26 17.13
N LEU D 206 29.54 32.47 17.52
CA LEU D 206 29.77 31.18 16.90
C LEU D 206 29.09 30.08 17.70
N SER D 207 28.70 29.00 17.02
CA SER D 207 28.16 27.81 17.65
C SER D 207 28.72 26.58 16.95
N PHE D 208 28.65 25.46 17.65
CA PHE D 208 29.05 24.15 17.16
C PHE D 208 30.55 24.03 16.95
N HIS D 209 31.32 24.94 17.56
CA HIS D 209 32.76 24.79 17.69
C HIS D 209 33.09 23.43 18.27
N VAL D 210 34.32 22.98 18.13
CA VAL D 210 34.82 21.82 18.86
C VAL D 210 35.89 22.37 19.80
N SER D 211 35.46 22.76 20.98
CA SER D 211 36.32 23.36 21.99
C SER D 211 37.24 22.29 22.56
N ILE D 212 38.52 22.36 22.24
CA ILE D 212 39.49 21.42 22.79
C ILE D 212 39.96 21.96 24.13
N ALA D 213 40.05 21.09 25.11
CA ALA D 213 40.25 21.52 26.49
C ALA D 213 41.72 21.47 26.86
N ARG D 214 42.03 22.14 27.96
CA ARG D 214 43.37 22.23 28.49
C ARG D 214 43.26 22.65 29.95
N ASN D 215 44.39 22.95 30.58
CA ASN D 215 44.36 23.47 31.94
C ASN D 215 43.58 24.79 32.00
N ASP D 216 43.94 25.74 31.17
CA ASP D 216 43.23 27.00 31.03
C ASP D 216 43.06 27.43 29.58
N THR D 217 43.93 26.97 28.68
CA THR D 217 43.97 27.48 27.32
C THR D 217 43.07 26.63 26.41
N VAL D 218 41.82 26.49 26.84
CA VAL D 218 40.81 25.87 25.99
C VAL D 218 40.77 26.62 24.66
N TYR D 219 40.92 25.88 23.57
CA TYR D 219 41.05 26.48 22.25
C TYR D 219 39.81 26.16 21.43
N ILE D 220 39.17 27.21 20.93
CA ILE D 220 37.84 27.10 20.32
C ILE D 220 38.07 26.90 18.82
N LEU D 221 38.23 25.64 18.44
CA LEU D 221 38.44 25.33 17.03
C LEU D 221 37.12 25.37 16.26
N GLY D 222 37.17 26.04 15.11
CA GLY D 222 36.11 26.04 14.13
C GLY D 222 34.71 26.30 14.67
N GLY D 223 33.71 25.91 13.90
CA GLY D 223 32.32 26.13 14.21
C GLY D 223 31.57 26.58 12.97
N HIS D 224 30.34 27.04 13.18
CA HIS D 224 29.51 27.58 12.10
C HIS D 224 28.66 28.70 12.69
N SER D 225 29.15 29.93 12.54
CA SER D 225 28.45 31.10 13.05
C SER D 225 27.36 31.49 12.07
N LEU D 226 26.12 31.09 12.35
CA LEU D 226 25.00 31.47 11.51
C LEU D 226 24.83 32.98 11.41
N ALA D 227 25.48 33.76 12.28
CA ALA D 227 25.37 35.21 12.22
C ALA D 227 25.55 35.72 10.80
N SER D 228 26.38 35.05 10.00
CA SER D 228 26.42 35.33 8.56
C SER D 228 26.51 34.04 7.74
N ASN D 229 26.07 32.91 8.30
CA ASN D 229 26.19 31.61 7.65
C ASN D 229 27.62 31.38 7.17
N ILE D 230 28.54 31.34 8.13
CA ILE D 230 29.97 31.26 7.86
C ILE D 230 30.59 30.20 8.75
N ARG D 231 31.66 29.58 8.25
CA ARG D 231 32.44 28.61 9.01
C ARG D 231 33.79 29.22 9.32
N PRO D 232 33.89 30.06 10.33
CA PRO D 232 35.18 30.72 10.57
C PRO D 232 36.21 29.73 11.07
N ALA D 233 37.10 29.31 10.16
CA ALA D 233 38.28 28.57 10.57
C ALA D 233 39.16 29.51 11.39
N ASN D 234 39.24 29.28 12.69
CA ASN D 234 39.85 30.23 13.60
C ASN D 234 40.03 29.56 14.95
N LEU D 235 40.45 30.34 15.94
CA LEU D 235 40.62 29.86 17.29
C LEU D 235 40.36 31.03 18.23
N TYR D 236 40.62 30.82 19.51
CA TYR D 236 40.41 31.82 20.54
C TYR D 236 41.07 31.31 21.81
N ARG D 237 41.67 32.22 22.56
CA ARG D 237 42.35 31.89 23.81
C ARG D 237 41.50 32.38 24.97
N ILE D 238 41.53 31.63 26.07
CA ILE D 238 40.72 31.92 27.23
C ILE D 238 41.59 31.68 28.45
N ARG D 239 41.89 32.74 29.18
CA ARG D 239 42.83 32.70 30.30
C ARG D 239 42.06 33.03 31.57
N VAL D 240 41.49 31.99 32.18
CA VAL D 240 40.68 32.15 33.38
C VAL D 240 41.64 32.50 34.52
N ASP D 241 41.68 33.77 34.89
CA ASP D 241 42.34 34.23 36.12
C ASP D 241 41.38 33.98 37.26
N LEU D 242 41.59 32.91 38.02
CA LEU D 242 40.61 32.41 38.99
C LEU D 242 41.17 32.38 40.42
N PRO D 243 41.69 33.51 40.93
CA PRO D 243 41.91 33.59 42.37
C PRO D 243 40.60 33.45 43.11
N LEU D 244 40.64 33.35 44.44
CA LEU D 244 39.39 33.35 45.20
C LEU D 244 38.53 34.56 44.87
N GLY D 245 39.15 35.67 44.46
CA GLY D 245 38.44 36.75 43.82
C GLY D 245 38.85 36.85 42.37
N THR D 246 37.94 36.49 41.46
CA THR D 246 38.29 36.31 40.06
C THR D 246 38.24 37.64 39.32
N PRO D 247 39.35 38.13 38.77
CA PRO D 247 39.30 39.32 37.90
C PRO D 247 38.94 38.93 36.47
N ALA D 248 38.97 39.92 35.59
CA ALA D 248 38.47 39.75 34.24
C ALA D 248 39.47 38.98 33.37
N VAL D 249 38.96 37.97 32.65
CA VAL D 249 39.82 37.15 31.79
C VAL D 249 40.36 37.98 30.65
N ASN D 250 41.46 37.50 30.05
CA ASN D 250 41.97 38.00 28.80
C ASN D 250 41.86 36.94 27.72
N CYS D 251 41.74 37.40 26.47
CA CYS D 251 41.75 36.53 25.31
C CYS D 251 42.90 36.92 24.41
N THR D 252 43.30 35.98 23.55
CA THR D 252 44.38 36.19 22.59
C THR D 252 44.04 35.34 21.37
N VAL D 253 43.40 35.94 20.38
CA VAL D 253 43.03 35.20 19.18
C VAL D 253 44.28 34.62 18.55
N LEU D 254 44.12 33.49 17.87
CA LEU D 254 45.24 32.82 17.24
C LEU D 254 44.84 32.29 15.88
N PRO D 255 45.80 32.09 14.99
CA PRO D 255 45.51 31.44 13.71
C PRO D 255 45.63 29.93 13.80
N GLY D 256 45.47 29.24 12.67
CA GLY D 256 45.57 27.81 12.60
C GLY D 256 44.24 27.09 12.57
N GLY D 257 43.19 27.70 13.13
CA GLY D 257 41.87 27.10 13.14
C GLY D 257 41.46 26.60 11.77
N ILE D 258 41.04 25.35 11.70
CA ILE D 258 40.56 24.75 10.47
C ILE D 258 39.05 24.92 10.41
N SER D 259 38.48 24.85 9.20
CA SER D 259 37.06 25.10 8.98
C SER D 259 36.28 23.83 9.31
N VAL D 260 35.59 23.85 10.45
CA VAL D 260 34.70 22.77 10.86
C VAL D 260 33.42 23.39 11.38
N SER D 261 32.28 22.88 10.91
CA SER D 261 31.00 23.40 11.39
C SER D 261 30.64 22.77 12.73
N SER D 262 30.49 21.44 12.75
CA SER D 262 30.16 20.68 13.95
C SER D 262 30.94 19.39 13.85
N ALA D 263 32.14 19.37 14.42
CA ALA D 263 33.05 18.24 14.29
C ALA D 263 33.12 17.48 15.61
N ILE D 264 33.97 16.47 15.67
CA ILE D 264 34.09 15.62 16.85
C ILE D 264 35.47 15.80 17.45
N LEU D 265 35.51 16.27 18.68
CA LEU D 265 36.74 16.29 19.47
C LEU D 265 37.15 14.86 19.81
N THR D 266 38.42 14.69 20.17
CA THR D 266 38.85 13.42 20.72
C THR D 266 40.23 13.54 21.35
N GLN D 267 40.39 13.05 22.57
CA GLN D 267 41.69 13.07 23.22
C GLN D 267 42.48 11.83 22.81
N THR D 268 43.72 11.67 23.26
CA THR D 268 44.46 10.38 23.06
C THR D 268 45.22 10.12 24.35
N ASN D 269 44.63 10.45 25.52
CA ASN D 269 45.25 10.35 26.84
C ASN D 269 46.47 11.26 26.95
N ASN D 270 46.41 12.41 26.27
CA ASN D 270 47.52 13.35 26.22
C ASN D 270 46.96 14.69 25.77
N ASP D 271 47.85 15.62 25.43
CA ASP D 271 47.46 16.88 24.82
C ASP D 271 47.43 16.81 23.31
N GLU D 272 47.43 15.60 22.75
CA GLU D 272 47.34 15.38 21.30
C GLU D 272 45.91 14.99 20.98
N PHE D 273 45.05 15.98 20.86
CA PHE D 273 43.67 15.75 20.46
C PHE D 273 43.57 15.68 18.95
N VAL D 274 42.71 14.79 18.47
CA VAL D 274 42.35 14.72 17.07
C VAL D 274 40.95 15.28 16.92
N ILE D 275 40.71 15.96 15.80
CA ILE D 275 39.44 16.61 15.52
C ILE D 275 38.95 15.99 14.22
N VAL D 276 38.00 15.08 14.31
CA VAL D 276 37.54 14.40 13.10
C VAL D 276 36.28 15.08 12.59
N GLY D 277 35.95 14.78 11.34
CA GLY D 277 35.18 15.67 10.49
C GLY D 277 33.88 16.22 11.03
N GLY D 278 33.75 17.53 10.95
CA GLY D 278 32.48 18.20 11.10
C GLY D 278 31.97 18.51 9.70
N TYR D 279 32.07 19.76 9.27
CA TYR D 279 31.67 20.14 7.93
C TYR D 279 32.47 21.36 7.50
N GLN D 280 33.21 21.22 6.39
CA GLN D 280 33.82 22.39 5.78
C GLN D 280 32.78 23.21 5.02
N LEU D 281 31.68 22.57 4.62
CA LEU D 281 30.62 23.22 3.88
C LEU D 281 29.32 22.51 4.16
N GLU D 282 28.22 23.25 4.01
CA GLU D 282 26.89 22.68 4.21
C GLU D 282 26.72 21.38 3.44
N ASN D 283 26.98 21.43 2.14
CA ASN D 283 26.78 20.29 1.26
C ASN D 283 28.08 19.60 0.87
N GLN D 284 29.22 20.12 1.31
CA GLN D 284 30.52 19.46 1.13
C GLN D 284 31.11 19.27 2.52
N LYS D 285 30.89 18.09 3.10
CA LYS D 285 31.30 17.86 4.47
C LYS D 285 32.82 17.72 4.53
N ARG D 286 33.32 17.75 5.76
CA ARG D 286 34.77 17.77 6.01
C ARG D 286 35.30 16.35 6.11
N MET D 287 35.62 15.78 4.94
CA MET D 287 36.19 14.45 4.88
C MET D 287 37.58 14.37 5.48
N VAL D 288 38.14 15.48 5.98
CA VAL D 288 39.50 15.46 6.51
C VAL D 288 39.47 15.46 8.03
N CYS D 289 40.37 14.67 8.62
CA CYS D 289 40.53 14.56 10.07
C CYS D 289 41.80 15.29 10.47
N SER D 290 41.68 16.59 10.73
CA SER D 290 42.82 17.34 11.23
C SER D 290 43.01 17.07 12.72
N LEU D 291 44.21 17.35 13.19
CA LEU D 291 44.62 17.07 14.56
C LEU D 291 44.95 18.36 15.28
N VAL D 292 45.42 18.22 16.52
CA VAL D 292 46.08 19.28 17.26
C VAL D 292 47.12 18.64 18.17
N SER D 293 47.96 19.49 18.75
CA SER D 293 48.92 19.06 19.77
C SER D 293 49.21 20.29 20.62
N LEU D 294 48.57 20.38 21.77
CA LEU D 294 48.64 21.59 22.58
C LEU D 294 49.73 21.47 23.65
N GLY D 295 49.98 22.58 24.33
CA GLY D 295 50.90 22.61 25.45
C GLY D 295 50.37 23.48 26.55
N ASP D 296 51.20 24.41 27.04
CA ASP D 296 50.76 25.35 28.05
C ASP D 296 49.99 26.50 27.41
N ASN D 297 50.59 27.17 26.43
CA ASN D 297 49.93 28.24 25.70
C ASN D 297 50.17 28.10 24.20
N THR D 298 50.25 26.87 23.71
CA THR D 298 50.54 26.60 22.32
C THR D 298 49.47 25.69 21.73
N ILE D 299 49.42 25.66 20.40
CA ILE D 299 48.50 24.79 19.69
C ILE D 299 48.95 24.70 18.25
N GLU D 300 48.76 23.53 17.64
CA GLU D 300 49.02 23.33 16.23
C GLU D 300 47.91 22.47 15.64
N ILE D 301 48.10 22.10 14.38
CA ILE D 301 47.19 21.21 13.67
C ILE D 301 48.04 20.38 12.72
N SER D 302 47.95 19.06 12.84
CA SER D 302 48.67 18.13 11.98
C SER D 302 47.64 17.36 11.15
N GLU D 303 47.42 17.82 9.92
CA GLU D 303 46.45 17.15 9.06
C GLU D 303 46.83 15.69 8.87
N MET D 304 45.99 14.79 9.40
CA MET D 304 46.25 13.37 9.29
C MET D 304 45.65 12.82 8.01
N GLU D 305 46.24 11.74 7.50
CA GLU D 305 45.71 11.09 6.32
C GLU D 305 44.28 10.66 6.57
N THR D 306 43.35 11.21 5.81
CA THR D 306 41.94 10.87 5.98
C THR D 306 41.78 9.37 5.78
N PRO D 307 41.35 8.62 6.81
CA PRO D 307 41.20 7.17 6.65
C PRO D 307 40.47 6.82 5.36
N ASP D 308 41.12 6.05 4.50
CA ASP D 308 40.59 5.78 3.17
C ASP D 308 39.40 4.83 3.25
N TRP D 309 38.23 5.40 3.51
CA TRP D 309 36.96 4.66 3.57
C TRP D 309 36.49 4.29 2.18
N THR D 310 35.23 3.87 2.06
CA THR D 310 34.69 3.35 0.81
C THR D 310 33.66 4.32 0.23
N SER D 311 33.02 3.89 -0.86
CA SER D 311 32.16 4.77 -1.64
C SER D 311 31.05 5.43 -0.83
N ASP D 312 30.65 4.83 0.29
CA ASP D 312 29.41 5.25 0.94
C ASP D 312 29.57 6.58 1.68
N ILE D 313 30.45 6.62 2.68
CA ILE D 313 30.44 7.75 3.61
C ILE D 313 30.85 9.03 2.91
N LYS D 314 31.82 8.98 2.01
CA LYS D 314 32.15 10.16 1.23
C LYS D 314 30.89 10.77 0.62
N HIS D 315 30.03 9.95 0.03
CA HIS D 315 28.76 10.41 -0.53
C HIS D 315 27.66 10.07 0.46
N SER D 316 27.62 10.84 1.54
CA SER D 316 26.52 10.82 2.50
C SER D 316 25.92 12.20 2.76
N LYS D 317 26.68 13.26 2.56
CA LYS D 317 26.18 14.63 2.64
C LYS D 317 25.94 15.06 4.08
N ILE D 318 26.03 14.13 5.03
CA ILE D 318 25.88 14.43 6.45
C ILE D 318 26.49 13.28 7.24
N TRP D 319 27.04 13.61 8.41
CA TRP D 319 27.25 12.63 9.46
C TRP D 319 27.04 13.31 10.81
N PHE D 320 27.23 12.53 11.86
CA PHE D 320 26.95 13.01 13.20
C PHE D 320 27.51 12.04 14.21
N GLY D 321 28.11 12.57 15.27
CA GLY D 321 28.61 11.71 16.32
C GLY D 321 29.46 12.47 17.31
N SER D 322 30.24 11.70 18.06
CA SER D 322 31.11 12.27 19.07
C SER D 322 32.12 11.22 19.50
N ASN D 323 32.94 11.60 20.48
CA ASN D 323 34.02 10.76 20.94
C ASN D 323 33.47 9.55 21.68
N MET D 324 33.88 8.35 21.24
CA MET D 324 33.71 7.19 22.08
C MET D 324 34.43 7.35 23.41
N GLY D 325 35.31 8.33 23.51
CA GLY D 325 35.87 8.76 24.78
C GLY D 325 37.38 8.68 24.91
N ASN D 326 38.00 7.58 24.46
CA ASN D 326 39.43 7.43 24.67
C ASN D 326 40.24 8.13 23.58
N GLY D 327 40.21 7.59 22.37
CA GLY D 327 40.90 8.17 21.24
C GLY D 327 40.15 7.95 19.95
N THR D 328 38.90 7.54 20.08
CA THR D 328 38.12 7.02 18.97
C THR D 328 36.77 7.73 18.92
N ILE D 329 36.18 7.74 17.72
CA ILE D 329 34.99 8.54 17.44
C ILE D 329 33.90 7.65 16.87
N PHE D 330 32.73 7.69 17.47
CA PHE D 330 31.57 7.01 16.93
C PHE D 330 30.72 8.06 16.22
N LEU D 331 30.51 7.88 14.92
CA LEU D 331 29.67 8.76 14.15
C LEU D 331 28.97 7.96 13.07
N GLY D 332 27.88 8.50 12.57
CA GLY D 332 27.04 7.78 11.63
C GLY D 332 26.57 8.69 10.52
N ILE D 333 26.15 8.07 9.42
CA ILE D 333 25.68 8.75 8.23
C ILE D 333 24.26 8.30 7.93
N PRO D 334 23.40 9.15 7.38
CA PRO D 334 22.10 8.70 6.93
C PRO D 334 22.20 7.53 5.95
N GLY D 335 21.30 6.56 6.11
CA GLY D 335 21.29 5.36 5.29
C GLY D 335 19.91 4.95 4.85
N ASP D 336 19.07 5.91 4.51
CA ASP D 336 17.69 5.63 4.13
C ASP D 336 17.62 4.84 2.83
N ASN D 337 17.31 3.55 2.93
CA ASN D 337 17.16 2.68 1.76
C ASN D 337 15.74 2.16 1.61
N LYS D 338 15.22 1.46 2.62
CA LYS D 338 13.84 0.94 2.58
C LYS D 338 13.27 1.09 3.99
N GLN D 339 13.47 2.26 4.60
CA GLN D 339 12.98 2.50 5.95
C GLN D 339 11.46 2.67 5.91
N ALA D 340 10.98 3.47 4.96
CA ALA D 340 9.55 3.68 4.77
C ALA D 340 8.82 3.91 6.09
N SER D 342 13.74 -0.61 7.32
CA SER D 342 15.04 -1.26 7.30
C SER D 342 16.06 -0.45 8.09
N GLU D 343 17.22 -0.17 7.50
CA GLU D 343 18.25 0.58 8.18
C GLU D 343 17.84 2.03 8.35
N ALA D 344 17.98 2.55 9.57
CA ALA D 344 17.74 3.96 9.84
C ALA D 344 19.01 4.79 9.74
N PHE D 345 20.17 4.14 9.75
CA PHE D 345 21.44 4.83 9.65
C PHE D 345 22.48 3.84 9.17
N TYR D 346 23.70 4.33 8.96
CA TYR D 346 24.87 3.50 8.70
C TYR D 346 26.00 4.09 9.53
N PHE D 347 26.45 3.36 10.55
CA PHE D 347 27.36 3.93 11.53
C PHE D 347 28.78 3.49 11.27
N TYR D 348 29.71 4.15 11.95
CA TYR D 348 31.14 4.02 11.69
C TYR D 348 31.88 4.51 12.91
N THR D 349 32.78 3.68 13.42
CA THR D 349 33.68 4.09 14.48
C THR D 349 35.07 4.28 13.91
N LEU D 350 35.83 5.18 14.52
CA LEU D 350 37.15 5.57 14.05
C LEU D 350 38.14 5.36 15.19
N ARG D 351 39.02 4.38 15.04
CA ARG D 351 40.14 4.19 15.93
C ARG D 351 41.33 4.98 15.41
N CYS D 352 41.88 5.84 16.27
CA CYS D 352 43.04 6.64 15.93
C CYS D 352 44.29 6.00 16.53
N SER D 353 45.32 5.85 15.73
CA SER D 353 46.56 5.22 16.16
C SER D 353 46.33 3.75 16.51
ZN ZN K . 13.44 -13.52 -29.44
ZN ZN L . -7.96 6.64 33.41
#